data_2G67
#
_entry.id   2G67
#
_cell.length_a   81.610
_cell.length_b   140.630
_cell.length_c   81.910
_cell.angle_alpha   90.00
_cell.angle_beta   102.87
_cell.angle_gamma   90.00
#
_symmetry.space_group_name_H-M   'P 1 21 1'
#
loop_
_entity.id
_entity.type
_entity.pdbx_description
1 polymer 'Pyruvate dehydrogenase E1 component'
2 water water
#
_entity_poly.entity_id   1
_entity_poly.type   'polypeptide(L)'
_entity_poly.pdbx_seq_one_letter_code
;SERFPNDVDPIETRDWLQAIESVIREEGVERAQYLIDQLLAEARKGGVNVAAGTGISNYINTIPVEEQPEYPGNLELERR
IRSAIRWNAIMTVLRASKKDLELGGHMASFQSSATIYDVCFNHFFRARNEQDGGDLVYFQGHISPGVYARAFLEGRLTQE
QLDNFRQEVHGNGLSSYPHPKLMPEFWQFPTVSMGLGPIGAIYQAKFLKYLEHRGLKDTSKQTVYAFLGDGEMDEPESKG
AITIATREKLDNLVFVINCNLQRLDGPVTGNGKIINELEGIFEGAGWNVIKVMWGSRWDELLRKDTSGKLIQLMNETVDG
DYQTFKSKDGAYVREHFFGKYPETAALVADWTDEQIWALNRGGHDPKKIYAAFKKAQETKGKATVILAHTIKGYGMGDAA
EGKNIAHQVKKMNMDGVRHIRDRFNVPVSDADIEKLPYITFPEGSEEHTYLHAQRQKLHGYLPSRQPNFTEKLELPSLQD
FGALLEEQSKEISTTIAFVRALNVMLKNKSIKDRLVPIIADEARTFGMEGLFRQIGIYSPNGQQYTPQDREQVAYYKEDE
KGQILQEGINELGAGCSWLAAATSYSTNNLPMIPFYIYYSMFGFQRIGDLCWAAGDQQARGFLIGGTSGRTTLNGEGLQH
EDGHSHIQSLTIPNCISYDPAYAYEVAVIMHDGLERMYGEKQENVYYYITTLNENYHMPAMPEGAEEGIRKGIYKLETIE
GSKGKVQLLGSGSILRHVREAAEILAKDYGVGSDVYSVTSFTELARDGQDCERWNMLHPLETPRVPYIAQVMNDAPAVAS
TDYMKLFAEQVRTYVPADDYRVLGTDGFGRSDSRENLRHHFEVDASYVVVAALGELAKRGEIDKKVVADAIAKFNIDADK
VNPRLA
;
_entity_poly.pdbx_strand_id   A,B
#
# COMPACT_ATOMS: atom_id res chain seq x y z
N ILE A 56 28.03 9.71 -13.56
CA ILE A 56 27.77 8.52 -14.40
C ILE A 56 29.00 8.12 -15.24
N SER A 57 29.19 6.81 -15.39
CA SER A 57 30.32 6.29 -16.13
C SER A 57 30.00 6.01 -17.58
N ASN A 58 31.04 5.97 -18.41
CA ASN A 58 30.89 5.69 -19.82
C ASN A 58 29.94 4.53 -20.07
N TYR A 59 29.25 4.57 -21.19
CA TYR A 59 28.31 3.51 -21.54
C TYR A 59 29.03 2.26 -22.05
N ILE A 60 29.83 1.67 -21.17
CA ILE A 60 30.56 0.45 -21.46
C ILE A 60 30.67 -0.30 -20.15
N ASN A 61 31.28 -1.48 -20.18
CA ASN A 61 31.42 -2.27 -18.98
C ASN A 61 32.17 -1.62 -17.83
N THR A 62 31.69 -1.86 -16.62
CA THR A 62 32.35 -1.32 -15.44
C THR A 62 33.68 -2.06 -15.28
N ILE A 63 33.66 -3.38 -15.48
CA ILE A 63 34.88 -4.18 -15.35
C ILE A 63 35.52 -4.41 -16.72
N PRO A 64 36.62 -3.68 -17.02
CA PRO A 64 37.34 -3.78 -18.30
C PRO A 64 37.73 -5.23 -18.55
N VAL A 65 38.19 -5.55 -19.75
CA VAL A 65 38.56 -6.92 -20.02
C VAL A 65 39.85 -7.27 -19.25
N GLU A 66 40.73 -6.31 -19.11
CA GLU A 66 41.98 -6.54 -18.39
C GLU A 66 41.80 -6.84 -16.89
N GLU A 67 40.59 -6.60 -16.35
CA GLU A 67 40.30 -6.88 -14.95
C GLU A 67 39.30 -8.04 -14.80
N GLN A 68 38.88 -8.60 -15.94
CA GLN A 68 37.92 -9.70 -16.00
C GLN A 68 38.62 -11.00 -15.70
N PRO A 69 38.23 -11.70 -14.61
CA PRO A 69 38.91 -12.98 -14.31
C PRO A 69 38.53 -14.10 -15.26
N GLU A 70 39.35 -15.13 -15.32
CA GLU A 70 39.07 -16.26 -16.21
C GLU A 70 37.72 -16.86 -15.89
N TYR A 71 37.00 -17.29 -16.92
CA TYR A 71 35.71 -17.92 -16.71
C TYR A 71 36.02 -19.36 -16.30
N PRO A 72 35.55 -19.78 -15.11
CA PRO A 72 35.72 -21.11 -14.51
C PRO A 72 34.95 -22.31 -15.05
N GLY A 73 33.82 -22.08 -15.73
CA GLY A 73 33.03 -23.18 -16.24
C GLY A 73 33.32 -23.54 -17.69
N ASN A 74 32.67 -24.59 -18.15
CA ASN A 74 32.84 -25.08 -19.51
C ASN A 74 31.78 -24.41 -20.35
N LEU A 75 32.17 -23.41 -21.16
CA LEU A 75 31.25 -22.65 -22.00
C LEU A 75 30.36 -23.48 -22.92
N GLU A 76 31.00 -24.29 -23.75
CA GLU A 76 30.26 -25.11 -24.69
C GLU A 76 29.27 -26.07 -24.02
N LEU A 77 29.65 -26.66 -22.89
CA LEU A 77 28.79 -27.63 -22.21
C LEU A 77 27.66 -26.96 -21.42
N GLU A 78 27.88 -25.70 -21.06
CA GLU A 78 26.87 -24.93 -20.35
C GLU A 78 25.86 -24.43 -21.38
N ARG A 79 26.32 -24.18 -22.62
CA ARG A 79 25.41 -23.75 -23.68
C ARG A 79 24.42 -24.87 -24.05
N ARG A 80 24.89 -26.12 -24.10
CA ARG A 80 24.04 -27.28 -24.41
C ARG A 80 22.95 -27.44 -23.36
N ILE A 81 23.38 -27.40 -22.09
CA ILE A 81 22.48 -27.52 -20.94
C ILE A 81 21.42 -26.42 -20.92
N ARG A 82 21.88 -25.19 -21.10
CA ARG A 82 21.01 -24.02 -21.08
C ARG A 82 19.96 -24.12 -22.16
N SER A 83 20.42 -24.44 -23.37
CA SER A 83 19.56 -24.59 -24.53
C SER A 83 18.45 -25.60 -24.35
N ALA A 84 18.71 -26.65 -23.59
CA ALA A 84 17.69 -27.67 -23.31
C ALA A 84 16.74 -27.03 -22.28
N ILE A 85 17.31 -26.23 -21.38
CA ILE A 85 16.53 -25.53 -20.36
C ILE A 85 15.61 -24.55 -21.07
N ARG A 86 16.20 -23.81 -22.01
CA ARG A 86 15.47 -22.83 -22.80
C ARG A 86 14.33 -23.52 -23.51
N TRP A 87 14.62 -24.69 -24.08
CA TRP A 87 13.65 -25.47 -24.84
C TRP A 87 12.46 -25.97 -24.00
N ASN A 88 12.74 -26.60 -22.87
CA ASN A 88 11.67 -27.10 -22.00
C ASN A 88 10.75 -25.98 -21.44
N ALA A 89 11.30 -24.80 -21.20
CA ALA A 89 10.49 -23.68 -20.68
C ALA A 89 9.51 -23.22 -21.75
N ILE A 90 10.00 -23.21 -23.00
CA ILE A 90 9.17 -22.81 -24.11
C ILE A 90 8.11 -23.89 -24.34
N MET A 91 8.52 -25.15 -24.24
CA MET A 91 7.58 -26.24 -24.48
C MET A 91 6.44 -26.25 -23.47
N THR A 92 6.76 -25.89 -22.22
CA THR A 92 5.79 -25.85 -21.14
C THR A 92 4.64 -24.87 -21.43
N VAL A 93 5.01 -23.64 -21.80
CA VAL A 93 4.04 -22.59 -22.12
C VAL A 93 3.22 -22.99 -23.38
N LEU A 94 3.94 -23.31 -24.46
CA LEU A 94 3.26 -23.68 -25.69
C LEU A 94 2.29 -24.84 -25.47
N ARG A 95 2.69 -25.83 -24.68
CA ARG A 95 1.81 -26.97 -24.40
C ARG A 95 0.61 -26.51 -23.61
N ALA A 96 0.83 -25.53 -22.75
CA ALA A 96 -0.23 -24.98 -21.94
C ALA A 96 -1.22 -24.23 -22.82
N SER A 97 -0.70 -23.55 -23.85
CA SER A 97 -1.52 -22.79 -24.79
C SER A 97 -2.51 -23.70 -25.51
N LYS A 98 -2.01 -24.81 -26.03
CA LYS A 98 -2.84 -25.76 -26.77
C LYS A 98 -4.17 -26.11 -26.11
N LYS A 99 -4.17 -26.18 -24.79
CA LYS A 99 -5.39 -26.52 -24.05
C LYS A 99 -6.45 -25.50 -24.39
N ASP A 100 -6.01 -24.32 -24.78
CA ASP A 100 -6.91 -23.22 -25.13
C ASP A 100 -7.79 -22.84 -23.94
N LEU A 101 -7.18 -22.77 -22.76
CA LEU A 101 -7.90 -22.41 -21.53
C LEU A 101 -7.44 -21.07 -20.94
N GLU A 102 -6.89 -20.21 -21.81
CA GLU A 102 -6.43 -18.89 -21.40
C GLU A 102 -5.57 -19.04 -20.18
N LEU A 103 -4.65 -19.98 -20.19
CA LEU A 103 -3.83 -20.17 -19.01
C LEU A 103 -2.72 -19.16 -18.81
N GLY A 104 -2.17 -18.63 -19.90
CA GLY A 104 -1.09 -17.66 -19.77
C GLY A 104 0.29 -18.27 -19.60
N GLY A 105 1.26 -17.45 -19.18
CA GLY A 105 2.63 -17.91 -18.99
C GLY A 105 3.56 -17.16 -19.92
N HIS A 106 4.83 -17.02 -19.58
CA HIS A 106 5.78 -16.28 -20.42
C HIS A 106 6.94 -17.07 -21.04
N MET A 107 7.66 -16.42 -21.94
CA MET A 107 8.81 -17.01 -22.63
C MET A 107 9.93 -15.97 -22.82
N ALA A 108 9.58 -14.86 -23.49
CA ALA A 108 10.49 -13.77 -23.78
C ALA A 108 11.26 -13.28 -22.54
N SER A 109 10.56 -13.21 -21.42
CA SER A 109 11.16 -12.77 -20.17
C SER A 109 12.39 -13.63 -19.86
N PHE A 110 12.19 -14.94 -19.79
CA PHE A 110 13.27 -15.89 -19.50
C PHE A 110 14.31 -15.88 -20.59
N GLN A 111 13.86 -15.94 -21.84
CA GLN A 111 14.78 -15.93 -22.95
C GLN A 111 15.87 -14.85 -22.84
N SER A 112 15.49 -13.67 -22.37
CA SER A 112 16.45 -12.58 -22.29
C SER A 112 17.37 -12.60 -21.07
N SER A 113 17.11 -13.46 -20.09
CA SER A 113 17.94 -13.47 -18.89
C SER A 113 18.51 -14.84 -18.49
N ALA A 114 18.19 -15.88 -19.23
CA ALA A 114 18.65 -17.23 -18.88
C ALA A 114 20.13 -17.39 -18.58
N THR A 115 21.00 -16.78 -19.40
CA THR A 115 22.45 -16.89 -19.21
C THR A 115 22.86 -16.27 -17.87
N ILE A 116 22.14 -15.23 -17.48
CA ILE A 116 22.40 -14.56 -16.23
C ILE A 116 22.09 -15.50 -15.07
N TYR A 117 20.94 -16.16 -15.15
CA TYR A 117 20.51 -17.09 -14.12
C TYR A 117 21.39 -18.31 -14.22
N ASP A 118 21.70 -18.69 -15.45
CA ASP A 118 22.52 -19.85 -15.73
C ASP A 118 23.90 -19.75 -15.08
N VAL A 119 24.56 -18.61 -15.27
CA VAL A 119 25.87 -18.43 -14.65
C VAL A 119 25.70 -18.58 -13.15
N CYS A 120 24.61 -18.05 -12.59
CA CYS A 120 24.38 -18.17 -11.15
C CYS A 120 24.13 -19.59 -10.67
N PHE A 121 23.43 -20.40 -11.45
CA PHE A 121 23.16 -21.80 -11.06
C PHE A 121 24.40 -22.70 -11.22
N ASN A 122 25.35 -22.27 -12.05
CA ASN A 122 26.54 -23.06 -12.23
C ASN A 122 27.70 -22.64 -11.36
N HIS A 123 27.79 -21.35 -11.05
CA HIS A 123 28.90 -20.85 -10.27
C HIS A 123 28.57 -20.00 -9.04
N PHE A 124 27.31 -19.79 -8.69
CA PHE A 124 27.08 -18.94 -7.53
C PHE A 124 25.99 -19.33 -6.56
N PHE A 125 24.78 -19.60 -7.06
CA PHE A 125 23.68 -19.94 -6.16
C PHE A 125 23.99 -21.06 -5.20
N ARG A 126 24.00 -20.76 -3.91
CA ARG A 126 24.25 -21.75 -2.86
C ARG A 126 22.89 -22.31 -2.42
N ALA A 127 22.76 -23.63 -2.35
CA ALA A 127 21.50 -24.23 -1.91
C ALA A 127 21.48 -24.40 -0.40
N ARG A 128 20.29 -24.64 0.15
CA ARG A 128 20.18 -24.84 1.58
C ARG A 128 21.13 -25.98 1.98
N ASN A 129 21.83 -25.79 3.08
CA ASN A 129 22.77 -26.79 3.57
C ASN A 129 22.56 -26.88 5.06
N GLU A 130 23.50 -27.50 5.77
CA GLU A 130 23.40 -27.66 7.22
C GLU A 130 23.80 -26.41 8.02
N GLN A 131 24.73 -25.61 7.50
CA GLN A 131 25.16 -24.39 8.20
C GLN A 131 24.15 -23.26 8.04
N ASP A 132 23.56 -23.13 6.86
CA ASP A 132 22.62 -22.06 6.62
C ASP A 132 21.53 -22.35 5.58
N GLY A 133 20.66 -21.38 5.34
CA GLY A 133 19.58 -21.56 4.38
C GLY A 133 19.99 -21.29 2.95
N GLY A 134 21.29 -21.21 2.70
CA GLY A 134 21.83 -20.96 1.37
C GLY A 134 21.55 -19.54 0.96
N ASP A 135 21.77 -19.25 -0.33
CA ASP A 135 21.50 -17.92 -0.88
C ASP A 135 19.97 -17.76 -0.98
N LEU A 136 19.45 -16.57 -0.69
CA LEU A 136 18.00 -16.40 -0.76
C LEU A 136 17.70 -15.70 -2.08
N VAL A 137 17.19 -16.46 -3.03
CA VAL A 137 16.95 -15.91 -4.35
C VAL A 137 15.52 -15.50 -4.66
N TYR A 138 15.37 -14.21 -4.93
CA TYR A 138 14.09 -13.63 -5.27
C TYR A 138 14.04 -13.64 -6.79
N PHE A 139 13.69 -14.83 -7.31
CA PHE A 139 13.56 -15.08 -8.75
C PHE A 139 12.48 -14.20 -9.37
N GLN A 140 12.77 -13.69 -10.56
CA GLN A 140 11.81 -12.85 -11.26
C GLN A 140 10.59 -13.70 -11.59
N GLY A 141 9.46 -13.37 -10.96
CA GLY A 141 8.27 -14.15 -11.21
C GLY A 141 8.05 -14.73 -12.59
N HIS A 142 8.15 -13.92 -13.64
N HIS A 142 8.17 -13.91 -13.62
CA HIS A 142 7.90 -14.41 -15.00
CA HIS A 142 7.96 -14.29 -15.01
C HIS A 142 8.93 -15.36 -15.61
C HIS A 142 8.97 -15.26 -15.64
N ILE A 143 10.06 -15.57 -14.93
CA ILE A 143 11.06 -16.48 -15.45
C ILE A 143 10.82 -17.88 -14.88
N SER A 144 9.70 -18.04 -14.18
CA SER A 144 9.31 -19.29 -13.55
C SER A 144 9.31 -20.54 -14.46
N PRO A 145 8.79 -20.42 -15.69
CA PRO A 145 8.80 -21.60 -16.57
C PRO A 145 10.24 -22.06 -16.77
N GLY A 146 11.16 -21.08 -16.67
CA GLY A 146 12.58 -21.35 -16.80
C GLY A 146 13.10 -22.06 -15.57
N VAL A 147 12.69 -21.59 -14.38
CA VAL A 147 13.15 -22.29 -13.17
C VAL A 147 12.58 -23.71 -13.18
N TYR A 148 11.36 -23.85 -13.66
CA TYR A 148 10.75 -25.16 -13.75
C TYR A 148 11.49 -25.96 -14.80
N ALA A 149 11.81 -25.30 -15.92
CA ALA A 149 12.55 -25.93 -17.00
C ALA A 149 13.84 -26.60 -16.48
N ARG A 150 14.57 -25.90 -15.60
CA ARG A 150 15.80 -26.45 -15.03
C ARG A 150 15.50 -27.60 -14.04
N ALA A 151 14.71 -27.31 -13.00
CA ALA A 151 14.36 -28.33 -11.99
C ALA A 151 13.95 -29.67 -12.59
N PHE A 152 13.24 -29.63 -13.72
CA PHE A 152 12.79 -30.84 -14.42
C PHE A 152 14.02 -31.59 -14.94
N LEU A 153 14.95 -30.87 -15.55
CA LEU A 153 16.16 -31.46 -16.09
C LEU A 153 17.00 -31.97 -14.92
N GLU A 154 16.94 -31.30 -13.78
CA GLU A 154 17.71 -31.77 -12.64
C GLU A 154 16.94 -32.93 -12.01
N GLY A 155 15.88 -33.37 -12.70
CA GLY A 155 15.05 -34.47 -12.23
C GLY A 155 14.27 -34.23 -10.95
N ARG A 156 13.84 -33.00 -10.70
CA ARG A 156 13.08 -32.65 -9.50
C ARG A 156 11.59 -32.40 -9.72
N LEU A 157 11.20 -32.11 -10.94
CA LEU A 157 9.79 -31.90 -11.26
C LEU A 157 9.56 -32.85 -12.41
N THR A 158 8.43 -33.53 -12.41
CA THR A 158 8.13 -34.48 -13.47
C THR A 158 7.59 -33.81 -14.72
N GLN A 159 7.43 -34.64 -15.74
CA GLN A 159 6.91 -34.23 -17.02
C GLN A 159 5.41 -34.00 -16.86
N GLU A 160 4.77 -34.78 -15.98
CA GLU A 160 3.34 -34.64 -15.70
C GLU A 160 3.09 -33.29 -15.03
N GLN A 161 3.96 -32.94 -14.10
CA GLN A 161 3.85 -31.66 -13.41
C GLN A 161 4.03 -30.51 -14.39
N LEU A 162 5.00 -30.63 -15.30
CA LEU A 162 5.26 -29.62 -16.31
C LEU A 162 4.06 -29.49 -17.23
N ASP A 163 3.32 -30.59 -17.42
CA ASP A 163 2.12 -30.55 -18.27
C ASP A 163 0.95 -29.99 -17.45
N ASN A 164 1.13 -29.87 -16.14
CA ASN A 164 0.08 -29.30 -15.32
C ASN A 164 0.51 -27.91 -14.92
N PHE A 165 1.26 -27.29 -15.84
CA PHE A 165 1.72 -25.92 -15.66
C PHE A 165 0.44 -25.10 -15.59
N ARG A 166 0.31 -24.32 -14.53
CA ARG A 166 -0.86 -23.50 -14.33
C ARG A 166 -2.20 -24.26 -14.31
N GLN A 167 -2.21 -25.41 -13.66
CA GLN A 167 -3.44 -26.20 -13.46
C GLN A 167 -3.18 -26.94 -12.16
N GLU A 168 -3.41 -26.22 -11.06
CA GLU A 168 -3.15 -26.68 -9.69
C GLU A 168 -4.29 -27.24 -8.89
N VAL A 169 -5.52 -26.82 -9.20
CA VAL A 169 -6.71 -27.26 -8.48
C VAL A 169 -6.69 -28.74 -8.08
N HIS A 170 -6.44 -29.61 -9.06
CA HIS A 170 -6.45 -31.05 -8.82
C HIS A 170 -5.22 -31.74 -8.26
N GLY A 171 -4.24 -30.98 -7.78
CA GLY A 171 -3.13 -31.64 -7.14
C GLY A 171 -1.74 -31.78 -7.71
N ASN A 172 -1.55 -31.95 -9.01
CA ASN A 172 -0.18 -32.13 -9.47
C ASN A 172 0.33 -31.12 -10.48
N GLY A 173 0.04 -29.85 -10.25
CA GLY A 173 0.46 -28.84 -11.19
C GLY A 173 1.54 -27.94 -10.67
N LEU A 174 1.84 -26.89 -11.43
CA LEU A 174 2.83 -25.92 -11.07
C LEU A 174 2.19 -24.56 -11.11
N SER A 175 2.44 -23.74 -10.09
CA SER A 175 1.92 -22.40 -10.02
C SER A 175 2.53 -21.59 -11.15
N SER A 176 1.81 -20.55 -11.53
CA SER A 176 2.27 -19.65 -12.55
C SER A 176 3.55 -18.97 -12.05
N TYR A 177 3.50 -18.51 -10.81
CA TYR A 177 4.60 -17.76 -10.20
C TYR A 177 5.03 -18.24 -8.80
N PRO A 178 6.16 -17.72 -8.28
CA PRO A 178 6.67 -18.11 -6.96
C PRO A 178 5.67 -17.95 -5.84
N HIS A 179 5.03 -19.05 -5.48
CA HIS A 179 4.02 -19.03 -4.42
C HIS A 179 4.18 -20.14 -3.37
N PRO A 180 4.88 -19.84 -2.27
CA PRO A 180 5.07 -20.86 -1.25
C PRO A 180 3.80 -21.57 -0.73
N LYS A 181 2.69 -20.85 -0.62
CA LYS A 181 1.46 -21.46 -0.11
C LYS A 181 0.92 -22.54 -1.06
N LEU A 182 1.22 -22.40 -2.35
CA LEU A 182 0.78 -23.37 -3.37
C LEU A 182 1.79 -24.47 -3.69
N MET A 183 3.03 -24.29 -3.27
CA MET A 183 4.08 -25.28 -3.50
C MET A 183 5.04 -25.11 -2.33
N PRO A 184 4.59 -25.42 -1.10
CA PRO A 184 5.39 -25.28 0.12
C PRO A 184 6.76 -25.88 0.17
N GLU A 185 7.07 -26.75 -0.79
CA GLU A 185 8.39 -27.39 -0.79
C GLU A 185 9.30 -26.88 -1.89
N PHE A 186 8.80 -25.97 -2.72
CA PHE A 186 9.60 -25.50 -3.83
C PHE A 186 9.94 -24.02 -3.78
N TRP A 187 8.91 -23.18 -3.81
CA TRP A 187 9.09 -21.74 -3.82
C TRP A 187 9.37 -21.14 -2.44
N GLN A 188 9.98 -19.96 -2.43
CA GLN A 188 10.30 -19.35 -1.14
C GLN A 188 9.82 -17.93 -1.03
N PHE A 189 10.00 -17.16 -2.10
CA PHE A 189 9.69 -15.75 -2.03
C PHE A 189 8.83 -15.19 -3.13
N PRO A 190 7.60 -14.74 -2.78
CA PRO A 190 6.64 -14.17 -3.75
C PRO A 190 7.25 -12.92 -4.42
N THR A 191 7.37 -12.92 -5.74
CA THR A 191 7.95 -11.77 -6.44
C THR A 191 7.16 -11.21 -7.62
N VAL A 192 6.09 -11.89 -8.05
CA VAL A 192 5.35 -11.37 -9.18
C VAL A 192 4.72 -10.02 -9.00
N SER A 193 4.47 -9.62 -7.77
CA SER A 193 3.91 -8.30 -7.51
C SER A 193 5.11 -7.38 -7.51
N MET A 194 5.37 -6.76 -8.65
CA MET A 194 6.50 -5.87 -8.83
C MET A 194 6.78 -4.95 -7.65
N GLY A 195 8.07 -4.69 -7.41
CA GLY A 195 8.47 -3.79 -6.35
C GLY A 195 8.55 -4.36 -4.95
N LEU A 196 7.90 -5.48 -4.67
CA LEU A 196 7.98 -6.03 -3.30
C LEU A 196 9.25 -6.84 -3.07
N GLY A 197 9.65 -7.59 -4.10
CA GLY A 197 10.84 -8.41 -4.01
C GLY A 197 12.09 -7.62 -3.67
N PRO A 198 12.34 -6.51 -4.37
CA PRO A 198 13.55 -5.75 -4.04
C PRO A 198 13.58 -5.20 -2.62
N ILE A 199 12.47 -4.60 -2.17
CA ILE A 199 12.47 -4.04 -0.83
C ILE A 199 12.51 -5.19 0.20
N GLY A 200 11.65 -6.19 0.01
CA GLY A 200 11.64 -7.33 0.92
C GLY A 200 13.02 -7.96 1.06
N ALA A 201 13.76 -8.02 -0.05
CA ALA A 201 15.10 -8.59 -0.09
C ALA A 201 16.12 -7.73 0.66
N ILE A 202 16.02 -6.41 0.51
CA ILE A 202 16.93 -5.49 1.20
C ILE A 202 16.81 -5.75 2.69
N TYR A 203 15.58 -5.94 3.14
CA TYR A 203 15.34 -6.23 4.53
C TYR A 203 15.66 -7.70 4.86
N GLN A 204 15.53 -8.61 3.90
CA GLN A 204 15.90 -10.01 4.21
C GLN A 204 17.42 -10.04 4.46
N ALA A 205 18.18 -9.23 3.73
CA ALA A 205 19.63 -9.17 3.89
C ALA A 205 19.98 -8.57 5.23
N LYS A 206 19.19 -7.59 5.66
CA LYS A 206 19.42 -6.94 6.93
C LYS A 206 19.12 -7.89 8.08
N PHE A 207 18.03 -8.60 7.94
CA PHE A 207 17.63 -9.54 8.97
C PHE A 207 18.72 -10.58 9.18
N LEU A 208 19.32 -11.08 8.09
CA LEU A 208 20.39 -12.08 8.22
C LEU A 208 21.61 -11.50 8.93
N LYS A 209 21.85 -10.21 8.73
CA LYS A 209 22.96 -9.56 9.41
C LYS A 209 22.61 -9.57 10.90
N TYR A 210 21.35 -9.22 11.21
CA TYR A 210 20.81 -9.17 12.57
C TYR A 210 21.06 -10.52 13.25
N LEU A 211 20.56 -11.58 12.62
CA LEU A 211 20.69 -12.94 13.11
C LEU A 211 22.13 -13.25 13.48
N GLU A 212 23.04 -12.76 12.65
CA GLU A 212 24.47 -12.98 12.87
C GLU A 212 24.93 -12.19 14.06
N HIS A 213 24.73 -10.89 14.00
CA HIS A 213 25.11 -9.97 15.06
C HIS A 213 24.59 -10.38 16.44
N ARG A 214 23.38 -10.88 16.49
CA ARG A 214 22.79 -11.28 17.76
C ARG A 214 23.31 -12.60 18.32
N GLY A 215 24.19 -13.26 17.55
CA GLY A 215 24.73 -14.54 17.98
C GLY A 215 23.71 -15.66 17.81
N LEU A 216 22.82 -15.52 16.83
CA LEU A 216 21.78 -16.51 16.57
C LEU A 216 22.13 -17.55 15.49
N LYS A 217 22.72 -17.12 14.39
CA LYS A 217 23.13 -18.03 13.32
C LYS A 217 24.12 -17.34 12.42
N ASP A 218 25.23 -18.00 12.10
CA ASP A 218 26.21 -17.40 11.22
C ASP A 218 25.60 -17.45 9.85
N THR A 219 25.19 -16.28 9.36
CA THR A 219 24.56 -16.16 8.05
C THR A 219 25.52 -15.53 7.06
N SER A 220 26.77 -15.31 7.48
CA SER A 220 27.79 -14.67 6.64
C SER A 220 28.03 -15.28 5.27
N LYS A 221 27.64 -16.52 5.05
CA LYS A 221 27.90 -17.10 3.73
C LYS A 221 26.70 -17.00 2.81
N GLN A 222 25.58 -16.54 3.33
CA GLN A 222 24.35 -16.42 2.53
C GLN A 222 24.35 -15.13 1.76
N THR A 223 23.92 -15.19 0.51
CA THR A 223 23.85 -14.01 -0.30
C THR A 223 22.40 -13.88 -0.72
N VAL A 224 21.90 -12.64 -0.71
CA VAL A 224 20.51 -12.36 -1.10
C VAL A 224 20.52 -11.76 -2.51
N TYR A 225 19.94 -12.48 -3.46
CA TYR A 225 19.87 -11.98 -4.83
C TYR A 225 18.46 -11.56 -5.15
N ALA A 226 18.33 -10.32 -5.63
CA ALA A 226 17.03 -9.81 -6.05
C ALA A 226 17.12 -9.66 -7.55
N PHE A 227 16.31 -10.43 -8.28
CA PHE A 227 16.30 -10.39 -9.74
C PHE A 227 15.16 -9.48 -10.20
N LEU A 228 15.53 -8.35 -10.78
CA LEU A 228 14.61 -7.31 -11.21
C LEU A 228 14.61 -6.93 -12.69
N GLY A 229 13.46 -6.42 -13.14
CA GLY A 229 13.33 -5.97 -14.52
C GLY A 229 13.47 -4.46 -14.49
N ASP A 230 13.94 -3.86 -15.58
CA ASP A 230 14.07 -2.42 -15.60
C ASP A 230 12.69 -1.78 -15.52
N GLY A 231 11.69 -2.44 -16.08
CA GLY A 231 10.35 -1.90 -16.03
C GLY A 231 9.89 -1.80 -14.58
N GLU A 232 10.23 -2.84 -13.82
CA GLU A 232 9.89 -2.96 -12.40
C GLU A 232 10.48 -1.87 -11.48
N MET A 233 11.60 -1.28 -11.86
CA MET A 233 12.22 -0.26 -11.01
C MET A 233 11.39 1.02 -10.83
N ASP A 234 10.30 1.14 -11.58
CA ASP A 234 9.40 2.31 -11.47
C ASP A 234 8.50 2.18 -10.24
N GLU A 235 8.38 0.99 -9.67
CA GLU A 235 7.55 0.85 -8.48
C GLU A 235 8.31 1.62 -7.42
N PRO A 236 7.63 2.49 -6.66
CA PRO A 236 8.28 3.27 -5.60
C PRO A 236 9.03 2.38 -4.64
N GLU A 237 8.40 1.26 -4.26
CA GLU A 237 9.01 0.32 -3.33
C GLU A 237 10.34 -0.22 -3.83
N SER A 238 10.54 -0.19 -5.14
CA SER A 238 11.77 -0.71 -5.72
C SER A 238 13.05 0.05 -5.36
N LYS A 239 13.05 1.37 -5.51
CA LYS A 239 14.23 2.17 -5.18
C LYS A 239 14.04 2.93 -3.87
N GLY A 240 12.78 3.04 -3.47
CA GLY A 240 12.42 3.76 -2.26
C GLY A 240 13.11 3.46 -0.95
N ALA A 241 13.73 2.30 -0.84
CA ALA A 241 14.42 1.93 0.39
C ALA A 241 15.90 1.65 0.18
N ILE A 242 16.43 1.94 -1.01
CA ILE A 242 17.81 1.60 -1.25
C ILE A 242 18.91 2.20 -0.38
N THR A 243 18.69 3.34 0.25
CA THR A 243 19.77 3.87 1.07
C THR A 243 19.97 3.03 2.34
N ILE A 244 18.96 2.23 2.68
CA ILE A 244 19.02 1.37 3.86
C ILE A 244 20.17 0.38 3.71
N ALA A 245 20.35 -0.10 2.50
CA ALA A 245 21.39 -1.09 2.21
C ALA A 245 22.76 -0.50 2.40
N THR A 246 22.86 0.82 2.26
CA THR A 246 24.13 1.51 2.44
C THR A 246 24.33 1.73 3.93
N ARG A 247 23.32 2.29 4.57
CA ARG A 247 23.38 2.54 6.01
C ARG A 247 23.73 1.26 6.74
N GLU A 248 23.06 0.16 6.39
CA GLU A 248 23.30 -1.13 7.04
C GLU A 248 24.45 -1.94 6.41
N LYS A 249 25.26 -1.31 5.55
CA LYS A 249 26.38 -2.00 4.90
C LYS A 249 26.04 -3.45 4.55
N LEU A 250 25.04 -3.64 3.70
CA LEU A 250 24.62 -4.98 3.33
C LEU A 250 25.37 -5.51 2.10
N ASP A 251 26.58 -5.99 2.35
CA ASP A 251 27.42 -6.54 1.30
C ASP A 251 26.98 -7.95 0.99
N ASN A 252 25.83 -8.34 1.53
CA ASN A 252 25.30 -9.67 1.30
C ASN A 252 24.08 -9.54 0.41
N LEU A 253 23.92 -8.35 -0.16
CA LEU A 253 22.79 -8.05 -1.04
C LEU A 253 23.24 -7.70 -2.45
N VAL A 254 22.57 -8.28 -3.43
CA VAL A 254 22.87 -7.99 -4.83
C VAL A 254 21.57 -7.81 -5.60
N PHE A 255 21.43 -6.66 -6.26
CA PHE A 255 20.26 -6.43 -7.08
C PHE A 255 20.71 -6.76 -8.49
N VAL A 256 19.90 -7.54 -9.20
CA VAL A 256 20.22 -7.87 -10.58
C VAL A 256 19.10 -7.28 -11.42
N ILE A 257 19.46 -6.36 -12.30
CA ILE A 257 18.46 -5.68 -13.12
C ILE A 257 18.58 -6.02 -14.61
N ASN A 258 17.68 -6.87 -15.08
CA ASN A 258 17.66 -7.22 -16.50
C ASN A 258 17.29 -5.90 -17.22
N CYS A 259 18.24 -5.26 -17.88
CA CYS A 259 17.97 -4.02 -18.58
C CYS A 259 17.89 -4.29 -20.06
N ASN A 260 16.72 -4.76 -20.49
CA ASN A 260 16.51 -5.06 -21.88
C ASN A 260 15.66 -3.96 -22.49
N LEU A 261 15.76 -2.80 -21.87
CA LEU A 261 15.10 -1.59 -22.31
C LEU A 261 13.59 -1.63 -22.61
N GLN A 262 13.06 -2.81 -22.92
CA GLN A 262 11.64 -2.90 -23.24
C GLN A 262 10.69 -3.35 -22.14
N ARG A 263 9.76 -2.46 -21.78
CA ARG A 263 8.72 -2.74 -20.78
C ARG A 263 7.55 -3.38 -21.54
N LEU A 264 6.85 -4.31 -20.90
CA LEU A 264 5.74 -5.02 -21.52
C LEU A 264 4.96 -4.26 -22.61
N ASP A 265 4.59 -3.01 -22.33
CA ASP A 265 3.82 -2.21 -23.30
C ASP A 265 4.67 -1.33 -24.22
N GLY A 266 5.98 -1.32 -23.99
CA GLY A 266 6.87 -0.51 -24.81
C GLY A 266 8.20 -0.24 -24.12
N PRO A 267 8.83 0.91 -24.36
CA PRO A 267 10.12 1.26 -23.75
C PRO A 267 9.97 1.91 -22.37
N VAL A 268 10.97 1.69 -21.51
CA VAL A 268 10.98 2.28 -20.17
C VAL A 268 11.39 3.76 -20.29
N THR A 269 12.00 4.10 -21.42
CA THR A 269 12.42 5.48 -21.72
C THR A 269 13.03 5.57 -23.12
N GLY A 270 12.15 5.63 -24.13
CA GLY A 270 12.61 5.74 -25.51
C GLY A 270 13.62 6.87 -25.67
N ASN A 271 13.28 8.06 -25.20
CA ASN A 271 14.16 9.24 -25.29
C ASN A 271 15.34 9.30 -24.31
N GLY A 272 15.39 8.41 -23.33
CA GLY A 272 16.47 8.47 -22.36
C GLY A 272 17.37 7.26 -22.34
N LYS A 273 18.06 7.06 -21.22
CA LYS A 273 18.92 5.90 -21.03
C LYS A 273 18.70 5.36 -19.62
N ILE A 274 17.68 4.51 -19.46
CA ILE A 274 17.33 3.93 -18.15
C ILE A 274 18.49 3.35 -17.35
N ILE A 275 19.55 2.96 -18.03
CA ILE A 275 20.71 2.39 -17.38
C ILE A 275 21.46 3.50 -16.67
N ASN A 276 21.56 4.66 -17.33
CA ASN A 276 22.22 5.78 -16.70
C ASN A 276 21.34 6.27 -15.53
N GLU A 277 20.01 6.09 -15.66
CA GLU A 277 19.13 6.54 -14.57
C GLU A 277 19.33 5.66 -13.36
N LEU A 278 19.27 4.35 -13.55
CA LEU A 278 19.45 3.46 -12.42
C LEU A 278 20.80 3.71 -11.79
N GLU A 279 21.85 3.64 -12.61
CA GLU A 279 23.21 3.85 -12.15
C GLU A 279 23.30 5.15 -11.35
N GLY A 280 22.90 6.25 -11.98
CA GLY A 280 22.95 7.53 -11.32
C GLY A 280 22.40 7.50 -9.91
N ILE A 281 21.21 6.92 -9.75
CA ILE A 281 20.54 6.89 -8.45
C ILE A 281 21.05 5.84 -7.46
N PHE A 282 21.55 4.70 -7.95
CA PHE A 282 22.07 3.69 -7.02
C PHE A 282 23.43 4.11 -6.52
N GLU A 283 24.19 4.79 -7.39
CA GLU A 283 25.53 5.29 -7.06
C GLU A 283 25.39 6.39 -6.04
N GLY A 284 24.38 7.21 -6.25
CA GLY A 284 24.13 8.31 -5.35
C GLY A 284 23.66 7.76 -4.02
N ALA A 285 23.01 6.60 -4.02
CA ALA A 285 22.52 5.98 -2.79
C ALA A 285 23.64 5.33 -2.00
N GLY A 286 24.80 5.15 -2.62
CA GLY A 286 25.96 4.58 -1.95
C GLY A 286 26.35 3.19 -2.41
N TRP A 287 25.50 2.59 -3.24
CA TRP A 287 25.70 1.26 -3.78
C TRP A 287 26.92 1.11 -4.70
N ASN A 288 27.44 -0.10 -4.81
CA ASN A 288 28.53 -0.39 -5.73
C ASN A 288 27.82 -0.85 -7.01
N VAL A 289 27.97 -0.07 -8.06
CA VAL A 289 27.30 -0.36 -9.32
C VAL A 289 28.21 -1.04 -10.34
N ILE A 290 27.73 -2.12 -10.92
CA ILE A 290 28.48 -2.81 -11.95
C ILE A 290 27.57 -2.90 -13.19
N LYS A 291 28.04 -2.32 -14.29
CA LYS A 291 27.31 -2.30 -15.54
C LYS A 291 27.85 -3.36 -16.48
N VAL A 292 26.99 -4.26 -16.92
CA VAL A 292 27.38 -5.30 -17.85
C VAL A 292 26.72 -4.92 -19.17
N MET A 293 27.40 -4.06 -19.90
CA MET A 293 26.88 -3.55 -21.13
C MET A 293 27.08 -4.36 -22.39
N TRP A 294 28.33 -4.71 -22.66
CA TRP A 294 28.70 -5.40 -23.91
C TRP A 294 29.47 -6.71 -23.85
N GLY A 295 29.24 -7.56 -24.85
CA GLY A 295 29.91 -8.84 -24.94
C GLY A 295 31.36 -8.78 -25.42
N SER A 296 32.08 -9.88 -25.24
CA SER A 296 33.48 -10.00 -25.61
C SER A 296 33.88 -9.51 -27.01
N ARG A 297 33.00 -9.66 -27.98
CA ARG A 297 33.30 -9.27 -29.35
C ARG A 297 33.78 -7.83 -29.47
N TRP A 298 33.35 -6.97 -28.56
CA TRP A 298 33.74 -5.56 -28.60
C TRP A 298 35.11 -5.23 -28.01
N ASP A 299 35.54 -5.95 -26.97
CA ASP A 299 36.82 -5.64 -26.36
C ASP A 299 37.88 -5.19 -27.37
N GLU A 300 38.26 -6.08 -28.29
CA GLU A 300 39.26 -5.78 -29.32
C GLU A 300 38.90 -4.47 -30.03
N LEU A 301 37.60 -4.19 -30.10
CA LEU A 301 37.12 -2.97 -30.72
C LEU A 301 37.42 -1.77 -29.79
N LEU A 302 36.88 -1.81 -28.58
CA LEU A 302 37.07 -0.74 -27.59
C LEU A 302 38.53 -0.40 -27.35
N ARG A 303 39.43 -1.29 -27.76
CA ARG A 303 40.85 -1.05 -27.59
C ARG A 303 41.41 -0.28 -28.78
N LYS A 304 41.13 -0.77 -29.99
CA LYS A 304 41.59 -0.16 -31.23
C LYS A 304 41.13 1.28 -31.40
N ASP A 305 40.16 1.68 -30.60
CA ASP A 305 39.63 3.03 -30.71
C ASP A 305 40.36 4.01 -29.81
N THR A 306 41.67 4.12 -30.01
CA THR A 306 42.51 5.02 -29.22
C THR A 306 42.06 6.47 -29.42
N SER A 307 40.88 6.65 -29.98
CA SER A 307 40.31 7.98 -30.25
C SER A 307 39.12 8.30 -29.35
N GLY A 308 38.53 7.28 -28.74
CA GLY A 308 37.40 7.49 -27.85
C GLY A 308 36.04 7.74 -28.50
N LYS A 309 35.99 7.94 -29.81
CA LYS A 309 34.70 8.20 -30.44
C LYS A 309 33.70 7.09 -30.14
N LEU A 310 34.11 5.83 -30.30
CA LEU A 310 33.20 4.70 -30.03
C LEU A 310 32.64 4.83 -28.62
N ILE A 311 33.31 5.60 -27.76
CA ILE A 311 32.79 5.78 -26.43
C ILE A 311 31.78 6.90 -26.45
N GLN A 312 32.05 7.94 -27.25
CA GLN A 312 31.10 9.02 -27.34
C GLN A 312 29.88 8.40 -28.00
N LEU A 313 30.14 7.69 -29.10
CA LEU A 313 29.07 7.04 -29.84
C LEU A 313 28.23 6.20 -28.91
N MET A 314 28.89 5.49 -28.01
CA MET A 314 28.16 4.65 -27.07
C MET A 314 27.42 5.52 -26.09
N ASN A 315 28.09 6.55 -25.58
CA ASN A 315 27.48 7.44 -24.61
C ASN A 315 26.32 8.31 -25.15
N GLU A 316 26.45 8.80 -26.38
CA GLU A 316 25.40 9.65 -26.93
C GLU A 316 24.12 8.94 -27.37
N THR A 317 24.27 7.74 -27.92
CA THR A 317 23.11 6.99 -28.40
C THR A 317 22.07 6.74 -27.32
N VAL A 318 20.82 7.03 -27.66
CA VAL A 318 19.70 6.91 -26.72
C VAL A 318 18.93 5.59 -26.83
N ASP A 319 18.39 5.15 -25.70
CA ASP A 319 17.67 3.88 -25.67
C ASP A 319 16.84 3.65 -26.91
N GLY A 320 15.89 4.53 -27.16
CA GLY A 320 15.05 4.40 -28.35
C GLY A 320 15.87 3.98 -29.55
N ASP A 321 16.96 4.71 -29.80
CA ASP A 321 17.86 4.39 -30.91
C ASP A 321 18.29 2.94 -30.77
N TYR A 322 19.02 2.65 -29.69
CA TYR A 322 19.51 1.31 -29.43
C TYR A 322 18.48 0.23 -29.72
N GLN A 323 17.20 0.58 -29.64
CA GLN A 323 16.19 -0.41 -29.92
C GLN A 323 15.97 -0.59 -31.42
N THR A 324 15.90 0.51 -32.16
CA THR A 324 15.70 0.39 -33.61
C THR A 324 16.77 -0.52 -34.23
N PHE A 325 17.93 -0.59 -33.59
CA PHE A 325 19.00 -1.43 -34.10
C PHE A 325 18.64 -2.92 -34.05
N LYS A 326 18.68 -3.49 -32.84
CA LYS A 326 18.36 -4.90 -32.60
C LYS A 326 17.44 -5.47 -33.69
N SER A 327 16.54 -4.62 -34.18
CA SER A 327 15.61 -5.04 -35.20
C SER A 327 15.81 -4.29 -36.51
N LYS A 328 16.86 -4.68 -37.24
CA LYS A 328 17.22 -4.13 -38.54
C LYS A 328 18.26 -5.08 -39.06
N ASP A 329 19.31 -4.57 -39.71
CA ASP A 329 20.34 -5.46 -40.22
C ASP A 329 21.70 -4.83 -40.41
N GLY A 330 22.74 -5.63 -40.22
CA GLY A 330 24.11 -5.18 -40.38
C GLY A 330 24.24 -3.77 -40.91
N ALA A 331 24.64 -3.61 -42.17
CA ALA A 331 24.81 -2.28 -42.77
C ALA A 331 24.09 -1.21 -41.97
N TYR A 332 22.79 -1.40 -41.81
CA TYR A 332 21.93 -0.50 -41.05
C TYR A 332 22.66 0.01 -39.80
N VAL A 333 23.29 -0.92 -39.09
CA VAL A 333 24.05 -0.59 -37.89
C VAL A 333 25.28 0.22 -38.30
N ARG A 334 26.20 -0.43 -39.04
CA ARG A 334 27.42 0.21 -39.52
C ARG A 334 27.13 1.48 -40.32
N GLU A 335 25.85 1.85 -40.38
CA GLU A 335 25.44 3.03 -41.14
C GLU A 335 24.74 4.06 -40.21
N HIS A 336 24.05 3.57 -39.19
CA HIS A 336 23.36 4.45 -38.24
C HIS A 336 24.27 4.67 -37.04
N PHE A 337 24.78 3.56 -36.51
CA PHE A 337 25.64 3.56 -35.35
C PHE A 337 27.09 3.80 -35.72
N PHE A 338 27.75 2.78 -36.25
CA PHE A 338 29.15 2.94 -36.63
C PHE A 338 29.28 3.89 -37.81
N GLY A 339 28.15 4.31 -38.37
CA GLY A 339 28.17 5.20 -39.52
C GLY A 339 28.14 6.68 -39.16
N LYS A 340 28.19 6.98 -37.87
CA LYS A 340 28.16 8.36 -37.42
C LYS A 340 29.54 9.01 -37.33
N TYR A 341 30.61 8.22 -37.29
CA TYR A 341 31.94 8.84 -37.20
C TYR A 341 33.03 8.07 -37.92
N PRO A 342 33.62 8.68 -38.97
CA PRO A 342 34.69 8.01 -39.71
C PRO A 342 35.96 7.65 -38.91
N GLU A 343 35.82 7.52 -37.59
CA GLU A 343 36.94 7.13 -36.73
C GLU A 343 36.48 5.82 -36.10
N THR A 344 35.16 5.73 -35.90
CA THR A 344 34.55 4.51 -35.36
C THR A 344 34.26 3.60 -36.56
N ALA A 345 33.61 4.17 -37.57
CA ALA A 345 33.26 3.46 -38.80
C ALA A 345 34.50 2.80 -39.42
N ALA A 346 35.68 3.26 -39.00
CA ALA A 346 36.93 2.71 -39.50
C ALA A 346 37.25 1.46 -38.71
N LEU A 347 37.00 1.53 -37.40
CA LEU A 347 37.24 0.41 -36.50
C LEU A 347 36.61 -0.82 -37.13
N VAL A 348 35.48 -0.63 -37.81
CA VAL A 348 34.78 -1.73 -38.46
C VAL A 348 34.92 -1.66 -39.97
N ALA A 349 36.15 -1.44 -40.44
CA ALA A 349 36.42 -1.34 -41.87
C ALA A 349 36.62 -2.72 -42.46
N ASP A 350 37.20 -3.62 -41.66
CA ASP A 350 37.44 -4.99 -42.10
C ASP A 350 36.10 -5.74 -42.02
N TRP A 351 35.62 -5.91 -40.79
CA TRP A 351 34.36 -6.60 -40.48
C TRP A 351 33.33 -6.72 -41.60
N THR A 352 32.44 -7.67 -41.41
CA THR A 352 31.39 -7.93 -42.37
C THR A 352 30.06 -7.49 -41.81
N ASP A 353 29.17 -7.00 -42.68
CA ASP A 353 27.86 -6.55 -42.23
C ASP A 353 27.22 -7.51 -41.21
N GLU A 354 27.67 -8.77 -41.23
CA GLU A 354 27.18 -9.81 -40.33
C GLU A 354 28.13 -10.05 -39.16
N GLN A 355 29.40 -9.67 -39.35
CA GLN A 355 30.39 -9.80 -38.29
C GLN A 355 30.09 -8.69 -37.29
N ILE A 356 29.56 -7.60 -37.82
CA ILE A 356 29.20 -6.45 -37.03
C ILE A 356 27.92 -6.74 -36.25
N TRP A 357 26.88 -7.14 -36.97
CA TRP A 357 25.57 -7.43 -36.40
C TRP A 357 25.58 -8.51 -35.32
N ALA A 358 26.71 -9.22 -35.20
CA ALA A 358 26.83 -10.28 -34.20
C ALA A 358 27.28 -9.76 -32.84
N LEU A 359 27.69 -8.50 -32.80
CA LEU A 359 28.13 -7.89 -31.55
C LEU A 359 26.99 -7.96 -30.56
N ASN A 360 27.25 -8.53 -29.40
CA ASN A 360 26.14 -8.60 -28.46
C ASN A 360 26.31 -7.82 -27.17
N ARG A 361 25.27 -7.85 -26.37
CA ARG A 361 25.28 -7.13 -25.11
C ARG A 361 25.85 -8.01 -24.01
N GLY A 362 26.56 -7.37 -23.08
CA GLY A 362 27.18 -8.11 -21.99
C GLY A 362 26.30 -9.08 -21.25
N GLY A 363 25.03 -8.73 -21.07
CA GLY A 363 24.08 -9.58 -20.36
C GLY A 363 23.82 -10.96 -20.95
N HIS A 364 24.35 -11.20 -22.15
CA HIS A 364 24.19 -12.49 -22.81
C HIS A 364 25.49 -13.27 -22.83
N ASP A 365 26.57 -12.57 -22.52
CA ASP A 365 27.91 -13.15 -22.50
C ASP A 365 28.18 -13.68 -21.10
N PRO A 366 28.46 -14.99 -21.00
CA PRO A 366 28.75 -15.62 -19.70
C PRO A 366 29.97 -14.99 -19.04
N LYS A 367 31.05 -14.87 -19.80
CA LYS A 367 32.29 -14.27 -19.28
C LYS A 367 32.04 -12.94 -18.56
N LYS A 368 31.32 -12.00 -19.20
CA LYS A 368 31.04 -10.68 -18.59
C LYS A 368 30.10 -10.76 -17.39
N ILE A 369 29.20 -11.73 -17.41
CA ILE A 369 28.23 -11.92 -16.33
C ILE A 369 28.93 -12.49 -15.10
N TYR A 370 29.88 -13.37 -15.32
CA TYR A 370 30.64 -13.96 -14.22
C TYR A 370 31.39 -12.86 -13.47
N ALA A 371 32.12 -12.02 -14.19
CA ALA A 371 32.91 -10.93 -13.59
C ALA A 371 32.07 -10.08 -12.64
N ALA A 372 30.87 -9.71 -13.10
CA ALA A 372 29.95 -8.91 -12.32
C ALA A 372 29.61 -9.65 -11.03
N PHE A 373 29.26 -10.92 -11.17
CA PHE A 373 28.91 -11.70 -10.01
C PHE A 373 30.08 -12.09 -9.13
N LYS A 374 31.31 -11.99 -9.63
CA LYS A 374 32.47 -12.32 -8.80
C LYS A 374 32.92 -11.08 -8.02
N LYS A 375 32.84 -9.93 -8.68
CA LYS A 375 33.20 -8.69 -8.04
C LYS A 375 32.17 -8.34 -6.95
N ALA A 376 30.94 -8.79 -7.14
CA ALA A 376 29.90 -8.51 -6.18
C ALA A 376 30.13 -9.35 -4.94
N GLN A 377 30.60 -10.57 -5.17
CA GLN A 377 30.85 -11.49 -4.09
C GLN A 377 32.05 -11.07 -3.24
N GLU A 378 33.00 -10.37 -3.86
CA GLU A 378 34.21 -9.90 -3.21
C GLU A 378 34.04 -8.60 -2.44
N THR A 379 33.06 -7.80 -2.84
CA THR A 379 32.80 -6.49 -2.25
C THR A 379 32.32 -6.47 -0.79
N LYS A 380 32.89 -5.58 -0.01
CA LYS A 380 32.50 -5.42 1.38
C LYS A 380 32.10 -3.97 1.67
N GLY A 381 31.16 -3.77 2.62
CA GLY A 381 30.75 -2.44 3.05
C GLY A 381 29.64 -1.69 2.34
N LYS A 382 28.91 -2.37 1.48
CA LYS A 382 27.84 -1.77 0.70
C LYS A 382 27.30 -2.87 -0.20
N ALA A 383 26.08 -2.70 -0.70
CA ALA A 383 25.45 -3.66 -1.58
C ALA A 383 25.84 -3.37 -3.02
N THR A 384 25.51 -4.29 -3.92
CA THR A 384 25.85 -4.14 -5.33
C THR A 384 24.64 -4.41 -6.22
N VAL A 385 24.55 -3.66 -7.31
CA VAL A 385 23.48 -3.84 -8.27
C VAL A 385 24.14 -4.06 -9.61
N ILE A 386 23.78 -5.17 -10.26
CA ILE A 386 24.33 -5.47 -11.55
C ILE A 386 23.26 -5.09 -12.59
N LEU A 387 23.57 -4.11 -13.41
CA LEU A 387 22.66 -3.68 -14.47
C LEU A 387 23.08 -4.49 -15.70
N ALA A 388 22.37 -5.57 -15.98
CA ALA A 388 22.73 -6.42 -17.11
C ALA A 388 21.98 -6.02 -18.34
N HIS A 389 22.72 -5.65 -19.37
CA HIS A 389 22.14 -5.26 -20.64
C HIS A 389 21.80 -6.50 -21.46
N THR A 390 20.55 -6.60 -21.91
CA THR A 390 20.16 -7.76 -22.71
C THR A 390 19.21 -7.40 -23.82
N ILE A 391 18.84 -8.43 -24.58
CA ILE A 391 17.90 -8.26 -25.68
C ILE A 391 16.64 -9.10 -25.40
N LYS A 392 15.48 -8.44 -25.37
CA LYS A 392 14.25 -9.15 -25.07
C LYS A 392 13.82 -10.14 -26.15
N GLY A 393 13.14 -11.21 -25.72
CA GLY A 393 12.67 -12.24 -26.63
C GLY A 393 13.83 -12.76 -27.45
N TYR A 394 15.03 -12.63 -26.86
CA TYR A 394 16.29 -13.07 -27.46
C TYR A 394 16.11 -14.26 -28.37
N GLY A 395 16.72 -14.18 -29.54
CA GLY A 395 16.66 -15.26 -30.50
C GLY A 395 15.31 -15.84 -30.88
N MET A 396 14.20 -15.27 -30.43
CA MET A 396 12.91 -15.84 -30.80
C MET A 396 12.57 -15.59 -32.26
N GLY A 397 13.55 -15.10 -33.01
CA GLY A 397 13.38 -14.85 -34.43
C GLY A 397 12.07 -14.23 -34.85
N ASP A 398 11.34 -14.93 -35.71
CA ASP A 398 10.05 -14.42 -36.20
C ASP A 398 9.17 -13.75 -35.14
N ALA A 399 8.36 -14.54 -34.42
CA ALA A 399 7.45 -14.03 -33.39
C ALA A 399 7.86 -12.73 -32.69
N ALA A 400 9.16 -12.59 -32.41
CA ALA A 400 9.69 -11.39 -31.76
C ALA A 400 11.20 -11.52 -31.46
N MET A 414 4.32 -25.09 -37.63
CA MET A 414 5.34 -25.35 -36.62
C MET A 414 6.65 -24.61 -36.91
N ASP A 415 6.54 -23.53 -37.69
CA ASP A 415 7.68 -22.71 -38.10
C ASP A 415 8.33 -21.98 -36.93
N GLY A 416 7.50 -21.50 -36.02
CA GLY A 416 8.00 -20.77 -34.88
C GLY A 416 8.96 -21.62 -34.07
N VAL A 417 8.48 -22.77 -33.59
CA VAL A 417 9.24 -23.72 -32.79
C VAL A 417 10.50 -24.17 -33.56
N ARG A 418 10.34 -24.38 -34.86
CA ARG A 418 11.45 -24.80 -35.71
C ARG A 418 12.59 -23.79 -35.71
N HIS A 419 12.26 -22.53 -35.50
CA HIS A 419 13.27 -21.50 -35.48
C HIS A 419 14.17 -21.59 -34.25
N ILE A 420 13.57 -21.72 -33.07
CA ILE A 420 14.36 -21.80 -31.85
C ILE A 420 15.22 -23.04 -31.87
N ARG A 421 14.61 -24.18 -32.20
CA ARG A 421 15.32 -25.45 -32.23
C ARG A 421 16.65 -25.23 -32.93
N ASP A 422 16.58 -24.70 -34.15
CA ASP A 422 17.77 -24.43 -34.93
C ASP A 422 18.62 -23.36 -34.25
N ARG A 423 17.99 -22.27 -33.83
CA ARG A 423 18.66 -21.15 -33.18
C ARG A 423 19.46 -21.48 -31.92
N PHE A 424 19.17 -22.62 -31.29
CA PHE A 424 19.86 -23.02 -30.08
C PHE A 424 20.40 -24.46 -30.13
N ASN A 425 20.46 -25.02 -31.33
CA ASN A 425 20.96 -26.39 -31.50
C ASN A 425 20.27 -27.30 -30.51
N VAL A 426 18.95 -27.17 -30.37
CA VAL A 426 18.19 -28.00 -29.45
C VAL A 426 18.17 -29.43 -29.98
N PRO A 427 18.69 -30.39 -29.21
CA PRO A 427 18.70 -31.78 -29.65
C PRO A 427 17.31 -32.38 -29.81
N VAL A 428 16.56 -31.86 -30.77
CA VAL A 428 15.23 -32.36 -31.05
C VAL A 428 15.16 -32.49 -32.54
N SER A 429 14.78 -33.68 -33.02
CA SER A 429 14.70 -33.94 -34.45
C SER A 429 13.37 -33.49 -35.05
N ASP A 430 13.38 -33.23 -36.37
CA ASP A 430 12.19 -32.80 -37.09
C ASP A 430 11.10 -33.82 -36.85
N ALA A 431 11.49 -35.03 -36.47
CA ALA A 431 10.52 -36.08 -36.20
C ALA A 431 9.81 -35.90 -34.87
N ASP A 432 10.47 -35.24 -33.92
CA ASP A 432 9.87 -35.04 -32.60
C ASP A 432 9.31 -33.64 -32.35
N ILE A 433 9.85 -32.66 -33.07
CA ILE A 433 9.45 -31.26 -32.97
C ILE A 433 7.96 -30.98 -32.88
N GLU A 434 7.18 -31.60 -33.75
CA GLU A 434 5.75 -31.36 -33.77
C GLU A 434 5.04 -31.97 -32.57
N LYS A 435 5.81 -32.66 -31.75
CA LYS A 435 5.27 -33.26 -30.54
C LYS A 435 5.51 -32.33 -29.36
N LEU A 436 6.24 -31.24 -29.63
CA LEU A 436 6.62 -30.24 -28.61
C LEU A 436 7.21 -31.04 -27.44
N PRO A 437 8.26 -31.83 -27.73
CA PRO A 437 8.94 -32.68 -26.75
C PRO A 437 9.77 -31.96 -25.72
N TYR A 438 9.85 -32.54 -24.52
CA TYR A 438 10.67 -32.02 -23.44
C TYR A 438 12.00 -32.79 -23.61
N ILE A 439 13.12 -32.16 -23.29
CA ILE A 439 14.45 -32.78 -23.39
C ILE A 439 14.88 -33.24 -21.99
N THR A 440 15.59 -34.36 -21.93
CA THR A 440 16.10 -34.88 -20.68
C THR A 440 17.55 -35.27 -20.99
N PHE A 441 18.42 -35.21 -19.99
CA PHE A 441 19.80 -35.62 -20.18
C PHE A 441 19.99 -36.91 -19.40
N PRO A 442 20.11 -38.06 -20.07
CA PRO A 442 20.29 -39.33 -19.38
C PRO A 442 21.48 -39.38 -18.41
N GLU A 443 21.36 -40.21 -17.37
CA GLU A 443 22.43 -40.33 -16.41
C GLU A 443 23.56 -40.88 -17.24
N GLY A 444 24.77 -40.38 -16.98
CA GLY A 444 25.92 -40.83 -17.74
C GLY A 444 26.29 -39.82 -18.82
N SER A 445 25.34 -39.01 -19.28
CA SER A 445 25.71 -38.05 -20.31
C SER A 445 26.61 -36.94 -19.73
N GLU A 446 27.35 -36.31 -20.62
CA GLU A 446 28.26 -35.24 -20.26
C GLU A 446 27.48 -34.06 -19.66
N GLU A 447 26.32 -33.78 -20.26
CA GLU A 447 25.45 -32.73 -19.80
C GLU A 447 24.95 -33.01 -18.38
N HIS A 448 24.38 -34.21 -18.19
CA HIS A 448 23.83 -34.62 -16.91
C HIS A 448 24.86 -34.65 -15.77
N THR A 449 26.10 -34.94 -16.15
CA THR A 449 27.22 -34.99 -15.24
C THR A 449 27.63 -33.61 -14.75
N TYR A 450 27.81 -32.68 -15.69
CA TYR A 450 28.22 -31.31 -15.37
C TYR A 450 27.15 -30.45 -14.69
N LEU A 451 25.89 -30.74 -14.98
CA LEU A 451 24.77 -29.99 -14.42
C LEU A 451 24.64 -30.29 -12.93
N HIS A 452 24.70 -31.57 -12.60
CA HIS A 452 24.60 -32.01 -11.23
C HIS A 452 25.88 -31.77 -10.48
N ALA A 453 27.00 -31.78 -11.21
CA ALA A 453 28.29 -31.58 -10.57
C ALA A 453 28.36 -30.16 -10.04
N GLN A 454 27.93 -29.20 -10.86
CA GLN A 454 27.96 -27.80 -10.47
C GLN A 454 27.04 -27.54 -9.28
N ARG A 455 25.92 -28.24 -9.20
CA ARG A 455 25.02 -28.03 -8.07
C ARG A 455 25.54 -28.60 -6.76
N GLN A 456 26.19 -29.75 -6.85
CA GLN A 456 26.75 -30.41 -5.69
C GLN A 456 27.90 -29.62 -5.14
N LYS A 457 28.65 -28.98 -6.04
CA LYS A 457 29.79 -28.16 -5.66
C LYS A 457 29.27 -26.94 -4.90
N LEU A 458 27.95 -26.77 -4.89
CA LEU A 458 27.27 -25.64 -4.25
C LEU A 458 26.17 -26.02 -3.25
N HIS A 459 26.19 -27.24 -2.74
CA HIS A 459 25.23 -27.73 -1.75
C HIS A 459 23.84 -28.19 -2.17
N GLY A 460 23.64 -28.44 -3.45
CA GLY A 460 22.33 -28.90 -3.86
C GLY A 460 21.61 -28.06 -4.88
N TYR A 461 20.31 -28.22 -4.92
CA TYR A 461 19.49 -27.49 -5.87
C TYR A 461 18.59 -26.46 -5.17
N LEU A 462 18.22 -25.44 -5.93
CA LEU A 462 17.33 -24.39 -5.46
C LEU A 462 16.53 -23.94 -6.67
N PRO A 463 15.31 -23.42 -6.46
CA PRO A 463 14.60 -23.23 -5.20
C PRO A 463 14.17 -24.52 -4.51
N SER A 464 14.00 -24.44 -3.20
CA SER A 464 13.59 -25.57 -2.36
C SER A 464 13.15 -24.92 -1.06
N ARG A 465 12.15 -25.48 -0.40
CA ARG A 465 11.64 -24.89 0.84
C ARG A 465 11.33 -25.92 1.93
N GLN A 466 11.68 -25.55 3.15
CA GLN A 466 11.45 -26.37 4.32
C GLN A 466 10.17 -25.83 4.97
N PRO A 467 9.03 -26.53 4.80
CA PRO A 467 7.75 -26.08 5.38
C PRO A 467 7.67 -25.99 6.89
N ASN A 468 8.47 -26.79 7.62
CA ASN A 468 8.44 -26.73 9.08
C ASN A 468 9.83 -26.61 9.70
N PHE A 469 9.93 -25.94 10.85
CA PHE A 469 11.21 -25.85 11.51
C PHE A 469 11.33 -27.16 12.28
N THR A 470 12.56 -27.58 12.57
CA THR A 470 12.79 -28.87 13.23
C THR A 470 12.88 -28.93 14.76
N GLU A 471 13.36 -27.87 15.39
CA GLU A 471 13.50 -27.88 16.84
C GLU A 471 12.19 -27.76 17.59
N LYS A 472 12.24 -28.01 18.89
CA LYS A 472 11.05 -27.92 19.72
C LYS A 472 11.23 -26.76 20.68
N LEU A 473 10.28 -25.85 20.65
CA LEU A 473 10.38 -24.70 21.53
C LEU A 473 9.67 -25.06 22.84
N GLU A 474 10.16 -24.55 23.96
CA GLU A 474 9.48 -24.79 25.21
C GLU A 474 8.77 -23.48 25.50
N LEU A 475 7.56 -23.40 24.97
CA LEU A 475 6.68 -22.24 25.04
C LEU A 475 6.12 -21.98 26.42
N PRO A 476 5.98 -20.69 26.78
CA PRO A 476 5.43 -20.34 28.10
C PRO A 476 3.98 -20.86 28.11
N SER A 477 3.50 -21.34 29.24
CA SER A 477 2.14 -21.84 29.29
C SER A 477 1.23 -20.65 29.55
N LEU A 478 -0.08 -20.88 29.60
CA LEU A 478 -0.98 -19.76 29.85
C LEU A 478 -0.75 -19.17 31.25
N GLN A 479 -0.53 -20.06 32.23
CA GLN A 479 -0.28 -19.69 33.63
C GLN A 479 0.90 -18.73 33.75
N ASP A 480 1.85 -18.82 32.82
CA ASP A 480 3.02 -17.94 32.84
C ASP A 480 2.54 -16.51 32.64
N PHE A 481 1.34 -16.37 32.10
CA PHE A 481 0.73 -15.08 31.84
C PHE A 481 -0.28 -14.80 32.97
N GLY A 482 -0.06 -15.46 34.10
CA GLY A 482 -0.93 -15.34 35.27
C GLY A 482 -1.39 -13.98 35.73
N ALA A 483 -0.46 -13.04 35.85
CA ALA A 483 -0.81 -11.70 36.32
C ALA A 483 -1.69 -10.94 35.31
N LEU A 484 -1.66 -11.30 34.03
CA LEU A 484 -2.50 -10.62 33.07
C LEU A 484 -3.91 -11.23 33.09
N LEU A 485 -4.07 -12.34 33.80
CA LEU A 485 -5.37 -13.02 33.86
C LEU A 485 -6.15 -12.58 35.09
N GLU A 486 -5.49 -11.90 36.01
CA GLU A 486 -6.19 -11.41 37.19
C GLU A 486 -6.66 -10.00 36.95
N GLU A 487 -7.52 -9.54 37.85
CA GLU A 487 -8.00 -8.19 37.78
C GLU A 487 -6.78 -7.30 37.99
N GLN A 488 -6.74 -6.18 37.28
CA GLN A 488 -5.62 -5.22 37.36
C GLN A 488 -5.87 -4.13 38.40
N SER A 489 -4.86 -3.89 39.23
CA SER A 489 -4.99 -2.88 40.26
C SER A 489 -4.99 -1.53 39.57
N LYS A 490 -4.09 -1.35 38.62
CA LYS A 490 -3.96 -0.12 37.88
C LYS A 490 -4.84 -0.16 36.63
N GLU A 491 -5.34 0.99 36.18
CA GLU A 491 -6.12 0.95 34.95
C GLU A 491 -5.08 0.93 33.83
N ILE A 492 -5.27 0.03 32.88
CA ILE A 492 -4.34 -0.08 31.77
C ILE A 492 -5.09 -0.25 30.46
N SER A 493 -4.34 -0.51 29.39
CA SER A 493 -4.91 -0.64 28.06
C SER A 493 -4.51 -1.97 27.43
N THR A 494 -5.27 -2.42 26.45
CA THR A 494 -4.89 -3.65 25.79
C THR A 494 -3.46 -3.56 25.16
N THR A 495 -2.91 -2.35 25.04
CA THR A 495 -1.55 -2.16 24.51
C THR A 495 -0.56 -2.45 25.62
N ILE A 496 -0.88 -1.98 26.82
CA ILE A 496 0.02 -2.25 27.94
C ILE A 496 -0.01 -3.74 28.14
N ALA A 497 -1.20 -4.35 28.08
CA ALA A 497 -1.35 -5.80 28.25
C ALA A 497 -0.45 -6.54 27.27
N PHE A 498 -0.33 -6.01 26.05
CA PHE A 498 0.52 -6.58 25.01
C PHE A 498 2.00 -6.49 25.39
N VAL A 499 2.41 -5.35 25.94
CA VAL A 499 3.80 -5.19 26.33
C VAL A 499 4.10 -6.15 27.44
N ARG A 500 3.17 -6.28 28.37
CA ARG A 500 3.39 -7.16 29.51
C ARG A 500 3.48 -8.60 29.05
N ALA A 501 2.63 -8.99 28.11
CA ALA A 501 2.68 -10.37 27.64
C ALA A 501 4.00 -10.57 26.90
N LEU A 502 4.49 -9.52 26.26
CA LEU A 502 5.76 -9.62 25.54
C LEU A 502 6.87 -9.81 26.58
N ASN A 503 6.68 -9.21 27.76
CA ASN A 503 7.67 -9.33 28.85
C ASN A 503 7.70 -10.77 29.36
N VAL A 504 6.54 -11.42 29.44
CA VAL A 504 6.47 -12.80 29.90
C VAL A 504 7.25 -13.67 28.93
N MET A 505 7.05 -13.42 27.64
CA MET A 505 7.76 -14.17 26.61
C MET A 505 9.27 -13.91 26.72
N LEU A 506 9.66 -12.75 27.23
CA LEU A 506 11.08 -12.42 27.39
C LEU A 506 11.73 -13.09 28.61
N LYS A 507 10.91 -13.76 29.41
CA LYS A 507 11.37 -14.47 30.58
C LYS A 507 11.44 -15.97 30.33
N ASN A 508 11.02 -16.41 29.16
CA ASN A 508 11.03 -17.84 28.81
C ASN A 508 12.37 -18.15 28.15
N LYS A 509 13.17 -19.01 28.78
CA LYS A 509 14.50 -19.35 28.26
C LYS A 509 14.49 -19.68 26.77
N SER A 510 13.57 -20.55 26.41
CA SER A 510 13.42 -21.00 25.05
C SER A 510 13.31 -19.92 23.95
N ILE A 511 12.30 -19.06 24.05
CA ILE A 511 12.05 -18.05 23.01
C ILE A 511 12.48 -16.60 23.26
N LYS A 512 12.82 -16.26 24.49
CA LYS A 512 13.23 -14.89 24.86
C LYS A 512 14.02 -14.17 23.79
N ASP A 513 15.10 -14.80 23.32
CA ASP A 513 15.96 -14.23 22.29
C ASP A 513 15.53 -14.52 20.85
N ARG A 514 14.49 -15.33 20.68
CA ARG A 514 14.01 -15.62 19.33
C ARG A 514 12.96 -14.59 18.96
N LEU A 515 12.57 -13.78 19.95
CA LEU A 515 11.58 -12.73 19.75
C LEU A 515 12.17 -11.53 18.99
N VAL A 516 11.36 -10.95 18.12
CA VAL A 516 11.81 -9.77 17.39
C VAL A 516 10.73 -8.68 17.43
N PRO A 517 10.84 -7.77 18.42
CA PRO A 517 9.88 -6.69 18.55
C PRO A 517 10.22 -5.70 17.44
N ILE A 518 9.22 -5.35 16.64
CA ILE A 518 9.42 -4.43 15.56
C ILE A 518 8.51 -3.21 15.68
N ILE A 519 9.10 -2.05 15.47
CA ILE A 519 8.40 -0.81 15.56
C ILE A 519 8.82 0.17 14.47
N ALA A 520 7.86 1.03 14.14
CA ALA A 520 8.01 2.05 13.13
C ALA A 520 8.15 3.39 13.85
N ASP A 521 9.35 3.64 14.35
CA ASP A 521 9.66 4.88 15.07
C ASP A 521 8.86 4.96 16.37
N GLU A 522 7.56 5.16 16.21
CA GLU A 522 6.64 5.29 17.34
C GLU A 522 6.82 4.15 18.34
N ALA A 523 7.54 4.45 19.42
CA ALA A 523 7.79 3.51 20.50
C ALA A 523 7.04 4.08 21.69
N ARG A 524 7.36 5.35 22.00
CA ARG A 524 6.75 6.09 23.09
C ARG A 524 5.23 5.93 23.13
N THR A 525 4.63 5.97 21.95
CA THR A 525 3.17 5.83 21.84
C THR A 525 2.70 4.49 22.37
N PHE A 526 3.52 3.45 22.18
CA PHE A 526 3.11 2.13 22.60
C PHE A 526 3.84 1.71 23.87
N GLY A 527 4.30 2.70 24.62
CA GLY A 527 4.99 2.42 25.86
C GLY A 527 5.86 1.19 25.73
N MET A 528 6.73 1.23 24.71
CA MET A 528 7.67 0.16 24.40
C MET A 528 9.03 0.51 24.99
N GLU A 529 9.13 1.67 25.63
CA GLU A 529 10.41 2.14 26.18
C GLU A 529 11.11 1.22 27.17
N GLY A 530 10.38 0.75 28.17
CA GLY A 530 10.96 -0.14 29.17
C GLY A 530 11.82 -1.26 28.60
N LEU A 531 11.46 -1.76 27.41
CA LEU A 531 12.22 -2.82 26.80
C LEU A 531 13.53 -2.29 26.21
N PHE A 532 13.52 -1.04 25.73
CA PHE A 532 14.72 -0.44 25.16
C PHE A 532 15.88 -0.52 26.14
N ARG A 533 15.65 -0.10 27.39
CA ARG A 533 16.72 -0.18 28.37
C ARG A 533 16.89 -1.64 28.82
N GLN A 534 15.92 -2.49 28.47
CA GLN A 534 15.93 -3.90 28.85
C GLN A 534 16.64 -4.84 27.85
N ILE A 535 16.19 -4.89 26.60
CA ILE A 535 16.81 -5.75 25.59
C ILE A 535 17.51 -4.97 24.45
N GLY A 536 17.53 -3.65 24.58
CA GLY A 536 18.19 -2.79 23.60
C GLY A 536 17.65 -2.68 22.18
N ILE A 537 18.26 -1.78 21.43
CA ILE A 537 17.87 -1.58 20.04
C ILE A 537 19.03 -1.93 19.12
N TYR A 538 18.70 -2.71 18.09
CA TYR A 538 19.66 -3.18 17.11
C TYR A 538 20.23 -2.04 16.30
N SER A 539 21.53 -1.82 16.45
CA SER A 539 22.23 -0.74 15.74
C SER A 539 23.72 -1.06 15.67
N PRO A 540 24.14 -1.83 14.65
CA PRO A 540 25.52 -2.24 14.44
C PRO A 540 26.50 -1.08 14.29
N GLU A 558 21.39 0.25 22.38
CA GLU A 558 21.73 0.60 21.00
C GLU A 558 23.11 0.14 20.52
N ASP A 559 23.21 -1.15 20.20
CA ASP A 559 24.46 -1.72 19.71
C ASP A 559 24.06 -2.92 18.86
N GLU A 560 25.04 -3.56 18.21
CA GLU A 560 24.76 -4.68 17.33
C GLU A 560 24.11 -5.88 18.01
N LYS A 561 24.01 -5.86 19.33
CA LYS A 561 23.38 -6.96 20.05
C LYS A 561 21.97 -6.58 20.44
N GLY A 562 21.56 -5.40 20.01
CA GLY A 562 20.23 -4.90 20.29
C GLY A 562 19.20 -5.83 19.70
N GLN A 563 18.14 -6.10 20.45
CA GLN A 563 17.09 -6.99 20.03
C GLN A 563 15.96 -6.32 19.25
N ILE A 564 15.42 -5.21 19.76
CA ILE A 564 14.33 -4.52 19.07
C ILE A 564 14.77 -3.87 17.76
N LEU A 565 14.00 -4.07 16.70
CA LEU A 565 14.29 -3.50 15.39
C LEU A 565 13.49 -2.19 15.22
N GLN A 566 14.22 -1.10 15.08
CA GLN A 566 13.62 0.21 14.91
C GLN A 566 13.72 0.54 13.42
N GLU A 567 12.59 0.52 12.72
CA GLU A 567 12.62 0.80 11.30
C GLU A 567 12.31 2.25 10.95
N GLY A 568 11.93 3.05 11.94
CA GLY A 568 11.63 4.45 11.67
C GLY A 568 10.29 4.59 10.95
N ILE A 569 10.00 5.81 10.46
CA ILE A 569 8.76 6.09 9.74
C ILE A 569 8.86 5.41 8.37
N ASN A 570 8.51 4.12 8.37
CA ASN A 570 8.63 3.27 7.20
C ASN A 570 7.90 1.95 7.42
N GLU A 571 6.58 1.96 7.32
CA GLU A 571 5.77 0.77 7.54
C GLU A 571 6.25 -0.37 6.62
N LEU A 572 6.44 -0.06 5.35
CA LEU A 572 6.86 -1.08 4.40
C LEU A 572 8.12 -1.80 4.81
N GLY A 573 9.10 -1.04 5.26
CA GLY A 573 10.34 -1.63 5.71
C GLY A 573 10.15 -2.50 6.93
N ALA A 574 9.38 -1.98 7.89
CA ALA A 574 9.12 -2.69 9.13
C ALA A 574 8.48 -4.05 8.82
N GLY A 575 7.47 -4.03 7.94
CA GLY A 575 6.79 -5.25 7.55
C GLY A 575 7.69 -6.25 6.84
N CYS A 576 8.64 -5.75 6.05
CA CYS A 576 9.53 -6.66 5.35
C CYS A 576 10.39 -7.33 6.39
N SER A 577 10.85 -6.52 7.36
CA SER A 577 11.66 -7.03 8.45
C SER A 577 10.87 -8.07 9.21
N TRP A 578 9.61 -7.74 9.48
CA TRP A 578 8.72 -8.63 10.20
C TRP A 578 8.52 -9.89 9.35
N LEU A 579 8.57 -9.75 8.01
CA LEU A 579 8.40 -10.91 7.13
C LEU A 579 9.62 -11.82 7.17
N ALA A 580 10.81 -11.22 7.11
CA ALA A 580 12.06 -11.95 7.20
C ALA A 580 12.04 -12.76 8.51
N ALA A 581 11.72 -12.07 9.61
CA ALA A 581 11.67 -12.74 10.92
C ALA A 581 10.58 -13.80 10.98
N ALA A 582 9.38 -13.50 10.47
CA ALA A 582 8.29 -14.48 10.53
C ALA A 582 8.43 -15.68 9.60
N THR A 583 9.42 -15.67 8.72
CA THR A 583 9.58 -16.83 7.87
C THR A 583 10.99 -17.40 8.02
N SER A 584 11.71 -16.90 9.04
CA SER A 584 13.06 -17.33 9.35
C SER A 584 13.02 -18.83 9.64
N TYR A 585 11.96 -19.23 10.33
CA TYR A 585 11.72 -20.61 10.69
C TYR A 585 11.88 -21.57 9.50
N SER A 586 11.46 -21.13 8.31
CA SER A 586 11.56 -21.98 7.14
C SER A 586 12.79 -21.71 6.31
N THR A 587 13.16 -20.44 6.16
CA THR A 587 14.30 -20.07 5.36
C THR A 587 15.65 -20.41 5.97
N ASN A 588 15.73 -20.36 7.29
CA ASN A 588 16.98 -20.65 8.00
C ASN A 588 16.80 -21.74 9.05
N ASN A 589 15.64 -22.41 9.05
CA ASN A 589 15.31 -23.43 10.04
C ASN A 589 15.59 -22.89 11.44
N LEU A 590 15.26 -21.62 11.65
CA LEU A 590 15.46 -20.96 12.93
C LEU A 590 14.26 -20.11 13.31
N PRO A 591 13.31 -20.68 14.06
CA PRO A 591 12.15 -19.88 14.44
C PRO A 591 12.49 -18.56 15.15
N MET A 592 11.88 -17.47 14.69
CA MET A 592 12.04 -16.14 15.28
C MET A 592 10.58 -15.70 15.38
N ILE A 593 10.20 -15.07 16.49
CA ILE A 593 8.79 -14.69 16.68
C ILE A 593 8.71 -13.17 16.76
N PRO A 594 8.26 -12.54 15.66
CA PRO A 594 8.17 -11.09 15.66
C PRO A 594 6.82 -10.50 16.05
N PHE A 595 6.88 -9.35 16.72
CA PHE A 595 5.69 -8.63 17.15
C PHE A 595 5.89 -7.22 16.61
N TYR A 596 5.09 -6.85 15.61
CA TYR A 596 5.20 -5.54 15.01
C TYR A 596 4.04 -4.65 15.45
N ILE A 597 4.35 -3.56 16.13
CA ILE A 597 3.33 -2.65 16.60
C ILE A 597 3.57 -1.32 15.93
N TYR A 598 2.48 -0.73 15.46
CA TYR A 598 2.48 0.51 14.69
C TYR A 598 1.03 0.99 14.75
N TYR A 599 0.75 2.14 14.12
CA TYR A 599 -0.61 2.68 14.08
C TYR A 599 -1.49 1.84 13.16
N SER A 600 -2.44 1.10 13.72
CA SER A 600 -3.30 0.21 12.94
C SER A 600 -3.73 0.73 11.56
N MET A 601 -3.93 2.04 11.46
CA MET A 601 -4.36 2.69 10.21
C MET A 601 -3.35 2.46 9.10
N PHE A 602 -2.06 2.48 9.47
CA PHE A 602 -0.99 2.30 8.50
C PHE A 602 -0.56 0.85 8.37
N GLY A 603 -1.50 -0.06 8.61
CA GLY A 603 -1.23 -1.47 8.50
C GLY A 603 -1.62 -1.93 7.10
N PHE A 604 -2.54 -2.88 7.05
CA PHE A 604 -3.03 -3.43 5.79
C PHE A 604 -3.37 -2.33 4.81
N GLN A 605 -4.03 -1.28 5.29
CA GLN A 605 -4.38 -0.18 4.42
C GLN A 605 -3.16 0.37 3.69
N ARG A 606 -2.06 0.51 4.42
CA ARG A 606 -0.85 1.08 3.85
C ARG A 606 0.10 0.06 3.24
N ILE A 607 0.15 -1.17 3.76
CA ILE A 607 1.08 -2.15 3.19
C ILE A 607 0.38 -3.46 2.80
N GLY A 608 -0.94 -3.38 2.62
CA GLY A 608 -1.76 -4.52 2.28
C GLY A 608 -1.24 -5.54 1.30
N ASP A 609 -0.53 -5.08 0.27
CA ASP A 609 0.00 -6.00 -0.72
C ASP A 609 1.16 -6.82 -0.13
N LEU A 610 1.92 -6.25 0.80
CA LEU A 610 3.00 -7.01 1.44
C LEU A 610 2.33 -8.03 2.35
N CYS A 611 1.23 -7.64 3.00
CA CYS A 611 0.51 -8.54 3.88
C CYS A 611 -0.07 -9.75 3.16
N TRP A 612 -0.60 -9.53 1.97
CA TRP A 612 -1.15 -10.63 1.18
C TRP A 612 0.04 -11.50 0.77
N ALA A 613 1.11 -10.86 0.28
CA ALA A 613 2.30 -11.60 -0.11
C ALA A 613 2.78 -12.39 1.10
N ALA A 614 2.57 -11.83 2.28
CA ALA A 614 3.00 -12.49 3.52
C ALA A 614 2.26 -13.81 3.72
N GLY A 615 0.96 -13.83 3.41
CA GLY A 615 0.18 -15.07 3.55
C GLY A 615 0.66 -16.17 2.59
N ASP A 616 1.06 -15.74 1.40
CA ASP A 616 1.57 -16.61 0.35
C ASP A 616 2.91 -17.17 0.88
N GLN A 617 3.68 -16.34 1.60
CA GLN A 617 4.97 -16.77 2.15
C GLN A 617 4.90 -17.55 3.46
N GLN A 618 3.68 -17.91 3.87
CA GLN A 618 3.45 -18.67 5.09
C GLN A 618 4.06 -17.99 6.33
N ALA A 619 4.02 -16.67 6.39
CA ALA A 619 4.57 -15.94 7.54
C ALA A 619 3.81 -16.29 8.79
N ARG A 620 4.53 -16.54 9.87
CA ARG A 620 3.88 -16.87 11.16
C ARG A 620 4.39 -15.80 12.10
N GLY A 621 3.52 -14.90 12.53
CA GLY A 621 3.96 -13.86 13.42
C GLY A 621 2.81 -13.05 13.93
N PHE A 622 3.14 -11.94 14.60
CA PHE A 622 2.12 -11.06 15.15
C PHE A 622 2.25 -9.65 14.59
N LEU A 623 1.11 -9.11 14.15
CA LEU A 623 0.99 -7.76 13.67
C LEU A 623 0.07 -7.18 14.77
N ILE A 624 0.59 -6.22 15.54
CA ILE A 624 -0.18 -5.57 16.63
C ILE A 624 -0.62 -4.21 16.17
N GLY A 625 -1.89 -4.07 15.85
CA GLY A 625 -2.39 -2.79 15.39
C GLY A 625 -2.72 -1.89 16.57
N GLY A 626 -1.78 -1.02 16.95
CA GLY A 626 -1.99 -0.13 18.08
C GLY A 626 -2.85 1.10 17.75
N THR A 627 -3.15 1.89 18.79
CA THR A 627 -3.97 3.08 18.69
C THR A 627 -5.10 2.81 17.73
N SER A 628 -5.82 1.73 17.94
CA SER A 628 -6.92 1.38 17.04
C SER A 628 -8.33 1.77 17.50
N GLY A 629 -9.32 1.56 16.61
CA GLY A 629 -10.69 1.90 16.91
C GLY A 629 -10.90 3.33 16.45
N ARG A 630 -11.92 3.56 15.62
CA ARG A 630 -12.19 4.88 15.09
C ARG A 630 -12.28 5.98 16.16
N THR A 631 -13.07 5.73 17.19
CA THR A 631 -13.27 6.73 18.24
C THR A 631 -12.21 6.83 19.31
N THR A 632 -11.36 5.82 19.41
CA THR A 632 -10.36 5.77 20.48
C THR A 632 -9.08 6.58 20.25
N LEU A 633 -8.65 6.73 19.00
CA LEU A 633 -7.47 7.56 18.72
C LEU A 633 -8.16 8.88 18.35
N ASN A 634 -8.98 9.33 19.31
CA ASN A 634 -9.82 10.50 19.16
C ASN A 634 -9.26 11.81 18.65
N GLY A 635 -8.09 12.23 19.10
CA GLY A 635 -7.60 13.51 18.65
C GLY A 635 -6.97 13.57 17.27
N GLU A 636 -6.45 12.45 16.79
CA GLU A 636 -5.76 12.39 15.51
C GLU A 636 -6.60 12.61 14.26
N GLY A 637 -7.89 12.26 14.32
CA GLY A 637 -8.73 12.49 13.15
C GLY A 637 -8.69 11.55 11.93
N LEU A 638 -9.08 12.12 10.78
CA LEU A 638 -9.24 11.43 9.49
C LEU A 638 -8.30 10.30 9.04
N GLN A 639 -7.02 10.61 8.86
CA GLN A 639 -6.04 9.61 8.39
C GLN A 639 -5.42 8.71 9.47
N HIS A 640 -5.92 8.81 10.72
CA HIS A 640 -5.38 8.01 11.79
C HIS A 640 -6.45 7.17 12.46
N GLU A 641 -7.70 7.60 12.36
CA GLU A 641 -8.74 6.84 13.03
C GLU A 641 -9.17 5.60 12.25
N ASP A 642 -8.81 4.45 12.80
CA ASP A 642 -9.11 3.18 12.18
C ASP A 642 -10.33 2.44 12.68
N GLY A 643 -11.35 2.40 11.82
CA GLY A 643 -12.57 1.68 12.13
C GLY A 643 -12.83 0.68 11.01
N HIS A 644 -11.76 0.27 10.31
CA HIS A 644 -11.92 -0.65 9.18
C HIS A 644 -10.77 -1.60 8.89
N SER A 645 -9.68 -1.55 9.63
CA SER A 645 -8.57 -2.45 9.35
C SER A 645 -8.98 -3.90 9.47
N HIS A 646 -9.97 -4.20 10.30
CA HIS A 646 -10.41 -5.58 10.43
C HIS A 646 -11.14 -6.04 9.20
N ILE A 647 -11.62 -5.08 8.43
CA ILE A 647 -12.32 -5.38 7.21
C ILE A 647 -11.27 -5.75 6.19
N GLN A 648 -10.14 -5.06 6.26
CA GLN A 648 -9.03 -5.28 5.35
C GLN A 648 -8.34 -6.58 5.72
N SER A 649 -8.25 -6.91 7.02
CA SER A 649 -7.58 -8.17 7.42
C SER A 649 -8.41 -9.45 7.28
N LEU A 650 -9.73 -9.32 7.26
CA LEU A 650 -10.54 -10.51 7.09
C LEU A 650 -10.51 -10.99 5.62
N THR A 651 -9.81 -10.27 4.76
CA THR A 651 -9.69 -10.69 3.34
C THR A 651 -8.50 -11.64 3.20
N ILE A 652 -7.61 -11.66 4.20
CA ILE A 652 -6.46 -12.54 4.12
C ILE A 652 -6.84 -13.86 4.82
N PRO A 653 -6.96 -14.96 4.03
CA PRO A 653 -7.32 -16.30 4.51
C PRO A 653 -6.51 -16.80 5.71
N ASN A 654 -5.18 -16.68 5.67
CA ASN A 654 -4.39 -17.19 6.78
C ASN A 654 -3.94 -16.18 7.82
N CYS A 655 -4.77 -15.16 8.03
CA CYS A 655 -4.52 -14.15 9.05
C CYS A 655 -5.64 -14.29 10.06
N ILE A 656 -5.28 -14.35 11.33
CA ILE A 656 -6.24 -14.49 12.42
C ILE A 656 -6.29 -13.16 13.15
N SER A 657 -7.44 -12.52 13.08
CA SER A 657 -7.64 -11.19 13.66
C SER A 657 -8.40 -11.24 14.96
N TYR A 658 -8.05 -10.33 15.86
CA TYR A 658 -8.69 -10.24 17.17
C TYR A 658 -8.83 -8.77 17.62
N ASP A 659 -9.98 -8.43 18.20
CA ASP A 659 -10.27 -7.07 18.70
C ASP A 659 -10.72 -7.22 20.16
N PRO A 660 -9.79 -7.66 21.02
CA PRO A 660 -10.07 -7.85 22.45
C PRO A 660 -10.37 -6.58 23.20
N ALA A 661 -11.10 -6.73 24.29
CA ALA A 661 -11.45 -5.59 25.14
C ALA A 661 -10.57 -5.55 26.39
N TYR A 662 -10.21 -6.71 26.94
CA TYR A 662 -9.43 -6.77 28.17
C TYR A 662 -8.02 -7.35 28.10
N ALA A 663 -7.21 -7.03 29.12
CA ALA A 663 -5.83 -7.53 29.15
C ALA A 663 -5.82 -9.06 29.23
N TYR A 664 -6.74 -9.64 29.99
CA TYR A 664 -6.75 -11.09 30.09
C TYR A 664 -6.99 -11.72 28.72
N GLU A 665 -7.68 -10.99 27.85
CA GLU A 665 -7.95 -11.51 26.54
C GLU A 665 -6.69 -11.50 25.65
N VAL A 666 -5.93 -10.40 25.66
CA VAL A 666 -4.73 -10.39 24.82
C VAL A 666 -3.77 -11.47 25.29
N ALA A 667 -3.76 -11.71 26.60
CA ALA A 667 -2.91 -12.73 27.17
C ALA A 667 -3.27 -14.07 26.56
N VAL A 668 -4.52 -14.47 26.71
CA VAL A 668 -5.02 -15.72 26.16
C VAL A 668 -4.82 -15.79 24.64
N ILE A 669 -5.08 -14.70 23.94
CA ILE A 669 -4.90 -14.70 22.50
C ILE A 669 -3.44 -14.92 22.08
N MET A 670 -2.54 -14.11 22.65
CA MET A 670 -1.12 -14.19 22.35
C MET A 670 -0.53 -15.59 22.64
N HIS A 671 -0.86 -16.16 23.77
CA HIS A 671 -0.38 -17.49 24.13
C HIS A 671 -0.88 -18.50 23.10
N ASP A 672 -2.16 -18.43 22.75
CA ASP A 672 -2.74 -19.34 21.78
C ASP A 672 -2.09 -19.24 20.37
N GLY A 673 -1.70 -18.03 19.96
CA GLY A 673 -1.03 -17.88 18.67
C GLY A 673 0.41 -18.40 18.72
N LEU A 674 1.06 -18.17 19.86
CA LEU A 674 2.42 -18.64 20.09
C LEU A 674 2.41 -20.16 19.98
N GLU A 675 1.43 -20.76 20.65
CA GLU A 675 1.29 -22.20 20.67
C GLU A 675 1.00 -22.74 19.29
N ARG A 676 -0.01 -22.15 18.64
CA ARG A 676 -0.43 -22.59 17.31
C ARG A 676 0.64 -22.42 16.25
N MET A 677 1.19 -21.22 16.16
CA MET A 677 2.22 -20.98 15.17
C MET A 677 3.54 -21.64 15.54
N TYR A 678 4.01 -21.43 16.76
CA TYR A 678 5.31 -21.97 17.14
C TYR A 678 5.39 -23.18 18.05
N GLY A 679 4.24 -23.79 18.29
CA GLY A 679 4.19 -25.01 19.08
C GLY A 679 4.27 -26.15 18.08
N GLU A 680 4.03 -27.37 18.55
CA GLU A 680 4.11 -28.56 17.71
C GLU A 680 3.09 -28.60 16.56
N LYS A 681 2.07 -27.75 16.63
CA LYS A 681 1.04 -27.71 15.58
C LYS A 681 1.59 -27.05 14.31
N GLN A 682 2.49 -26.09 14.49
CA GLN A 682 3.12 -25.36 13.40
C GLN A 682 2.14 -24.95 12.30
N GLU A 683 1.03 -24.39 12.73
CA GLU A 683 0.00 -23.93 11.82
C GLU A 683 0.52 -22.74 11.00
N ASN A 684 0.36 -22.80 9.68
CA ASN A 684 0.81 -21.67 8.87
C ASN A 684 -0.25 -20.57 8.90
N VAL A 685 -0.08 -19.70 9.88
CA VAL A 685 -1.01 -18.60 10.13
C VAL A 685 -0.23 -17.47 10.79
N TYR A 686 -0.74 -16.25 10.67
CA TYR A 686 -0.14 -15.14 11.36
C TYR A 686 -1.29 -14.42 12.06
N TYR A 687 -0.96 -13.60 13.06
CA TYR A 687 -1.99 -12.92 13.83
C TYR A 687 -2.01 -11.42 13.67
N TYR A 688 -3.22 -10.88 13.77
CA TYR A 688 -3.43 -9.46 13.71
C TYR A 688 -4.31 -9.16 14.90
N ILE A 689 -3.74 -8.47 15.88
CA ILE A 689 -4.50 -8.09 17.07
C ILE A 689 -4.45 -6.59 17.14
N THR A 690 -5.61 -5.96 17.32
CA THR A 690 -5.68 -4.50 17.42
C THR A 690 -5.67 -4.20 18.91
N THR A 691 -4.83 -3.26 19.33
CA THR A 691 -4.74 -2.85 20.73
C THR A 691 -5.12 -1.37 20.82
N LEU A 692 -5.47 -0.95 22.03
CA LEU A 692 -5.92 0.40 22.30
C LEU A 692 -4.91 1.25 23.08
N ASN A 693 -5.15 2.56 23.11
CA ASN A 693 -4.30 3.51 23.82
C ASN A 693 -5.12 4.12 24.94
N GLU A 694 -6.28 3.53 25.20
CA GLU A 694 -7.13 4.03 26.24
C GLU A 694 -7.05 3.12 27.45
N ASN A 695 -6.60 3.67 28.59
CA ASN A 695 -6.54 2.88 29.82
C ASN A 695 -7.93 2.83 30.39
N TYR A 696 -8.19 1.76 31.15
CA TYR A 696 -9.46 1.58 31.85
C TYR A 696 -9.41 0.32 32.68
N HIS A 697 -10.36 0.21 33.60
CA HIS A 697 -10.42 -0.94 34.48
C HIS A 697 -10.47 -2.29 33.74
N MET A 698 -9.57 -3.17 34.13
CA MET A 698 -9.46 -4.49 33.54
C MET A 698 -9.94 -5.55 34.53
N PRO A 699 -11.11 -6.15 34.28
CA PRO A 699 -11.55 -7.15 35.24
C PRO A 699 -10.80 -8.47 35.11
N ALA A 700 -11.03 -9.38 36.06
CA ALA A 700 -10.37 -10.66 35.99
C ALA A 700 -11.07 -11.49 34.92
N MET A 701 -10.35 -12.42 34.31
CA MET A 701 -10.96 -13.28 33.31
C MET A 701 -11.94 -14.23 34.00
N PRO A 702 -13.10 -14.50 33.39
CA PRO A 702 -14.04 -15.43 34.05
C PRO A 702 -13.45 -16.83 33.92
N GLU A 703 -13.82 -17.71 34.83
CA GLU A 703 -13.31 -19.10 34.81
C GLU A 703 -13.80 -19.91 33.60
N GLY A 704 -12.89 -20.63 32.96
CA GLY A 704 -13.28 -21.45 31.83
C GLY A 704 -13.61 -20.70 30.56
N ALA A 705 -13.30 -19.40 30.55
CA ALA A 705 -13.57 -18.53 29.40
C ALA A 705 -12.51 -18.62 28.31
N GLU A 706 -11.41 -19.33 28.55
CA GLU A 706 -10.36 -19.38 27.55
C GLU A 706 -10.80 -19.82 26.16
N GLU A 707 -11.41 -21.00 26.07
CA GLU A 707 -11.83 -21.50 24.77
C GLU A 707 -12.64 -20.45 23.99
N GLY A 708 -13.69 -19.91 24.62
CA GLY A 708 -14.50 -18.87 24.00
C GLY A 708 -13.65 -17.70 23.52
N ILE A 709 -12.73 -17.24 24.36
CA ILE A 709 -11.86 -16.14 23.95
C ILE A 709 -11.07 -16.47 22.67
N ARG A 710 -10.62 -17.73 22.52
CA ARG A 710 -9.86 -18.13 21.33
C ARG A 710 -10.82 -18.37 20.17
N LYS A 711 -12.07 -18.70 20.48
CA LYS A 711 -13.06 -18.97 19.45
C LYS A 711 -13.67 -17.69 18.91
N GLY A 712 -13.75 -16.67 19.75
CA GLY A 712 -14.31 -15.41 19.30
C GLY A 712 -15.47 -14.84 20.09
N ILE A 713 -15.99 -15.57 21.07
CA ILE A 713 -17.10 -15.06 21.87
C ILE A 713 -17.39 -15.89 23.11
N TYR A 714 -17.82 -15.21 24.18
CA TYR A 714 -18.18 -15.82 25.44
C TYR A 714 -19.10 -14.86 26.20
N LYS A 715 -20.13 -15.40 26.85
CA LYS A 715 -21.07 -14.60 27.61
C LYS A 715 -20.27 -14.09 28.80
N LEU A 716 -20.14 -12.77 28.87
CA LEU A 716 -19.40 -12.12 29.93
C LEU A 716 -20.18 -12.21 31.24
N GLU A 717 -21.45 -11.86 31.15
CA GLU A 717 -22.33 -11.94 32.30
C GLU A 717 -23.81 -11.83 31.92
N THR A 718 -24.68 -12.10 32.89
CA THR A 718 -26.13 -12.05 32.69
C THR A 718 -26.84 -11.13 33.68
N ILE A 719 -27.51 -10.12 33.16
CA ILE A 719 -28.25 -9.17 33.98
C ILE A 719 -29.74 -9.52 33.92
N GLU A 720 -30.26 -10.12 34.99
CA GLU A 720 -31.68 -10.50 35.04
C GLU A 720 -32.54 -9.25 35.03
N GLY A 721 -33.83 -9.44 34.71
CA GLY A 721 -34.75 -8.32 34.65
C GLY A 721 -36.12 -8.69 34.08
N SER A 722 -37.17 -8.14 34.67
CA SER A 722 -38.52 -8.41 34.19
C SER A 722 -38.75 -7.32 33.17
N LYS A 723 -39.69 -7.53 32.26
CA LYS A 723 -40.03 -6.56 31.20
C LYS A 723 -39.40 -6.89 29.85
N GLY A 724 -38.28 -7.59 29.87
CA GLY A 724 -37.67 -7.93 28.60
C GLY A 724 -36.27 -8.49 28.71
N LYS A 725 -35.79 -9.07 27.61
CA LYS A 725 -34.46 -9.63 27.59
C LYS A 725 -33.76 -9.28 26.28
N VAL A 726 -32.52 -8.87 26.37
CA VAL A 726 -31.76 -8.55 25.17
C VAL A 726 -30.38 -9.14 25.37
N GLN A 727 -29.60 -9.17 24.29
CA GLN A 727 -28.24 -9.68 24.33
C GLN A 727 -27.39 -8.52 23.85
N LEU A 728 -26.28 -8.28 24.53
CA LEU A 728 -25.44 -7.16 24.14
C LEU A 728 -24.05 -7.61 23.82
N LEU A 729 -23.64 -7.40 22.57
CA LEU A 729 -22.31 -7.80 22.12
C LEU A 729 -21.43 -6.58 21.86
N GLY A 730 -20.17 -6.69 22.28
CA GLY A 730 -19.23 -5.60 22.05
C GLY A 730 -17.81 -6.13 21.92
N SER A 731 -16.91 -5.32 21.35
CA SER A 731 -15.51 -5.74 21.23
C SER A 731 -14.64 -4.51 21.47
N GLY A 732 -13.31 -4.69 21.47
CA GLY A 732 -12.41 -3.57 21.69
C GLY A 732 -12.76 -2.58 22.80
N SER A 733 -12.68 -1.29 22.51
CA SER A 733 -12.98 -0.32 23.55
C SER A 733 -14.49 -0.02 23.71
N ILE A 734 -15.31 -0.63 22.86
CA ILE A 734 -16.74 -0.37 22.91
C ILE A 734 -17.50 -1.30 23.87
N LEU A 735 -16.97 -2.50 24.11
CA LEU A 735 -17.59 -3.45 25.01
C LEU A 735 -17.95 -2.79 26.35
N ARG A 736 -17.01 -1.98 26.84
CA ARG A 736 -17.11 -1.26 28.09
C ARG A 736 -18.35 -0.36 28.09
N HIS A 737 -18.70 0.17 26.92
CA HIS A 737 -19.87 1.03 26.83
C HIS A 737 -21.15 0.23 26.66
N VAL A 738 -21.07 -0.96 26.06
CA VAL A 738 -22.28 -1.77 25.92
C VAL A 738 -22.61 -2.32 27.31
N ARG A 739 -21.59 -2.56 28.13
CA ARG A 739 -21.83 -3.06 29.48
C ARG A 739 -22.46 -1.97 30.32
N GLU A 740 -22.20 -0.70 29.99
CA GLU A 740 -22.82 0.41 30.72
C GLU A 740 -24.25 0.48 30.19
N ALA A 741 -24.39 0.16 28.92
CA ALA A 741 -25.68 0.18 28.26
C ALA A 741 -26.60 -0.91 28.81
N ALA A 742 -25.98 -1.99 29.31
CA ALA A 742 -26.70 -3.12 29.89
C ALA A 742 -27.21 -2.76 31.28
N GLU A 743 -26.34 -2.14 32.09
CA GLU A 743 -26.73 -1.75 33.43
C GLU A 743 -27.90 -0.77 33.31
N ILE A 744 -27.74 0.24 32.46
CA ILE A 744 -28.78 1.24 32.23
C ILE A 744 -30.08 0.60 31.76
N LEU A 745 -29.99 -0.36 30.85
CA LEU A 745 -31.20 -1.02 30.38
C LEU A 745 -31.88 -1.70 31.57
N ALA A 746 -31.09 -2.36 32.39
CA ALA A 746 -31.63 -3.04 33.56
C ALA A 746 -32.25 -2.04 34.55
N LYS A 747 -31.40 -1.16 35.09
CA LYS A 747 -31.83 -0.18 36.07
C LYS A 747 -33.00 0.68 35.64
N ASP A 748 -32.87 1.37 34.51
CA ASP A 748 -33.94 2.25 34.03
C ASP A 748 -35.14 1.64 33.33
N TYR A 749 -34.96 0.49 32.68
CA TYR A 749 -36.09 -0.10 31.97
C TYR A 749 -36.49 -1.53 32.35
N GLY A 750 -35.83 -2.11 33.36
CA GLY A 750 -36.16 -3.47 33.75
C GLY A 750 -35.66 -4.51 32.76
N VAL A 751 -35.37 -4.08 31.54
CA VAL A 751 -34.88 -4.98 30.52
C VAL A 751 -33.62 -5.74 30.94
N GLY A 752 -33.70 -7.06 31.00
CA GLY A 752 -32.56 -7.86 31.37
C GLY A 752 -31.69 -8.17 30.17
N SER A 753 -30.53 -8.80 30.37
CA SER A 753 -29.66 -9.12 29.24
C SER A 753 -28.50 -10.08 29.46
N ASP A 754 -28.01 -10.58 28.33
CA ASP A 754 -26.86 -11.46 28.24
C ASP A 754 -25.82 -10.54 27.57
N VAL A 755 -24.69 -10.34 28.24
CA VAL A 755 -23.62 -9.50 27.73
C VAL A 755 -22.46 -10.37 27.24
N TYR A 756 -22.08 -10.19 25.98
CA TYR A 756 -21.00 -10.99 25.39
C TYR A 756 -19.80 -10.19 24.92
N SER A 757 -18.61 -10.60 25.33
CA SER A 757 -17.40 -9.94 24.87
C SER A 757 -17.06 -10.65 23.59
N VAL A 758 -16.95 -9.92 22.48
CA VAL A 758 -16.62 -10.58 21.22
C VAL A 758 -15.16 -10.27 20.90
N THR A 759 -14.32 -11.27 21.06
CA THR A 759 -12.90 -11.10 20.80
C THR A 759 -12.57 -11.17 19.31
N SER A 760 -13.41 -11.86 18.56
CA SER A 760 -13.16 -11.93 17.13
C SER A 760 -14.40 -12.22 16.30
N PHE A 761 -15.01 -11.16 15.82
CA PHE A 761 -16.18 -11.28 14.99
C PHE A 761 -15.82 -12.03 13.70
N THR A 762 -14.62 -11.80 13.18
CA THR A 762 -14.19 -12.46 11.93
C THR A 762 -14.05 -13.99 12.03
N GLU A 763 -13.41 -14.45 13.09
CA GLU A 763 -13.27 -15.88 13.25
C GLU A 763 -14.60 -16.58 13.42
N LEU A 764 -15.51 -15.95 14.17
CA LEU A 764 -16.84 -16.50 14.37
C LEU A 764 -17.50 -16.57 13.01
N ALA A 765 -17.27 -15.53 12.20
CA ALA A 765 -17.84 -15.43 10.86
C ALA A 765 -17.35 -16.56 9.98
N ARG A 766 -16.05 -16.84 10.04
CA ARG A 766 -15.51 -17.92 9.25
C ARG A 766 -16.11 -19.22 9.74
N ASP A 767 -16.21 -19.34 11.06
CA ASP A 767 -16.79 -20.54 11.67
C ASP A 767 -18.23 -20.69 11.15
N GLY A 768 -18.92 -19.57 10.92
CA GLY A 768 -20.29 -19.64 10.49
C GLY A 768 -20.40 -20.10 9.06
N GLN A 769 -19.55 -19.52 8.22
CA GLN A 769 -19.50 -19.85 6.80
C GLN A 769 -19.16 -21.33 6.64
N ASP A 770 -18.19 -21.80 7.43
CA ASP A 770 -17.76 -23.21 7.40
C ASP A 770 -18.86 -24.19 7.76
N CYS A 771 -19.67 -23.86 8.75
CA CYS A 771 -20.73 -24.76 9.11
C CYS A 771 -21.80 -24.68 8.00
N GLU A 772 -22.10 -23.46 7.56
CA GLU A 772 -23.09 -23.29 6.48
C GLU A 772 -22.61 -24.05 5.23
N ARG A 773 -21.34 -23.91 4.87
CA ARG A 773 -20.76 -24.60 3.71
C ARG A 773 -20.94 -26.13 3.81
N TRP A 774 -20.56 -26.70 4.96
CA TRP A 774 -20.70 -28.14 5.24
C TRP A 774 -22.18 -28.57 5.29
N ASN A 775 -23.06 -27.77 5.90
CA ASN A 775 -24.48 -28.13 5.95
C ASN A 775 -25.08 -28.26 4.56
N MET A 776 -24.74 -27.33 3.66
CA MET A 776 -25.29 -27.40 2.28
C MET A 776 -24.69 -28.58 1.50
N LEU A 777 -23.42 -28.88 1.74
CA LEU A 777 -22.79 -30.00 1.06
C LEU A 777 -23.14 -31.33 1.71
N HIS A 778 -23.85 -31.31 2.84
CA HIS A 778 -24.24 -32.57 3.48
C HIS A 778 -25.71 -32.56 3.80
N PRO A 779 -26.55 -32.48 2.75
CA PRO A 779 -28.02 -32.44 2.82
C PRO A 779 -28.70 -33.51 3.67
N LEU A 780 -28.05 -34.65 3.84
CA LEU A 780 -28.65 -35.73 4.64
C LEU A 780 -28.10 -35.77 6.05
N GLU A 781 -27.40 -34.72 6.47
CA GLU A 781 -26.85 -34.72 7.81
C GLU A 781 -27.53 -33.66 8.67
N THR A 782 -27.50 -33.87 9.97
CA THR A 782 -28.09 -32.90 10.87
C THR A 782 -27.20 -31.65 10.83
N PRO A 783 -27.80 -30.47 10.53
CA PRO A 783 -27.12 -29.18 10.43
C PRO A 783 -26.16 -28.91 11.58
N ARG A 784 -24.92 -28.64 11.23
CA ARG A 784 -23.98 -28.34 12.28
C ARG A 784 -24.27 -26.90 12.66
N VAL A 785 -24.05 -26.61 13.94
CA VAL A 785 -24.32 -25.28 14.47
C VAL A 785 -23.06 -24.45 14.71
N PRO A 786 -23.01 -23.24 14.14
CA PRO A 786 -21.84 -22.38 14.33
C PRO A 786 -21.70 -22.00 15.80
N TYR A 787 -20.46 -21.90 16.29
CA TYR A 787 -20.14 -21.58 17.68
C TYR A 787 -20.86 -20.38 18.26
N ILE A 788 -20.91 -19.30 17.51
CA ILE A 788 -21.58 -18.11 18.01
C ILE A 788 -23.03 -18.47 18.32
N ALA A 789 -23.64 -19.31 17.48
CA ALA A 789 -25.03 -19.72 17.65
C ALA A 789 -25.21 -20.64 18.86
N GLN A 790 -24.15 -21.33 19.24
CA GLN A 790 -24.24 -22.19 20.41
C GLN A 790 -24.18 -21.28 21.64
N VAL A 791 -23.32 -20.27 21.57
CA VAL A 791 -23.15 -19.32 22.66
C VAL A 791 -24.33 -18.43 22.99
N MET A 792 -24.99 -17.89 21.96
CA MET A 792 -26.12 -16.97 22.16
C MET A 792 -27.44 -17.70 22.19
N ASN A 793 -28.53 -16.94 22.34
CA ASN A 793 -29.86 -17.51 22.33
C ASN A 793 -30.70 -16.75 21.29
N ASP A 794 -32.02 -16.90 21.33
CA ASP A 794 -32.92 -16.24 20.37
C ASP A 794 -33.39 -14.84 20.72
N ALA A 795 -33.06 -14.37 21.93
CA ALA A 795 -33.45 -13.03 22.37
C ALA A 795 -32.91 -11.92 21.47
N PRO A 796 -33.70 -10.86 21.24
CA PRO A 796 -33.29 -9.73 20.39
C PRO A 796 -31.93 -9.18 20.81
N ALA A 797 -30.95 -9.26 19.90
CA ALA A 797 -29.57 -8.84 20.18
C ALA A 797 -29.08 -7.50 19.59
N VAL A 798 -28.14 -6.87 20.29
CA VAL A 798 -27.53 -5.60 19.89
C VAL A 798 -25.99 -5.67 20.01
N ALA A 799 -25.30 -5.32 18.92
CA ALA A 799 -23.84 -5.32 18.90
C ALA A 799 -23.26 -3.96 18.49
N SER A 800 -22.24 -3.52 19.21
CA SER A 800 -21.62 -2.23 18.89
C SER A 800 -20.11 -2.40 18.95
N THR A 801 -19.39 -1.82 17.99
CA THR A 801 -17.92 -1.91 17.98
C THR A 801 -17.36 -0.58 17.52
N ASP A 802 -16.04 -0.41 17.64
CA ASP A 802 -15.35 0.82 17.23
C ASP A 802 -14.89 0.72 15.76
N TYR A 803 -15.52 -0.18 15.00
CA TYR A 803 -15.22 -0.42 13.59
C TYR A 803 -16.54 -0.35 12.84
N MET A 804 -16.50 -0.05 11.53
CA MET A 804 -17.73 0.07 10.74
C MET A 804 -18.68 -1.11 10.98
N LYS A 805 -19.98 -0.89 10.76
CA LYS A 805 -21.02 -1.90 11.04
C LYS A 805 -20.85 -3.32 10.47
N LEU A 806 -20.16 -3.43 9.34
CA LEU A 806 -19.96 -4.73 8.71
C LEU A 806 -19.17 -5.69 9.62
N PHE A 807 -18.34 -5.11 10.47
CA PHE A 807 -17.51 -5.92 11.37
C PHE A 807 -18.32 -6.91 12.22
N ALA A 808 -19.37 -6.43 12.87
CA ALA A 808 -20.21 -7.29 13.69
C ALA A 808 -21.34 -7.86 12.83
N GLU A 809 -21.64 -7.22 11.68
CA GLU A 809 -22.69 -7.72 10.77
C GLU A 809 -22.34 -9.01 9.99
N GLN A 810 -21.04 -9.24 9.77
CA GLN A 810 -20.59 -10.41 9.01
C GLN A 810 -21.10 -11.72 9.59
N VAL A 811 -21.49 -11.71 10.86
CA VAL A 811 -21.98 -12.91 11.51
C VAL A 811 -23.51 -12.99 11.61
N ARG A 812 -24.20 -12.00 11.06
CA ARG A 812 -25.67 -11.95 11.09
C ARG A 812 -26.32 -13.31 10.82
N THR A 813 -25.99 -13.88 9.67
CA THR A 813 -26.54 -15.15 9.24
C THR A 813 -26.47 -16.22 10.30
N TYR A 814 -25.57 -16.03 11.26
CA TYR A 814 -25.35 -17.00 12.32
C TYR A 814 -25.94 -16.67 13.69
N VAL A 815 -26.30 -15.41 13.88
CA VAL A 815 -26.89 -15.03 15.15
C VAL A 815 -28.31 -15.57 15.11
N PRO A 816 -28.66 -16.45 16.06
CA PRO A 816 -29.99 -17.06 16.16
C PRO A 816 -31.07 -16.22 16.79
N ALA A 817 -31.12 -14.93 16.46
CA ALA A 817 -32.17 -14.09 17.01
C ALA A 817 -32.83 -13.43 15.81
N ASP A 818 -34.15 -13.32 15.81
CA ASP A 818 -34.83 -12.66 14.71
C ASP A 818 -34.30 -11.23 14.63
N ASP A 819 -34.08 -10.60 15.78
CA ASP A 819 -33.58 -9.23 15.81
C ASP A 819 -32.10 -9.19 16.19
N TYR A 820 -31.29 -8.60 15.31
CA TYR A 820 -29.86 -8.41 15.50
C TYR A 820 -29.61 -7.03 14.89
N ARG A 821 -29.44 -6.02 15.73
CA ARG A 821 -29.18 -4.68 15.22
C ARG A 821 -27.72 -4.30 15.50
N VAL A 822 -27.02 -3.85 14.47
CA VAL A 822 -25.62 -3.52 14.57
C VAL A 822 -25.19 -2.03 14.56
N LEU A 823 -24.35 -1.64 15.52
CA LEU A 823 -23.85 -0.27 15.60
C LEU A 823 -22.38 -0.25 15.19
N GLY A 824 -21.92 0.85 14.61
CA GLY A 824 -20.54 0.92 14.18
C GLY A 824 -20.08 2.29 13.74
N THR A 825 -18.76 2.43 13.56
CA THR A 825 -18.16 3.70 13.19
C THR A 825 -17.97 4.03 11.71
N ASP A 826 -18.97 3.68 10.90
CA ASP A 826 -18.95 3.94 9.46
C ASP A 826 -18.74 5.41 9.26
N GLY A 827 -17.76 5.78 8.45
CA GLY A 827 -17.51 7.18 8.22
C GLY A 827 -16.10 7.67 8.49
N PHE A 828 -15.79 8.81 7.91
CA PHE A 828 -14.49 9.42 8.07
C PHE A 828 -14.30 9.94 9.52
N GLY A 829 -13.10 9.70 10.03
CA GLY A 829 -12.76 10.14 11.37
C GLY A 829 -12.52 11.63 11.33
N ARG A 830 -12.49 12.20 12.54
CA ARG A 830 -12.28 13.62 12.77
C ARG A 830 -11.80 13.82 14.22
N SER A 831 -11.26 14.99 14.50
CA SER A 831 -10.72 15.28 15.81
C SER A 831 -11.71 15.77 16.86
N ASP A 832 -11.83 15.01 17.95
CA ASP A 832 -12.73 15.39 19.04
C ASP A 832 -12.43 14.53 20.26
N SER A 833 -13.27 14.62 21.30
CA SER A 833 -13.04 13.83 22.50
C SER A 833 -13.56 12.43 22.27
N ARG A 834 -13.01 11.45 22.98
CA ARG A 834 -13.50 10.08 22.82
C ARG A 834 -15.04 10.05 22.91
N GLU A 835 -15.59 10.72 23.93
CA GLU A 835 -17.02 10.80 24.20
C GLU A 835 -17.81 11.42 23.05
N ASN A 836 -17.39 12.59 22.59
CA ASN A 836 -18.07 13.22 21.48
C ASN A 836 -18.03 12.32 20.24
N LEU A 837 -16.87 11.72 19.97
CA LEU A 837 -16.77 10.85 18.80
C LEU A 837 -17.68 9.64 18.96
N ARG A 838 -17.72 9.08 20.16
CA ARG A 838 -18.54 7.88 20.42
C ARG A 838 -20.04 8.18 20.35
N HIS A 839 -20.38 9.47 20.40
CA HIS A 839 -21.76 9.89 20.29
C HIS A 839 -21.97 10.21 18.79
N HIS A 840 -20.97 10.81 18.15
CA HIS A 840 -21.05 11.13 16.73
C HIS A 840 -21.23 9.89 15.83
N PHE A 841 -20.48 8.85 16.15
CA PHE A 841 -20.52 7.60 15.40
C PHE A 841 -21.65 6.66 15.84
N GLU A 842 -22.41 7.09 16.82
CA GLU A 842 -23.56 6.34 17.28
C GLU A 842 -23.28 4.95 17.84
N VAL A 843 -22.24 4.84 18.67
CA VAL A 843 -21.86 3.54 19.23
C VAL A 843 -21.80 3.47 20.75
N ASP A 844 -21.86 4.63 21.41
CA ASP A 844 -21.77 4.68 22.87
C ASP A 844 -23.02 4.13 23.55
N ALA A 845 -22.95 4.08 24.86
CA ALA A 845 -24.02 3.58 25.72
C ALA A 845 -25.46 3.92 25.33
N SER A 846 -25.77 5.21 25.27
CA SER A 846 -27.10 5.65 24.93
C SER A 846 -27.68 5.07 23.61
N TYR A 847 -26.84 4.78 22.62
CA TYR A 847 -27.31 4.25 21.34
C TYR A 847 -27.51 2.77 21.48
N VAL A 848 -26.79 2.18 22.40
CA VAL A 848 -26.94 0.76 22.59
C VAL A 848 -28.32 0.56 23.21
N VAL A 849 -28.68 1.46 24.12
CA VAL A 849 -29.97 1.39 24.78
C VAL A 849 -31.09 1.68 23.79
N VAL A 850 -31.02 2.82 23.12
CA VAL A 850 -32.07 3.13 22.17
C VAL A 850 -32.24 1.97 21.22
N ALA A 851 -31.14 1.49 20.66
CA ALA A 851 -31.23 0.35 19.76
C ALA A 851 -31.89 -0.86 20.43
N ALA A 852 -31.57 -1.11 21.69
CA ALA A 852 -32.12 -2.27 22.39
C ALA A 852 -33.62 -2.11 22.60
N LEU A 853 -34.04 -0.92 22.97
CA LEU A 853 -35.43 -0.66 23.21
C LEU A 853 -36.16 -0.79 21.89
N GLY A 854 -35.56 -0.27 20.83
CA GLY A 854 -36.17 -0.34 19.51
C GLY A 854 -36.66 -1.73 19.20
N GLU A 855 -35.77 -2.72 19.37
CA GLU A 855 -36.10 -4.11 19.10
C GLU A 855 -37.15 -4.67 20.02
N LEU A 856 -37.33 -4.06 21.19
CA LEU A 856 -38.33 -4.53 22.14
C LEU A 856 -39.67 -3.95 21.73
N ALA A 857 -39.64 -2.83 21.04
CA ALA A 857 -40.86 -2.22 20.54
C ALA A 857 -41.20 -3.00 19.28
N LYS A 858 -40.35 -2.89 18.26
CA LYS A 858 -40.54 -3.59 16.99
C LYS A 858 -41.23 -4.92 17.24
N ARG A 859 -40.76 -5.66 18.23
CA ARG A 859 -41.35 -6.96 18.55
C ARG A 859 -42.77 -6.79 19.05
N GLY A 860 -42.96 -5.83 19.95
CA GLY A 860 -44.26 -5.58 20.51
C GLY A 860 -44.27 -5.50 22.03
N GLU A 861 -43.32 -6.18 22.64
CA GLU A 861 -43.16 -6.24 24.10
C GLU A 861 -43.30 -4.92 24.89
N ILE A 862 -42.66 -3.84 24.43
CA ILE A 862 -42.78 -2.57 25.13
C ILE A 862 -43.31 -1.47 24.19
N ASP A 863 -43.95 -0.45 24.76
CA ASP A 863 -44.51 0.67 23.98
C ASP A 863 -43.44 1.45 23.24
N LYS A 864 -43.66 1.64 21.93
CA LYS A 864 -42.75 2.36 21.08
C LYS A 864 -42.47 3.77 21.58
N LYS A 865 -43.31 4.26 22.49
CA LYS A 865 -43.11 5.60 23.04
C LYS A 865 -41.92 5.61 23.99
N VAL A 866 -41.55 4.43 24.49
CA VAL A 866 -40.42 4.35 25.38
C VAL A 866 -39.18 4.60 24.54
N VAL A 867 -39.12 4.03 23.34
CA VAL A 867 -37.94 4.29 22.53
C VAL A 867 -37.96 5.73 22.05
N ALA A 868 -39.13 6.39 22.10
CA ALA A 868 -39.22 7.80 21.69
C ALA A 868 -38.66 8.67 22.79
N ASP A 869 -39.01 8.36 24.03
CA ASP A 869 -38.50 9.14 25.16
C ASP A 869 -37.01 8.94 25.36
N ALA A 870 -36.59 7.69 25.19
CA ALA A 870 -35.17 7.31 25.31
C ALA A 870 -34.33 8.21 24.41
N ILE A 871 -34.79 8.42 23.18
CA ILE A 871 -34.07 9.29 22.23
C ILE A 871 -33.97 10.67 22.85
N ALA A 872 -35.06 11.12 23.43
CA ALA A 872 -35.11 12.43 24.08
C ALA A 872 -34.22 12.47 25.33
N LYS A 873 -34.46 11.55 26.25
CA LYS A 873 -33.67 11.49 27.48
C LYS A 873 -32.14 11.55 27.27
N PHE A 874 -31.62 10.73 26.35
CA PHE A 874 -30.19 10.67 26.06
C PHE A 874 -29.60 11.71 25.14
N ASN A 875 -30.34 12.79 24.89
CA ASN A 875 -29.84 13.84 24.02
C ASN A 875 -29.39 13.25 22.69
N ILE A 876 -30.29 12.54 22.03
CA ILE A 876 -29.93 11.95 20.75
C ILE A 876 -30.60 12.68 19.64
N ASP A 877 -29.78 13.22 18.74
CA ASP A 877 -30.22 13.96 17.55
C ASP A 877 -30.52 12.95 16.47
N ALA A 878 -31.78 12.58 16.37
CA ALA A 878 -32.27 11.59 15.42
C ALA A 878 -32.21 12.04 13.97
N ASP A 879 -32.08 13.33 13.74
CA ASP A 879 -32.06 13.79 12.37
C ASP A 879 -30.75 14.31 11.81
N LYS A 880 -29.65 14.10 12.52
CA LYS A 880 -28.37 14.56 12.02
C LYS A 880 -27.89 13.61 10.90
N VAL A 881 -26.97 14.09 10.06
CA VAL A 881 -26.49 13.29 8.95
C VAL A 881 -25.90 11.93 9.32
N ASN A 882 -25.98 10.98 8.38
CA ASN A 882 -25.43 9.66 8.59
C ASN A 882 -23.92 9.82 8.71
N PRO A 883 -23.32 9.29 9.78
CA PRO A 883 -21.87 9.41 9.93
C PRO A 883 -21.09 8.94 8.69
N ARG A 884 -21.68 8.03 7.89
CA ARG A 884 -20.99 7.58 6.69
C ARG A 884 -20.85 8.75 5.72
N LEU A 885 -21.86 9.63 5.67
CA LEU A 885 -21.84 10.76 4.76
C LEU A 885 -21.18 12.02 5.35
N ALA A 886 -21.20 12.12 6.67
CA ALA A 886 -20.60 13.27 7.34
C ALA A 886 -19.16 13.44 6.87
N ILE B 56 28.44 14.21 -3.32
CA ILE B 56 28.04 15.24 -2.32
C ILE B 56 29.05 16.39 -2.26
N SER B 57 28.55 17.54 -1.84
CA SER B 57 29.39 18.74 -1.72
C SER B 57 29.69 18.95 -0.24
N ASN B 58 30.54 19.93 0.05
CA ASN B 58 30.92 20.22 1.41
C ASN B 58 29.75 20.55 2.30
N TYR B 59 29.90 20.21 3.58
CA TYR B 59 28.86 20.46 4.57
C TYR B 59 28.70 21.96 4.84
N ILE B 60 28.52 22.74 3.77
CA ILE B 60 28.28 24.17 3.87
C ILE B 60 27.18 24.56 2.89
N ASN B 61 26.69 25.79 3.04
CA ASN B 61 25.62 26.31 2.20
C ASN B 61 25.97 26.18 0.72
N THR B 62 24.96 25.96 -0.11
CA THR B 62 25.18 25.84 -1.55
C THR B 62 25.49 27.20 -2.17
N ILE B 63 24.78 28.21 -1.66
CA ILE B 63 24.90 29.59 -2.09
C ILE B 63 25.89 30.33 -1.16
N PRO B 64 27.07 30.71 -1.69
CA PRO B 64 28.03 31.43 -0.83
C PRO B 64 27.49 32.84 -0.66
N VAL B 65 27.91 33.54 0.38
CA VAL B 65 27.42 34.88 0.65
C VAL B 65 27.63 35.88 -0.49
N GLU B 66 28.69 35.73 -1.27
CA GLU B 66 28.93 36.65 -2.37
C GLU B 66 28.05 36.34 -3.59
N GLU B 67 27.10 35.42 -3.43
CA GLU B 67 26.20 35.07 -4.54
C GLU B 67 24.74 35.16 -4.09
N GLN B 68 24.57 35.51 -2.83
CA GLN B 68 23.30 35.59 -2.15
C GLN B 68 22.52 36.91 -2.31
N PRO B 69 21.31 36.85 -2.90
CA PRO B 69 20.49 38.04 -3.12
C PRO B 69 20.18 38.80 -1.83
N GLU B 70 20.05 40.12 -1.95
CA GLU B 70 19.75 40.98 -0.83
C GLU B 70 18.34 40.66 -0.33
N TYR B 71 18.20 40.50 0.98
CA TYR B 71 16.90 40.18 1.54
C TYR B 71 15.92 41.34 1.31
N PRO B 72 14.84 41.08 0.55
CA PRO B 72 13.79 42.06 0.20
C PRO B 72 12.82 42.49 1.27
N GLY B 73 12.69 41.70 2.32
CA GLY B 73 11.74 42.02 3.37
C GLY B 73 12.27 42.72 4.59
N ASN B 74 11.35 43.09 5.48
CA ASN B 74 11.67 43.76 6.72
C ASN B 74 11.93 42.67 7.76
N LEU B 75 13.21 42.33 7.92
CA LEU B 75 13.64 41.32 8.86
C LEU B 75 13.11 41.50 10.27
N GLU B 76 13.31 42.70 10.80
CA GLU B 76 12.89 43.01 12.14
C GLU B 76 11.36 42.96 12.32
N LEU B 77 10.63 43.33 11.28
CA LEU B 77 9.16 43.30 11.37
C LEU B 77 8.63 41.87 11.19
N GLU B 78 9.26 41.09 10.32
CA GLU B 78 8.80 39.73 10.10
C GLU B 78 9.02 38.91 11.38
N ARG B 79 10.07 39.26 12.11
CA ARG B 79 10.44 38.61 13.37
C ARG B 79 9.29 38.75 14.35
N ARG B 80 8.86 40.00 14.56
CA ARG B 80 7.76 40.31 15.46
C ARG B 80 6.53 39.53 15.05
N ILE B 81 6.25 39.50 13.74
CA ILE B 81 5.08 38.82 13.24
C ILE B 81 5.09 37.31 13.50
N ARG B 82 6.15 36.67 13.04
CA ARG B 82 6.34 35.25 13.19
C ARG B 82 6.27 34.87 14.67
N SER B 83 6.90 35.69 15.48
CA SER B 83 6.91 35.43 16.89
C SER B 83 5.52 35.42 17.52
N ALA B 84 4.59 36.24 17.04
CA ALA B 84 3.25 36.20 17.62
C ALA B 84 2.51 34.95 17.08
N ILE B 85 3.00 34.43 15.95
CA ILE B 85 2.44 33.24 15.35
C ILE B 85 2.93 32.00 16.13
N ARG B 86 4.23 31.92 16.42
CA ARG B 86 4.74 30.79 17.19
C ARG B 86 3.93 30.70 18.49
N TRP B 87 3.77 31.84 19.15
CA TRP B 87 3.02 31.99 20.38
C TRP B 87 1.60 31.46 20.25
N ASN B 88 0.80 32.06 19.37
CA ASN B 88 -0.56 31.59 19.20
C ASN B 88 -0.58 30.11 18.90
N ALA B 89 0.33 29.65 18.05
CA ALA B 89 0.42 28.23 17.68
C ALA B 89 0.60 27.47 18.97
N ILE B 90 1.47 27.99 19.83
CA ILE B 90 1.70 27.37 21.10
C ILE B 90 0.46 27.49 22.01
N MET B 91 -0.15 28.67 22.08
CA MET B 91 -1.34 28.82 22.94
C MET B 91 -2.44 27.85 22.52
N THR B 92 -2.63 27.71 21.21
CA THR B 92 -3.65 26.83 20.64
C THR B 92 -3.59 25.40 21.16
N VAL B 93 -2.38 24.87 21.23
CA VAL B 93 -2.13 23.51 21.71
C VAL B 93 -2.24 23.36 23.23
N LEU B 94 -1.57 24.23 23.99
CA LEU B 94 -1.63 24.15 25.45
C LEU B 94 -3.07 24.23 25.87
N ARG B 95 -3.76 25.18 25.28
CA ARG B 95 -5.16 25.39 25.58
C ARG B 95 -5.87 24.05 25.40
N ALA B 96 -5.48 23.34 24.34
CA ALA B 96 -6.08 22.04 24.03
C ALA B 96 -5.75 21.03 25.13
N SER B 97 -4.52 21.03 25.61
CA SER B 97 -4.10 20.13 26.68
C SER B 97 -4.92 20.33 27.97
N LYS B 98 -4.92 21.56 28.49
CA LYS B 98 -5.65 21.82 29.72
C LYS B 98 -6.98 21.08 29.76
N LYS B 99 -7.71 21.07 28.65
CA LYS B 99 -9.01 20.38 28.58
C LYS B 99 -8.92 18.96 29.15
N ASP B 100 -7.73 18.37 29.09
CA ASP B 100 -7.50 17.03 29.60
C ASP B 100 -8.43 15.99 28.96
N LEU B 101 -8.70 16.13 27.66
CA LEU B 101 -9.56 15.19 26.95
C LEU B 101 -8.73 14.45 25.89
N GLU B 102 -7.43 14.30 26.16
CA GLU B 102 -6.53 13.60 25.25
C GLU B 102 -6.69 14.08 23.81
N LEU B 103 -6.47 15.37 23.55
CA LEU B 103 -6.61 15.88 22.19
C LEU B 103 -5.36 15.82 21.34
N GLY B 104 -4.20 16.01 21.92
CA GLY B 104 -2.97 15.98 21.15
C GLY B 104 -2.70 17.29 20.41
N GLY B 105 -1.66 17.29 19.57
CA GLY B 105 -1.29 18.47 18.81
C GLY B 105 0.21 18.71 19.00
N HIS B 106 0.91 19.18 17.98
CA HIS B 106 2.36 19.40 18.10
C HIS B 106 2.79 20.86 18.02
N MET B 107 3.95 21.13 18.60
CA MET B 107 4.50 22.48 18.61
C MET B 107 5.95 22.41 18.13
N ALA B 108 6.67 21.39 18.62
CA ALA B 108 8.08 21.20 18.28
C ALA B 108 8.40 21.22 16.79
N SER B 109 7.67 20.43 15.99
CA SER B 109 7.91 20.41 14.53
C SER B 109 7.83 21.79 13.86
N PHE B 110 6.88 22.62 14.32
CA PHE B 110 6.68 23.95 13.74
C PHE B 110 7.71 24.99 14.17
N GLN B 111 8.04 25.02 15.47
CA GLN B 111 9.04 25.97 15.95
C GLN B 111 10.33 25.81 15.15
N SER B 112 10.61 24.58 14.74
CA SER B 112 11.83 24.32 14.00
C SER B 112 11.77 24.80 12.56
N SER B 113 10.63 24.65 11.91
CA SER B 113 10.49 25.06 10.51
C SER B 113 9.79 26.42 10.29
N ALA B 114 9.13 26.93 11.32
CA ALA B 114 8.42 28.22 11.26
C ALA B 114 9.04 29.27 10.35
N THR B 115 10.34 29.51 10.49
CA THR B 115 10.96 30.54 9.65
C THR B 115 10.94 30.19 8.16
N ILE B 116 11.09 28.90 7.86
CA ILE B 116 11.09 28.43 6.47
C ILE B 116 9.75 28.75 5.82
N TYR B 117 8.67 28.49 6.54
CA TYR B 117 7.34 28.79 6.04
C TYR B 117 7.12 30.31 6.03
N ASP B 118 7.61 30.98 7.06
CA ASP B 118 7.46 32.44 7.14
C ASP B 118 8.02 33.12 5.87
N VAL B 119 9.26 32.81 5.49
CA VAL B 119 9.83 33.42 4.29
C VAL B 119 8.96 33.13 3.06
N CYS B 120 8.39 31.93 2.98
CA CYS B 120 7.56 31.54 1.84
C CYS B 120 6.25 32.32 1.82
N PHE B 121 5.65 32.46 3.00
CA PHE B 121 4.42 33.18 3.15
C PHE B 121 4.67 34.66 2.88
N ASN B 122 5.88 35.13 3.18
CA ASN B 122 6.18 36.54 2.99
C ASN B 122 6.66 36.90 1.60
N HIS B 123 7.32 35.97 0.90
CA HIS B 123 7.87 36.27 -0.40
C HIS B 123 7.77 35.21 -1.50
N PHE B 124 6.97 34.17 -1.31
CA PHE B 124 6.90 33.14 -2.36
C PHE B 124 5.53 32.55 -2.68
N PHE B 125 4.89 31.95 -1.69
CA PHE B 125 3.56 31.31 -1.85
C PHE B 125 2.51 32.13 -2.59
N ARG B 126 2.20 31.73 -3.82
CA ARG B 126 1.17 32.40 -4.57
C ARG B 126 -0.12 31.66 -4.20
N ALA B 127 -1.14 32.43 -3.85
CA ALA B 127 -2.43 31.91 -3.45
C ALA B 127 -3.30 31.85 -4.69
N ARG B 128 -4.44 31.15 -4.58
CA ARG B 128 -5.38 31.02 -5.71
C ARG B 128 -5.66 32.42 -6.25
N ASN B 129 -5.88 32.52 -7.55
CA ASN B 129 -6.12 33.82 -8.19
C ASN B 129 -6.93 33.60 -9.46
N GLU B 130 -7.25 34.69 -10.14
CA GLU B 130 -8.03 34.65 -11.37
C GLU B 130 -7.42 33.76 -12.46
N GLN B 131 -6.11 33.77 -12.62
CA GLN B 131 -5.52 32.96 -13.69
C GLN B 131 -5.28 31.48 -13.35
N ASP B 132 -4.90 31.18 -12.10
CA ASP B 132 -4.66 29.79 -11.71
C ASP B 132 -4.89 29.52 -10.22
N GLY B 133 -4.55 28.31 -9.79
CA GLY B 133 -4.76 27.93 -8.41
C GLY B 133 -3.70 28.33 -7.42
N GLY B 134 -2.66 28.99 -7.93
CA GLY B 134 -1.56 29.43 -7.08
C GLY B 134 -0.56 28.31 -6.91
N ASP B 135 0.31 28.45 -5.92
CA ASP B 135 1.27 27.40 -5.67
C ASP B 135 0.48 26.38 -4.88
N LEU B 136 0.75 25.11 -5.15
CA LEU B 136 0.10 24.01 -4.47
C LEU B 136 1.07 23.60 -3.37
N VAL B 137 0.76 24.04 -2.15
CA VAL B 137 1.59 23.77 -0.99
C VAL B 137 1.13 22.56 -0.18
N TYR B 138 2.03 21.59 -0.04
CA TYR B 138 1.79 20.40 0.74
C TYR B 138 2.44 20.67 2.10
N PHE B 139 1.70 21.39 2.94
CA PHE B 139 2.14 21.75 4.27
C PHE B 139 2.30 20.48 5.09
N GLN B 140 3.43 20.36 5.79
CA GLN B 140 3.67 19.22 6.65
C GLN B 140 2.47 19.19 7.56
N GLY B 141 1.91 18.02 7.79
CA GLY B 141 0.73 17.89 8.64
C GLY B 141 0.86 18.23 10.13
N HIS B 142 2.04 18.07 10.71
N HIS B 142 2.04 18.05 10.70
CA HIS B 142 2.20 18.35 12.14
CA HIS B 142 2.23 18.32 12.12
C HIS B 142 2.44 19.82 12.49
C HIS B 142 2.59 19.78 12.46
N ILE B 143 2.57 20.67 11.46
CA ILE B 143 2.81 22.09 11.69
C ILE B 143 1.51 22.83 11.39
N SER B 144 0.38 22.15 11.48
CA SER B 144 -0.88 22.79 11.16
C SER B 144 -1.28 23.87 12.16
N PRO B 145 -0.99 23.69 13.45
CA PRO B 145 -1.37 24.75 14.39
C PRO B 145 -0.66 26.08 14.04
N GLY B 146 0.48 25.95 13.36
CA GLY B 146 1.20 27.15 12.96
C GLY B 146 0.46 27.82 11.83
N VAL B 147 -0.22 27.03 11.02
CA VAL B 147 -0.99 27.56 9.90
C VAL B 147 -2.22 28.22 10.51
N TYR B 148 -2.87 27.52 11.44
CA TYR B 148 -4.02 28.08 12.11
C TYR B 148 -3.58 29.40 12.75
N ALA B 149 -2.43 29.37 13.42
CA ALA B 149 -1.86 30.55 14.07
C ALA B 149 -1.79 31.76 13.13
N ARG B 150 -1.15 31.59 11.99
CA ARG B 150 -1.05 32.68 11.02
C ARG B 150 -2.41 32.95 10.45
N ALA B 151 -3.16 31.89 10.16
CA ALA B 151 -4.50 32.07 9.60
C ALA B 151 -5.29 33.00 10.53
N PHE B 152 -5.24 32.73 11.83
CA PHE B 152 -5.92 33.55 12.85
C PHE B 152 -5.45 35.00 12.73
N LEU B 153 -4.14 35.20 12.65
CA LEU B 153 -3.60 36.56 12.52
C LEU B 153 -4.19 37.23 11.27
N GLU B 154 -4.29 36.49 10.16
CA GLU B 154 -4.82 37.04 8.92
C GLU B 154 -6.34 37.26 9.00
N GLY B 155 -6.90 37.04 10.18
CA GLY B 155 -8.33 37.24 10.35
C GLY B 155 -9.26 36.27 9.63
N ARG B 156 -8.81 35.06 9.32
CA ARG B 156 -9.72 34.14 8.62
C ARG B 156 -10.21 32.97 9.45
N LEU B 157 -9.92 33.04 10.75
CA LEU B 157 -10.32 32.03 11.73
C LEU B 157 -10.62 32.81 13.01
N THR B 158 -11.69 32.45 13.70
CA THR B 158 -12.04 33.14 14.93
C THR B 158 -11.29 32.52 16.11
N GLN B 159 -11.19 33.27 17.20
CA GLN B 159 -10.53 32.78 18.38
C GLN B 159 -11.25 31.53 18.86
N GLU B 160 -12.57 31.57 18.82
CA GLU B 160 -13.38 30.44 19.25
C GLU B 160 -12.92 29.17 18.52
N GLN B 161 -12.59 29.32 17.24
CA GLN B 161 -12.12 28.20 16.42
C GLN B 161 -10.78 27.66 16.90
N LEU B 162 -9.91 28.55 17.35
CA LEU B 162 -8.59 28.15 17.88
C LEU B 162 -8.82 27.29 19.11
N ASP B 163 -9.79 27.70 19.92
CA ASP B 163 -10.13 26.99 21.14
C ASP B 163 -10.73 25.64 20.86
N ASN B 164 -11.39 25.51 19.70
CA ASN B 164 -11.99 24.25 19.34
C ASN B 164 -11.01 23.40 18.55
N PHE B 165 -9.72 23.67 18.75
CA PHE B 165 -8.68 22.91 18.07
C PHE B 165 -8.88 21.44 18.44
N ARG B 166 -9.00 20.58 17.42
CA ARG B 166 -9.21 19.16 17.61
C ARG B 166 -10.54 18.78 18.22
N GLN B 167 -11.52 19.63 18.02
CA GLN B 167 -12.90 19.37 18.45
C GLN B 167 -13.77 19.89 17.31
N GLU B 168 -13.94 19.04 16.31
CA GLU B 168 -14.68 19.37 15.11
C GLU B 168 -16.11 18.88 15.08
N VAL B 169 -16.40 17.89 15.92
CA VAL B 169 -17.71 17.30 15.86
C VAL B 169 -18.88 18.26 15.86
N HIS B 170 -18.79 19.32 16.64
CA HIS B 170 -19.92 20.23 16.70
C HIS B 170 -20.00 21.33 15.66
N GLY B 171 -19.05 21.34 14.71
CA GLY B 171 -19.12 22.31 13.63
C GLY B 171 -18.36 23.64 13.55
N ASN B 172 -17.61 24.01 14.56
CA ASN B 172 -16.88 25.28 14.48
C ASN B 172 -15.41 25.05 14.79
N GLY B 173 -15.03 23.78 14.75
CA GLY B 173 -13.66 23.42 15.05
C GLY B 173 -12.72 23.39 13.86
N LEU B 174 -11.52 22.89 14.15
CA LEU B 174 -10.45 22.78 13.16
C LEU B 174 -9.89 21.37 13.33
N SER B 175 -9.48 20.76 12.21
CA SER B 175 -8.93 19.43 12.27
C SER B 175 -7.51 19.50 12.74
N SER B 176 -7.06 18.42 13.36
CA SER B 176 -5.71 18.30 13.83
C SER B 176 -4.78 18.48 12.65
N TYR B 177 -5.16 17.93 11.48
CA TYR B 177 -4.32 17.98 10.28
C TYR B 177 -5.04 18.39 8.97
N PRO B 178 -4.27 18.57 7.87
CA PRO B 178 -4.93 18.97 6.61
C PRO B 178 -5.91 17.91 6.10
N HIS B 179 -7.21 18.15 6.28
CA HIS B 179 -8.22 17.21 5.84
C HIS B 179 -9.35 17.90 5.08
N PRO B 180 -9.19 18.06 3.74
CA PRO B 180 -10.17 18.70 2.86
C PRO B 180 -11.61 18.28 3.11
N LYS B 181 -11.82 17.01 3.38
CA LYS B 181 -13.17 16.49 3.64
C LYS B 181 -13.81 17.19 4.84
N LEU B 182 -13.00 17.41 5.89
CA LEU B 182 -13.44 18.04 7.13
C LEU B 182 -13.42 19.59 7.10
N MET B 183 -12.49 20.19 6.37
CA MET B 183 -12.43 21.65 6.28
C MET B 183 -12.35 21.98 4.78
N PRO B 184 -13.45 21.71 4.05
CA PRO B 184 -13.67 21.88 2.61
C PRO B 184 -13.29 23.19 1.94
N GLU B 185 -12.94 24.20 2.74
CA GLU B 185 -12.55 25.49 2.16
C GLU B 185 -11.16 25.95 2.61
N PHE B 186 -10.52 25.14 3.44
CA PHE B 186 -9.21 25.51 3.95
C PHE B 186 -8.08 24.64 3.40
N TRP B 187 -7.98 23.44 3.96
CA TRP B 187 -6.94 22.50 3.57
C TRP B 187 -7.19 21.95 2.20
N GLN B 188 -6.12 21.57 1.53
CA GLN B 188 -6.22 21.06 0.18
C GLN B 188 -5.59 19.69 -0.05
N PHE B 189 -4.41 19.47 0.53
CA PHE B 189 -3.69 18.22 0.34
C PHE B 189 -3.37 17.48 1.62
N PRO B 190 -3.94 16.27 1.79
CA PRO B 190 -3.74 15.41 2.96
C PRO B 190 -2.28 14.98 3.09
N THR B 191 -1.63 15.43 4.16
CA THR B 191 -0.21 15.11 4.38
C THR B 191 0.20 14.36 5.65
N VAL B 192 -0.63 14.23 6.68
CA VAL B 192 -0.11 13.53 7.88
C VAL B 192 0.40 12.13 7.62
N SER B 193 -0.26 11.39 6.75
CA SER B 193 0.24 10.06 6.47
C SER B 193 1.55 10.30 5.71
N MET B 194 2.65 10.13 6.43
CA MET B 194 3.97 10.35 5.88
C MET B 194 4.19 9.58 4.59
N GLY B 195 4.96 10.17 3.68
CA GLY B 195 5.32 9.52 2.44
C GLY B 195 4.41 9.74 1.24
N LEU B 196 3.12 9.95 1.51
CA LEU B 196 2.18 10.20 0.43
C LEU B 196 2.38 11.62 -0.14
N GLY B 197 2.69 12.59 0.73
CA GLY B 197 2.91 13.94 0.26
C GLY B 197 3.97 14.04 -0.83
N PRO B 198 5.19 13.55 -0.60
CA PRO B 198 6.30 13.59 -1.56
C PRO B 198 5.93 13.14 -2.97
N ILE B 199 5.45 11.90 -3.09
CA ILE B 199 5.07 11.34 -4.38
C ILE B 199 3.80 11.97 -4.94
N GLY B 200 2.93 12.49 -4.05
CA GLY B 200 1.71 13.15 -4.47
C GLY B 200 1.97 14.48 -5.15
N ALA B 201 2.99 15.18 -4.69
CA ALA B 201 3.40 16.47 -5.23
C ALA B 201 4.09 16.33 -6.60
N ILE B 202 4.87 15.26 -6.73
CA ILE B 202 5.61 14.95 -7.96
C ILE B 202 4.66 14.76 -9.14
N TYR B 203 3.58 14.02 -8.94
CA TYR B 203 2.60 13.79 -10.00
C TYR B 203 1.60 14.91 -10.18
N GLN B 204 1.55 15.80 -9.20
CA GLN B 204 0.67 16.96 -9.23
C GLN B 204 1.41 17.99 -10.09
N ALA B 205 2.72 18.09 -9.86
CA ALA B 205 3.55 19.02 -10.61
C ALA B 205 3.59 18.50 -12.05
N LYS B 206 3.56 17.16 -12.18
CA LYS B 206 3.59 16.57 -13.50
C LYS B 206 2.22 16.78 -14.14
N PHE B 207 1.15 16.67 -13.36
CA PHE B 207 -0.15 16.90 -13.96
C PHE B 207 -0.28 18.36 -14.43
N LEU B 208 0.28 19.31 -13.69
CA LEU B 208 0.21 20.72 -14.12
C LEU B 208 0.89 20.86 -15.49
N LYS B 209 2.12 20.34 -15.61
CA LYS B 209 2.83 20.39 -16.90
C LYS B 209 1.94 19.77 -17.97
N TYR B 210 1.25 18.69 -17.61
CA TYR B 210 0.34 17.98 -18.49
C TYR B 210 -0.71 18.93 -19.03
N LEU B 211 -1.28 19.70 -18.11
CA LEU B 211 -2.32 20.67 -18.39
C LEU B 211 -1.86 21.76 -19.38
N GLU B 212 -0.64 22.28 -19.18
CA GLU B 212 -0.12 23.30 -20.08
C GLU B 212 0.15 22.68 -21.45
N HIS B 213 1.02 21.68 -21.47
CA HIS B 213 1.36 20.97 -22.69
C HIS B 213 0.13 20.62 -23.53
N ARG B 214 -0.94 20.24 -22.85
CA ARG B 214 -2.17 19.85 -23.54
C ARG B 214 -2.96 21.03 -24.05
N GLY B 215 -2.55 22.24 -23.67
CA GLY B 215 -3.27 23.43 -24.10
C GLY B 215 -4.59 23.63 -23.38
N LEU B 216 -4.76 22.96 -22.25
CA LEU B 216 -5.99 23.08 -21.49
C LEU B 216 -5.93 24.25 -20.51
N LYS B 217 -4.74 24.54 -20.02
CA LYS B 217 -4.55 25.63 -19.08
C LYS B 217 -3.08 25.96 -18.86
N ASP B 218 -2.75 27.24 -18.98
CA ASP B 218 -1.39 27.68 -18.73
C ASP B 218 -1.16 27.54 -17.23
N THR B 219 -0.31 26.62 -16.80
CA THR B 219 -0.08 26.50 -15.36
C THR B 219 1.34 26.84 -14.99
N SER B 220 2.06 27.47 -15.90
CA SER B 220 3.46 27.85 -15.67
C SER B 220 3.75 28.76 -14.51
N LYS B 221 2.79 29.55 -14.05
CA LYS B 221 3.08 30.44 -12.93
C LYS B 221 2.91 29.69 -11.61
N GLN B 222 2.42 28.46 -11.67
CA GLN B 222 2.22 27.67 -10.48
C GLN B 222 3.46 26.87 -10.10
N THR B 223 3.76 26.83 -8.82
CA THR B 223 4.88 26.07 -8.34
C THR B 223 4.32 25.08 -7.33
N VAL B 224 4.90 23.88 -7.31
CA VAL B 224 4.43 22.88 -6.37
C VAL B 224 5.49 22.69 -5.30
N TYR B 225 5.10 22.95 -4.05
CA TYR B 225 5.98 22.81 -2.89
C TYR B 225 5.61 21.62 -2.02
N ALA B 226 6.55 20.71 -1.85
CA ALA B 226 6.31 19.57 -1.01
C ALA B 226 7.16 19.79 0.24
N PHE B 227 6.51 19.98 1.39
CA PHE B 227 7.20 20.20 2.65
C PHE B 227 7.29 18.91 3.48
N LEU B 228 8.50 18.42 3.63
CA LEU B 228 8.78 17.14 4.29
C LEU B 228 9.79 17.15 5.44
N GLY B 229 9.64 16.19 6.36
CA GLY B 229 10.58 16.05 7.45
C GLY B 229 11.66 15.10 6.97
N ASP B 230 12.81 15.01 7.63
CA ASP B 230 13.80 14.05 7.14
C ASP B 230 13.41 12.65 7.57
N GLY B 231 12.87 12.53 8.77
CA GLY B 231 12.44 11.22 9.24
C GLY B 231 11.48 10.56 8.25
N GLU B 232 10.54 11.34 7.74
CA GLU B 232 9.56 10.86 6.78
C GLU B 232 10.18 10.35 5.45
N MET B 233 11.40 10.78 5.14
CA MET B 233 12.07 10.36 3.91
C MET B 233 12.45 8.87 3.91
N ASP B 234 12.26 8.17 5.02
CA ASP B 234 12.52 6.74 5.05
C ASP B 234 11.35 5.99 4.42
N GLU B 235 10.16 6.59 4.41
CA GLU B 235 9.00 5.92 3.81
C GLU B 235 9.38 5.70 2.34
N PRO B 236 9.43 4.42 1.90
CA PRO B 236 9.79 4.10 0.52
C PRO B 236 9.16 5.01 -0.53
N GLU B 237 7.96 5.51 -0.23
CA GLU B 237 7.27 6.39 -1.14
C GLU B 237 7.88 7.81 -1.20
N SER B 238 8.77 8.14 -0.27
CA SER B 238 9.36 9.47 -0.28
C SER B 238 10.40 9.74 -1.36
N LYS B 239 11.21 8.76 -1.71
CA LYS B 239 12.23 8.96 -2.74
C LYS B 239 12.06 7.97 -3.88
N GLY B 240 11.25 6.95 -3.67
CA GLY B 240 11.05 5.96 -4.70
C GLY B 240 10.55 6.45 -6.05
N ALA B 241 10.16 7.73 -6.12
CA ALA B 241 9.66 8.24 -7.37
C ALA B 241 10.35 9.52 -7.84
N ILE B 242 11.40 9.92 -7.13
CA ILE B 242 12.10 11.15 -7.49
C ILE B 242 12.80 11.13 -8.85
N THR B 243 13.02 9.94 -9.39
CA THR B 243 13.66 9.86 -10.68
C THR B 243 12.69 10.44 -11.72
N ILE B 244 11.39 10.28 -11.50
CA ILE B 244 10.35 10.80 -12.40
C ILE B 244 10.39 12.33 -12.52
N ALA B 245 10.85 13.01 -11.47
CA ALA B 245 10.92 14.47 -11.51
C ALA B 245 11.92 14.88 -12.54
N THR B 246 12.86 13.98 -12.82
CA THR B 246 13.88 14.27 -13.82
C THR B 246 13.37 13.91 -15.22
N ARG B 247 12.81 12.71 -15.37
CA ARG B 247 12.30 12.30 -16.67
C ARG B 247 11.35 13.35 -17.23
N GLU B 248 10.43 13.81 -16.38
CA GLU B 248 9.44 14.79 -16.81
C GLU B 248 9.88 16.25 -16.61
N LYS B 249 11.13 16.46 -16.22
CA LYS B 249 11.66 17.82 -16.02
C LYS B 249 10.70 18.72 -15.21
N LEU B 250 10.44 18.37 -13.96
CA LEU B 250 9.52 19.19 -13.19
C LEU B 250 10.19 20.40 -12.48
N ASP B 251 10.59 21.39 -13.27
CA ASP B 251 11.18 22.59 -12.69
C ASP B 251 10.05 23.45 -12.08
N ASN B 252 8.90 22.82 -11.85
CA ASN B 252 7.78 23.51 -11.21
C ASN B 252 7.53 22.79 -9.86
N LEU B 253 8.52 21.98 -9.44
CA LEU B 253 8.46 21.22 -8.20
C LEU B 253 9.65 21.52 -7.32
N VAL B 254 9.39 21.72 -6.03
CA VAL B 254 10.45 22.00 -5.07
C VAL B 254 10.19 21.19 -3.82
N PHE B 255 11.15 20.34 -3.45
CA PHE B 255 11.02 19.58 -2.21
C PHE B 255 11.77 20.41 -1.19
N VAL B 256 11.13 20.63 -0.04
CA VAL B 256 11.73 21.36 1.05
C VAL B 256 11.85 20.33 2.17
N ILE B 257 13.06 19.87 2.45
CA ILE B 257 13.20 18.89 3.51
C ILE B 257 13.76 19.51 4.78
N ASN B 258 12.94 19.50 5.82
CA ASN B 258 13.28 20.04 7.12
C ASN B 258 14.28 19.05 7.75
N CYS B 259 15.56 19.42 7.78
CA CYS B 259 16.58 18.53 8.31
C CYS B 259 17.01 18.85 9.74
N ASN B 260 16.17 18.50 10.72
CA ASN B 260 16.51 18.72 12.12
C ASN B 260 17.34 17.54 12.63
N LEU B 261 17.41 16.50 11.81
CA LEU B 261 18.18 15.30 12.10
C LEU B 261 17.52 14.24 12.98
N GLN B 262 16.34 14.51 13.52
CA GLN B 262 15.75 13.49 14.39
C GLN B 262 14.33 13.05 14.05
N ARG B 263 13.91 11.94 14.65
CA ARG B 263 12.57 11.39 14.48
C ARG B 263 11.96 11.49 15.88
N LEU B 264 11.03 10.61 16.22
CA LEU B 264 10.38 10.60 17.54
C LEU B 264 11.25 9.99 18.66
N ASP B 265 12.46 9.51 18.33
CA ASP B 265 13.36 8.90 19.34
C ASP B 265 14.85 9.03 19.00
N GLY B 266 15.24 10.10 18.33
CA GLY B 266 16.65 10.25 18.02
C GLY B 266 16.95 10.48 16.56
N PRO B 267 18.20 10.83 16.24
CA PRO B 267 18.66 11.10 14.88
C PRO B 267 18.21 10.04 13.84
N VAL B 268 17.70 10.51 12.71
CA VAL B 268 17.26 9.61 11.64
C VAL B 268 18.33 8.54 11.39
N THR B 269 19.59 8.97 11.45
CA THR B 269 20.74 8.08 11.28
C THR B 269 21.90 8.68 12.11
N GLY B 270 21.89 8.32 13.40
CA GLY B 270 22.87 8.79 14.35
C GLY B 270 24.33 8.79 13.96
N ASN B 271 24.83 7.69 13.41
CA ASN B 271 26.24 7.63 13.04
C ASN B 271 26.50 7.98 11.57
N GLY B 272 25.53 8.62 10.92
CA GLY B 272 25.70 9.02 9.53
C GLY B 272 25.41 10.50 9.36
N LYS B 273 25.06 10.91 8.15
CA LYS B 273 24.74 12.30 7.86
C LYS B 273 23.55 12.30 6.90
N ILE B 274 22.35 12.51 7.46
CA ILE B 274 21.11 12.49 6.66
C ILE B 274 21.14 13.46 5.49
N ILE B 275 21.67 14.64 5.72
CA ILE B 275 21.75 15.60 4.63
C ILE B 275 22.59 15.02 3.51
N ASN B 276 23.74 14.45 3.86
CA ASN B 276 24.62 13.82 2.87
C ASN B 276 23.83 12.71 2.15
N GLU B 277 23.10 11.89 2.90
CA GLU B 277 22.35 10.82 2.26
C GLU B 277 21.32 11.44 1.33
N LEU B 278 20.56 12.40 1.82
CA LEU B 278 19.58 13.00 0.94
C LEU B 278 20.27 13.65 -0.25
N GLU B 279 21.37 14.36 -0.04
CA GLU B 279 22.03 14.98 -1.20
C GLU B 279 22.57 13.93 -2.17
N GLY B 280 23.13 12.87 -1.64
CA GLY B 280 23.65 11.85 -2.54
C GLY B 280 22.60 11.21 -3.46
N ILE B 281 21.45 10.82 -2.92
CA ILE B 281 20.45 10.17 -3.74
C ILE B 281 19.68 11.10 -4.67
N PHE B 282 19.40 12.32 -4.22
CA PHE B 282 18.69 13.28 -5.06
C PHE B 282 19.60 13.78 -6.19
N GLU B 283 20.86 14.05 -5.88
CA GLU B 283 21.81 14.50 -6.90
C GLU B 283 21.90 13.41 -7.99
N GLY B 284 22.08 12.16 -7.55
CA GLY B 284 22.18 11.08 -8.50
C GLY B 284 20.87 10.84 -9.23
N ALA B 285 19.77 11.35 -8.68
CA ALA B 285 18.47 11.19 -9.30
C ALA B 285 18.30 12.30 -10.34
N GLY B 286 19.24 13.23 -10.36
CA GLY B 286 19.16 14.29 -11.33
C GLY B 286 18.57 15.59 -10.80
N TRP B 287 18.14 15.62 -9.55
CA TRP B 287 17.59 16.85 -8.99
C TRP B 287 18.71 17.84 -8.65
N ASN B 288 18.34 19.12 -8.58
CA ASN B 288 19.27 20.17 -8.21
C ASN B 288 19.12 20.35 -6.70
N VAL B 289 20.18 20.09 -5.93
CA VAL B 289 20.09 20.24 -4.49
C VAL B 289 20.83 21.47 -3.96
N ILE B 290 20.14 22.16 -3.05
CA ILE B 290 20.62 23.37 -2.40
C ILE B 290 20.62 23.13 -0.90
N LYS B 291 21.79 23.32 -0.32
CA LYS B 291 21.95 23.11 1.12
C LYS B 291 21.96 24.41 1.88
N VAL B 292 20.99 24.53 2.78
CA VAL B 292 20.86 25.70 3.63
C VAL B 292 21.29 25.16 5.00
N MET B 293 22.60 25.22 5.18
CA MET B 293 23.27 24.69 6.36
C MET B 293 23.44 25.59 7.56
N TRP B 294 24.17 26.68 7.36
CA TRP B 294 24.50 27.59 8.46
C TRP B 294 24.05 29.02 8.33
N GLY B 295 23.66 29.60 9.47
CA GLY B 295 23.23 30.99 9.50
C GLY B 295 24.35 31.99 9.24
N SER B 296 24.01 33.26 9.01
CA SER B 296 25.01 34.32 8.72
C SER B 296 26.19 34.49 9.70
N ARG B 297 26.12 33.87 10.88
CA ARG B 297 27.22 34.02 11.84
C ARG B 297 28.48 33.20 11.49
N TRP B 298 28.34 32.28 10.55
CA TRP B 298 29.46 31.43 10.16
C TRP B 298 30.25 31.93 8.99
N ASP B 299 29.71 32.93 8.30
CA ASP B 299 30.37 33.47 7.14
C ASP B 299 31.75 34.08 7.49
N GLU B 300 31.83 34.89 8.54
CA GLU B 300 33.12 35.45 8.90
C GLU B 300 34.08 34.31 9.21
N LEU B 301 33.55 33.30 9.90
CA LEU B 301 34.33 32.11 10.25
C LEU B 301 34.82 31.35 9.02
N LEU B 302 33.92 30.97 8.12
CA LEU B 302 34.29 30.23 6.93
C LEU B 302 35.19 31.06 6.00
N ARG B 303 35.08 32.39 6.06
CA ARG B 303 35.88 33.27 5.24
C ARG B 303 37.37 33.30 5.62
N LYS B 304 37.66 33.49 6.90
CA LYS B 304 39.05 33.54 7.34
C LYS B 304 39.70 32.18 7.56
N ASP B 305 38.97 31.09 7.33
CA ASP B 305 39.57 29.77 7.50
C ASP B 305 40.45 29.35 6.34
N THR B 306 41.55 30.06 6.17
CA THR B 306 42.48 29.76 5.09
C THR B 306 42.87 28.29 5.09
N SER B 307 43.07 27.66 6.25
CA SER B 307 43.46 26.25 6.24
C SER B 307 42.37 25.40 5.59
N GLY B 308 41.14 25.88 5.62
CA GLY B 308 40.04 25.11 5.05
C GLY B 308 39.70 23.96 5.97
N LYS B 309 40.22 24.04 7.21
CA LYS B 309 40.00 23.02 8.21
C LYS B 309 38.61 23.02 8.85
N LEU B 310 37.91 24.16 8.84
CA LEU B 310 36.59 24.17 9.46
C LEU B 310 35.65 23.32 8.62
N ILE B 311 35.72 23.53 7.32
CA ILE B 311 34.88 22.76 6.41
C ILE B 311 35.08 21.27 6.65
N GLN B 312 36.34 20.84 6.70
CA GLN B 312 36.67 19.43 6.91
C GLN B 312 35.98 18.95 8.18
N LEU B 313 36.08 19.77 9.22
CA LEU B 313 35.48 19.49 10.52
C LEU B 313 33.96 19.31 10.41
N MET B 314 33.29 20.18 9.66
CA MET B 314 31.84 20.07 9.50
C MET B 314 31.55 18.83 8.69
N ASN B 315 32.42 18.50 7.74
CA ASN B 315 32.16 17.32 6.93
C ASN B 315 32.21 16.07 7.77
N GLU B 316 33.20 15.96 8.64
CA GLU B 316 33.36 14.76 9.47
C GLU B 316 32.43 14.58 10.68
N THR B 317 31.81 15.65 11.19
CA THR B 317 30.92 15.52 12.33
C THR B 317 29.61 14.86 11.89
N VAL B 318 29.21 13.78 12.56
CA VAL B 318 27.99 13.07 12.22
C VAL B 318 26.79 13.66 12.96
N ASP B 319 25.60 13.48 12.37
CA ASP B 319 24.39 14.00 12.95
C ASP B 319 24.35 13.77 14.47
N GLY B 320 25.06 12.77 14.93
CA GLY B 320 25.05 12.46 16.35
C GLY B 320 25.67 13.49 17.27
N ASP B 321 26.78 14.08 16.84
CA ASP B 321 27.45 15.08 17.66
C ASP B 321 26.75 16.43 17.56
N TYR B 322 26.26 16.76 16.36
CA TYR B 322 25.59 18.04 16.18
C TYR B 322 24.39 18.13 17.15
N GLN B 323 23.69 17.02 17.35
CA GLN B 323 22.55 17.00 18.28
C GLN B 323 23.05 17.14 19.73
N THR B 324 24.18 16.50 20.01
CA THR B 324 24.78 16.57 21.32
C THR B 324 25.25 18.00 21.57
N PHE B 325 25.64 18.71 20.51
CA PHE B 325 26.11 20.09 20.68
C PHE B 325 25.01 21.06 21.10
N LYS B 326 23.86 20.98 20.43
CA LYS B 326 22.72 21.87 20.70
C LYS B 326 22.02 21.69 22.03
N SER B 327 22.26 20.56 22.69
CA SER B 327 21.64 20.31 23.97
C SER B 327 22.66 20.72 25.03
N LYS B 328 23.79 21.24 24.55
CA LYS B 328 24.87 21.64 25.42
C LYS B 328 25.00 23.13 25.72
N ASP B 329 26.11 23.70 25.28
CA ASP B 329 26.41 25.10 25.52
C ASP B 329 27.69 25.53 24.80
N GLY B 330 27.93 26.84 24.77
CA GLY B 330 29.09 27.38 24.08
C GLY B 330 30.43 26.76 24.40
N ALA B 331 30.72 26.60 25.69
CA ALA B 331 32.01 26.06 26.14
C ALA B 331 32.22 24.67 25.58
N TYR B 332 31.18 23.85 25.70
CA TYR B 332 31.22 22.49 25.22
C TYR B 332 31.55 22.45 23.72
N VAL B 333 30.86 23.30 22.95
CA VAL B 333 31.09 23.37 21.51
C VAL B 333 32.50 23.86 21.20
N ARG B 334 33.00 24.80 22.01
CA ARG B 334 34.34 25.34 21.82
C ARG B 334 35.37 24.23 21.95
N GLU B 335 35.07 23.29 22.85
CA GLU B 335 35.93 22.15 23.14
C GLU B 335 35.65 20.96 22.22
N HIS B 336 34.41 20.49 22.20
CA HIS B 336 34.11 19.31 21.40
C HIS B 336 33.96 19.48 19.89
N PHE B 337 33.96 20.72 19.41
CA PHE B 337 33.83 20.92 17.97
C PHE B 337 34.99 21.79 17.45
N PHE B 338 35.02 23.06 17.82
CA PHE B 338 36.11 23.90 17.34
C PHE B 338 37.40 23.36 17.93
N GLY B 339 37.32 22.84 19.15
CA GLY B 339 38.50 22.32 19.82
C GLY B 339 39.17 21.13 19.14
N LYS B 340 38.53 20.57 18.14
CA LYS B 340 39.11 19.42 17.44
C LYS B 340 40.45 19.73 16.72
N TYR B 341 40.54 20.88 16.05
CA TYR B 341 41.76 21.26 15.34
C TYR B 341 42.28 22.60 15.83
N PRO B 342 43.61 22.78 15.81
CA PRO B 342 44.22 24.04 16.26
C PRO B 342 43.70 25.19 15.42
N GLU B 343 43.61 24.95 14.12
CA GLU B 343 43.12 25.95 13.18
C GLU B 343 41.67 26.39 13.47
N THR B 344 40.84 25.47 13.97
CA THR B 344 39.45 25.81 14.28
C THR B 344 39.22 26.38 15.69
N ALA B 345 40.17 26.20 16.58
CA ALA B 345 40.05 26.74 17.94
C ALA B 345 40.44 28.20 17.90
N ALA B 346 41.22 28.56 16.89
CA ALA B 346 41.71 29.93 16.70
C ALA B 346 40.72 30.80 15.95
N LEU B 347 39.81 30.18 15.19
CA LEU B 347 38.79 30.93 14.46
C LEU B 347 37.91 31.60 15.55
N VAL B 348 37.59 30.85 16.60
CA VAL B 348 36.78 31.33 17.70
C VAL B 348 37.66 31.75 18.88
N ALA B 349 38.97 31.64 18.72
CA ALA B 349 39.96 31.97 19.76
C ALA B 349 39.64 33.19 20.63
N ASP B 350 39.13 34.26 20.01
CA ASP B 350 38.79 35.46 20.75
C ASP B 350 37.30 35.65 21.06
N TRP B 351 36.45 34.80 20.48
CA TRP B 351 35.01 34.88 20.74
C TRP B 351 34.77 34.50 22.19
N THR B 352 33.56 34.77 22.67
CA THR B 352 33.16 34.39 24.03
C THR B 352 32.37 33.09 23.84
N ASP B 353 32.16 32.35 24.92
CA ASP B 353 31.40 31.12 24.79
C ASP B 353 30.00 31.45 24.28
N GLU B 354 29.44 32.54 24.78
CA GLU B 354 28.12 32.97 24.37
C GLU B 354 28.10 33.13 22.86
N GLN B 355 28.87 34.07 22.33
CA GLN B 355 28.90 34.28 20.88
C GLN B 355 28.92 32.96 20.09
N ILE B 356 29.79 32.05 20.49
CA ILE B 356 29.84 30.76 19.82
C ILE B 356 28.49 30.05 19.92
N TRP B 357 27.83 30.17 21.06
CA TRP B 357 26.54 29.50 21.24
C TRP B 357 25.53 30.10 20.25
N ALA B 358 25.69 31.39 19.97
CA ALA B 358 24.80 32.08 19.07
C ALA B 358 24.83 31.44 17.70
N LEU B 359 25.94 30.78 17.35
CA LEU B 359 26.04 30.14 16.05
C LEU B 359 24.75 29.35 15.86
N ASN B 360 24.19 29.43 14.66
CA ASN B 360 22.91 28.79 14.38
C ASN B 360 22.85 28.17 12.98
N ARG B 361 21.88 27.28 12.78
CA ARG B 361 21.73 26.58 11.52
C ARG B 361 20.98 27.39 10.49
N GLY B 362 21.30 27.14 9.22
CA GLY B 362 20.71 27.83 8.09
C GLY B 362 19.20 27.94 8.07
N GLY B 363 18.51 26.83 8.34
CA GLY B 363 17.05 26.83 8.34
C GLY B 363 16.35 27.82 9.27
N HIS B 364 17.13 28.57 10.04
CA HIS B 364 16.59 29.57 10.98
C HIS B 364 17.10 30.98 10.66
N ASP B 365 17.67 31.15 9.46
CA ASP B 365 18.18 32.46 9.01
C ASP B 365 17.42 32.81 7.74
N PRO B 366 16.52 33.81 7.80
CA PRO B 366 15.75 34.19 6.60
C PRO B 366 16.64 34.47 5.37
N LYS B 367 17.77 35.15 5.55
CA LYS B 367 18.64 35.42 4.41
C LYS B 367 19.07 34.15 3.65
N LYS B 368 19.45 33.12 4.40
CA LYS B 368 19.89 31.88 3.79
C LYS B 368 18.71 31.14 3.18
N ILE B 369 17.58 31.17 3.90
CA ILE B 369 16.32 30.53 3.50
C ILE B 369 15.80 31.18 2.23
N TYR B 370 15.98 32.50 2.17
CA TYR B 370 15.51 33.27 1.05
C TYR B 370 16.30 33.00 -0.20
N ALA B 371 17.62 32.88 -0.04
CA ALA B 371 18.46 32.63 -1.21
C ALA B 371 18.14 31.30 -1.85
N ALA B 372 17.89 30.28 -1.04
CA ALA B 372 17.57 28.94 -1.55
C ALA B 372 16.32 28.92 -2.42
N PHE B 373 15.22 29.46 -1.90
CA PHE B 373 13.96 29.51 -2.63
C PHE B 373 14.03 30.40 -3.86
N LYS B 374 14.87 31.44 -3.80
CA LYS B 374 15.00 32.35 -4.92
C LYS B 374 15.72 31.59 -6.02
N LYS B 375 16.85 31.01 -5.64
CA LYS B 375 17.66 30.20 -6.57
C LYS B 375 16.81 29.09 -7.15
N ALA B 376 16.18 28.31 -6.29
CA ALA B 376 15.34 27.22 -6.77
C ALA B 376 14.35 27.70 -7.84
N GLN B 377 13.89 28.93 -7.66
CA GLN B 377 12.89 29.56 -8.54
C GLN B 377 13.36 29.80 -9.97
N GLU B 378 14.62 30.21 -10.13
CA GLU B 378 15.18 30.48 -11.45
C GLU B 378 15.88 29.27 -12.06
N THR B 379 15.55 28.08 -11.56
CA THR B 379 16.14 26.82 -12.03
C THR B 379 15.18 26.06 -12.96
N LYS B 380 15.72 25.55 -14.07
CA LYS B 380 14.91 24.83 -15.05
C LYS B 380 15.50 23.48 -15.46
N GLY B 381 14.67 22.65 -16.11
CA GLY B 381 15.09 21.34 -16.58
C GLY B 381 14.99 20.20 -15.57
N LYS B 382 14.81 20.54 -14.31
CA LYS B 382 14.76 19.52 -13.28
C LYS B 382 14.15 20.10 -11.99
N ALA B 383 13.65 19.24 -11.12
CA ALA B 383 13.04 19.67 -9.87
C ALA B 383 14.19 20.06 -8.95
N THR B 384 13.88 20.70 -7.84
CA THR B 384 14.90 21.13 -6.90
C THR B 384 14.49 20.73 -5.48
N VAL B 385 15.47 20.30 -4.69
CA VAL B 385 15.24 19.92 -3.30
C VAL B 385 16.06 20.86 -2.44
N ILE B 386 15.41 21.44 -1.44
CA ILE B 386 16.09 22.34 -0.51
C ILE B 386 16.25 21.58 0.80
N LEU B 387 17.50 21.39 1.20
CA LEU B 387 17.83 20.70 2.44
C LEU B 387 18.10 21.76 3.51
N ALA B 388 17.05 22.08 4.27
CA ALA B 388 17.14 23.07 5.33
C ALA B 388 17.60 22.42 6.63
N HIS B 389 18.75 22.88 7.12
CA HIS B 389 19.34 22.40 8.36
C HIS B 389 18.68 23.16 9.51
N THR B 390 17.99 22.46 10.42
CA THR B 390 17.33 23.16 11.54
C THR B 390 17.41 22.48 12.91
N ILE B 391 16.96 23.19 13.93
CA ILE B 391 16.96 22.71 15.30
C ILE B 391 15.56 22.28 15.74
N LYS B 392 15.42 20.99 16.06
CA LYS B 392 14.13 20.45 16.50
C LYS B 392 13.76 21.00 17.88
N GLY B 393 12.55 21.52 18.01
CA GLY B 393 12.14 22.10 19.27
C GLY B 393 12.95 23.37 19.45
N TYR B 394 12.77 24.31 18.52
CA TYR B 394 13.50 25.56 18.55
C TYR B 394 12.88 26.59 19.50
N GLY B 395 13.73 27.20 20.33
CA GLY B 395 13.29 28.21 21.28
C GLY B 395 12.76 27.66 22.58
N MET B 396 12.16 26.47 22.53
CA MET B 396 11.59 25.85 23.72
C MET B 396 12.69 25.47 24.72
N GLY B 397 13.77 24.89 24.21
CA GLY B 397 14.89 24.50 25.04
C GLY B 397 14.71 23.47 26.15
N ASP B 398 14.55 23.96 27.38
CA ASP B 398 14.38 23.11 28.55
C ASP B 398 13.86 21.69 28.25
N ALA B 399 12.54 21.50 28.20
CA ALA B 399 11.96 20.19 27.89
C ALA B 399 12.15 19.81 26.40
N ALA B 400 13.34 20.12 25.87
CA ALA B 400 13.72 19.84 24.47
C ALA B 400 13.07 20.79 23.44
N MET B 414 3.06 25.76 32.49
CA MET B 414 2.13 26.76 33.02
C MET B 414 2.76 28.14 32.94
N ASP B 415 3.73 28.40 33.82
CA ASP B 415 4.42 29.69 33.85
C ASP B 415 5.71 29.59 33.03
N GLY B 416 6.34 28.43 33.10
CA GLY B 416 7.58 28.20 32.38
C GLY B 416 7.49 28.44 30.88
N VAL B 417 6.33 28.89 30.40
CA VAL B 417 6.12 29.18 28.97
C VAL B 417 6.71 30.55 28.65
N ARG B 418 6.72 31.42 29.66
CA ARG B 418 7.27 32.75 29.47
C ARG B 418 8.69 32.67 28.94
N HIS B 419 9.27 31.46 28.97
CA HIS B 419 10.61 31.25 28.45
C HIS B 419 10.59 31.47 26.95
N ILE B 420 9.58 30.93 26.27
CA ILE B 420 9.48 31.12 24.82
C ILE B 420 9.12 32.57 24.56
N ARG B 421 8.25 33.13 25.38
CA ARG B 421 7.84 34.51 25.19
C ARG B 421 9.01 35.42 25.54
N ASP B 422 10.12 34.79 25.95
CA ASP B 422 11.35 35.49 26.29
C ASP B 422 12.35 35.27 25.16
N ARG B 423 12.32 34.06 24.60
CA ARG B 423 13.21 33.65 23.52
C ARG B 423 12.86 34.40 22.22
N PHE B 424 11.57 34.59 21.99
CA PHE B 424 11.14 35.27 20.79
C PHE B 424 10.57 36.64 21.12
N ASN B 425 10.65 36.98 22.40
CA ASN B 425 10.19 38.27 22.90
C ASN B 425 8.73 38.53 22.57
N VAL B 426 7.84 37.73 23.16
CA VAL B 426 6.42 37.86 22.95
C VAL B 426 5.82 38.99 23.80
N PRO B 427 4.98 39.87 23.20
CA PRO B 427 4.36 40.96 23.92
C PRO B 427 3.29 40.49 24.92
N VAL B 428 3.78 39.90 26.00
CA VAL B 428 2.91 39.42 27.06
C VAL B 428 3.63 39.54 28.40
N SER B 429 3.00 40.28 29.32
CA SER B 429 3.54 40.50 30.65
C SER B 429 3.54 39.18 31.36
N ASP B 430 4.41 39.05 32.37
CA ASP B 430 4.46 37.82 33.15
C ASP B 430 3.16 37.74 33.93
N ALA B 431 2.29 38.71 33.69
CA ALA B 431 0.97 38.77 34.34
C ALA B 431 -0.07 38.08 33.46
N ASP B 432 -0.55 38.79 32.43
CA ASP B 432 -1.57 38.24 31.53
C ASP B 432 -1.08 37.01 30.71
N ILE B 433 -0.68 35.95 31.41
CA ILE B 433 -0.21 34.73 30.77
C ILE B 433 -0.96 33.49 31.27
N GLU B 434 -1.20 33.42 32.58
CA GLU B 434 -1.90 32.29 33.18
C GLU B 434 -3.14 31.97 32.36
N LYS B 435 -3.54 32.93 31.54
CA LYS B 435 -4.72 32.78 30.73
C LYS B 435 -4.45 32.26 29.32
N LEU B 436 -3.18 32.16 28.95
CA LEU B 436 -2.81 31.69 27.62
C LEU B 436 -3.55 32.58 26.63
N PRO B 437 -3.22 33.88 26.63
CA PRO B 437 -3.83 34.88 25.76
C PRO B 437 -3.41 34.80 24.31
N TYR B 438 -4.37 34.86 23.39
CA TYR B 438 -4.02 34.84 21.99
C TYR B 438 -3.61 36.28 21.65
N ILE B 439 -2.48 36.44 20.94
CA ILE B 439 -2.00 37.76 20.53
C ILE B 439 -2.47 38.04 19.11
N THR B 440 -2.90 39.28 18.84
CA THR B 440 -3.36 39.66 17.50
C THR B 440 -2.62 40.88 16.94
N PHE B 441 -3.25 41.55 16.00
CA PHE B 441 -2.70 42.75 15.38
C PHE B 441 -3.85 43.59 14.85
N PRO B 442 -4.15 44.70 15.52
CA PRO B 442 -5.26 45.56 15.07
C PRO B 442 -4.88 46.33 13.81
N GLU B 443 -5.86 46.55 12.95
CA GLU B 443 -5.67 47.30 11.71
C GLU B 443 -4.99 48.64 12.04
N GLY B 444 -4.04 49.03 11.20
CA GLY B 444 -3.35 50.29 11.44
C GLY B 444 -1.99 50.05 12.07
N SER B 445 -1.81 48.91 12.72
CA SER B 445 -0.52 48.58 13.33
C SER B 445 0.49 48.16 12.26
N GLU B 446 1.77 48.38 12.53
CA GLU B 446 2.82 48.02 11.59
C GLU B 446 2.81 46.55 11.13
N GLU B 447 2.62 45.63 12.10
CA GLU B 447 2.57 44.19 11.83
C GLU B 447 1.39 43.75 10.97
N HIS B 448 0.21 44.30 11.26
CA HIS B 448 -0.98 43.97 10.50
C HIS B 448 -0.83 44.45 9.07
N THR B 449 -0.26 45.64 8.90
CA THR B 449 -0.06 46.18 7.56
C THR B 449 0.87 45.33 6.74
N TYR B 450 2.03 45.01 7.32
CA TYR B 450 3.02 44.20 6.63
C TYR B 450 2.54 42.78 6.34
N LEU B 451 1.82 42.20 7.30
CA LEU B 451 1.27 40.84 7.16
C LEU B 451 0.46 40.74 5.87
N HIS B 452 -0.61 41.54 5.81
CA HIS B 452 -1.49 41.55 4.66
C HIS B 452 -0.91 42.09 3.36
N ALA B 453 0.08 42.97 3.46
CA ALA B 453 0.68 43.58 2.28
C ALA B 453 1.42 42.52 1.50
N GLN B 454 2.25 41.76 2.21
CA GLN B 454 3.00 40.70 1.57
C GLN B 454 2.03 39.69 0.96
N ARG B 455 0.98 39.32 1.70
CA ARG B 455 0.04 38.34 1.17
C ARG B 455 -0.71 38.88 -0.03
N GLN B 456 -1.10 40.15 0.03
CA GLN B 456 -1.77 40.77 -1.10
C GLN B 456 -0.83 40.82 -2.30
N LYS B 457 0.44 41.17 -2.09
CA LYS B 457 1.37 41.19 -3.21
C LYS B 457 1.41 39.78 -3.82
N LEU B 458 1.14 38.76 -3.01
CA LEU B 458 1.18 37.38 -3.51
C LEU B 458 -0.20 36.76 -3.72
N HIS B 459 -1.14 37.55 -4.25
CA HIS B 459 -2.52 37.14 -4.57
C HIS B 459 -3.52 36.69 -3.51
N GLY B 460 -3.20 36.82 -2.24
CA GLY B 460 -4.19 36.42 -1.25
C GLY B 460 -3.74 35.57 -0.08
N TYR B 461 -4.60 34.65 0.35
CA TYR B 461 -4.28 33.81 1.47
C TYR B 461 -4.37 32.32 1.18
N LEU B 462 -3.49 31.57 1.84
CA LEU B 462 -3.47 30.14 1.70
C LEU B 462 -3.00 29.59 3.04
N PRO B 463 -3.35 28.33 3.34
CA PRO B 463 -4.13 27.48 2.44
C PRO B 463 -5.58 27.93 2.25
N SER B 464 -6.17 27.50 1.14
CA SER B 464 -7.55 27.85 0.83
C SER B 464 -8.09 26.84 -0.17
N ARG B 465 -9.36 26.49 -0.03
CA ARG B 465 -9.97 25.54 -0.95
C ARG B 465 -11.35 25.96 -1.48
N GLN B 466 -11.54 25.70 -2.77
CA GLN B 466 -12.77 25.99 -3.51
C GLN B 466 -13.52 24.68 -3.66
N PRO B 467 -14.64 24.53 -2.94
CA PRO B 467 -15.40 23.28 -3.04
C PRO B 467 -15.87 22.80 -4.41
N ASN B 468 -16.48 23.67 -5.23
CA ASN B 468 -16.97 23.26 -6.55
C ASN B 468 -16.30 23.97 -7.71
N PHE B 469 -16.41 23.40 -8.92
CA PHE B 469 -15.85 24.06 -10.08
C PHE B 469 -16.98 24.88 -10.67
N THR B 470 -16.62 26.00 -11.30
CA THR B 470 -17.55 26.97 -11.85
C THR B 470 -18.30 26.71 -13.14
N GLU B 471 -17.60 26.23 -14.15
CA GLU B 471 -18.23 25.99 -15.43
C GLU B 471 -19.28 24.90 -15.47
N LYS B 472 -20.12 24.96 -16.49
CA LYS B 472 -21.15 23.94 -16.66
C LYS B 472 -20.67 23.04 -17.78
N LEU B 473 -20.72 21.73 -17.55
CA LEU B 473 -20.28 20.80 -18.57
C LEU B 473 -21.49 20.22 -19.31
N GLU B 474 -21.27 19.89 -20.58
CA GLU B 474 -22.31 19.33 -21.45
C GLU B 474 -22.10 17.84 -21.59
N LEU B 475 -22.29 17.16 -20.46
CA LEU B 475 -22.11 15.71 -20.36
C LEU B 475 -22.91 14.99 -21.42
N PRO B 476 -22.44 13.81 -21.84
CA PRO B 476 -23.20 13.05 -22.84
C PRO B 476 -24.41 12.48 -22.12
N SER B 477 -25.51 12.29 -22.84
CA SER B 477 -26.72 11.73 -22.27
C SER B 477 -26.57 10.22 -22.36
N LEU B 478 -27.38 9.46 -21.62
CA LEU B 478 -27.25 8.01 -21.69
C LEU B 478 -27.52 7.57 -23.11
N GLN B 479 -28.54 8.16 -23.74
CA GLN B 479 -28.88 7.82 -25.12
C GLN B 479 -27.62 7.79 -25.97
N ASP B 480 -26.66 8.65 -25.65
CA ASP B 480 -25.40 8.69 -26.38
C ASP B 480 -24.66 7.33 -26.34
N PHE B 481 -24.86 6.58 -25.26
CA PHE B 481 -24.23 5.25 -25.12
C PHE B 481 -25.21 4.21 -25.58
N GLY B 482 -26.24 4.66 -26.31
CA GLY B 482 -27.25 3.75 -26.81
C GLY B 482 -26.75 2.49 -27.51
N ALA B 483 -25.55 2.53 -28.09
CA ALA B 483 -25.00 1.34 -28.76
C ALA B 483 -24.66 0.29 -27.69
N LEU B 484 -24.11 0.75 -26.57
CA LEU B 484 -23.76 -0.14 -25.47
C LEU B 484 -25.05 -0.68 -24.80
N LEU B 485 -26.21 -0.12 -25.10
CA LEU B 485 -27.43 -0.60 -24.46
C LEU B 485 -28.11 -1.71 -25.26
N GLU B 486 -27.74 -1.83 -26.52
CA GLU B 486 -28.28 -2.86 -27.38
C GLU B 486 -27.55 -4.18 -27.11
N GLU B 487 -28.09 -5.26 -27.65
CA GLU B 487 -27.46 -6.57 -27.51
C GLU B 487 -26.14 -6.33 -28.23
N GLN B 488 -25.11 -7.07 -27.86
CA GLN B 488 -23.85 -6.88 -28.54
C GLN B 488 -23.59 -8.03 -29.53
N SER B 489 -23.22 -7.66 -30.75
CA SER B 489 -22.96 -8.63 -31.83
C SER B 489 -22.08 -9.78 -31.33
N LYS B 490 -20.80 -9.51 -31.24
CA LYS B 490 -19.83 -10.48 -30.78
C LYS B 490 -19.81 -10.53 -29.26
N GLU B 491 -19.07 -11.50 -28.72
CA GLU B 491 -18.97 -11.63 -27.27
C GLU B 491 -17.84 -10.73 -26.80
N ILE B 492 -18.13 -9.86 -25.85
CA ILE B 492 -17.10 -8.98 -25.34
C ILE B 492 -17.07 -9.02 -23.84
N SER B 493 -16.18 -8.23 -23.26
CA SER B 493 -16.04 -8.17 -21.82
C SER B 493 -16.60 -6.88 -21.29
N THR B 494 -16.56 -6.74 -19.96
CA THR B 494 -17.01 -5.52 -19.34
C THR B 494 -15.87 -4.50 -19.51
N THR B 495 -14.66 -4.99 -19.75
CA THR B 495 -13.51 -4.12 -19.97
C THR B 495 -13.69 -3.53 -21.36
N ILE B 496 -13.95 -4.37 -22.35
CA ILE B 496 -14.17 -3.86 -23.71
C ILE B 496 -15.35 -2.89 -23.69
N ALA B 497 -16.39 -3.21 -22.93
CA ALA B 497 -17.56 -2.33 -22.83
C ALA B 497 -17.07 -1.01 -22.25
N PHE B 498 -16.26 -1.12 -21.19
CA PHE B 498 -15.70 0.06 -20.54
C PHE B 498 -14.92 0.92 -21.55
N VAL B 499 -14.01 0.32 -22.30
CA VAL B 499 -13.24 1.06 -23.29
C VAL B 499 -14.15 1.73 -24.34
N ARG B 500 -15.23 1.06 -24.67
CA ARG B 500 -16.17 1.60 -25.64
C ARG B 500 -16.89 2.82 -25.08
N ALA B 501 -17.23 2.76 -23.80
CA ALA B 501 -17.91 3.86 -23.12
C ALA B 501 -17.01 5.08 -23.14
N LEU B 502 -15.76 4.90 -22.72
CA LEU B 502 -14.82 6.00 -22.73
C LEU B 502 -14.70 6.55 -24.17
N ASN B 503 -14.97 5.72 -25.19
CA ASN B 503 -14.87 6.19 -26.57
C ASN B 503 -16.09 7.07 -26.89
N VAL B 504 -17.23 6.71 -26.34
CA VAL B 504 -18.42 7.51 -26.54
C VAL B 504 -18.16 8.89 -25.91
N MET B 505 -17.55 8.88 -24.74
CA MET B 505 -17.25 10.11 -24.03
C MET B 505 -16.27 10.96 -24.83
N LEU B 506 -15.39 10.28 -25.56
CA LEU B 506 -14.38 10.96 -26.37
C LEU B 506 -14.96 11.61 -27.61
N LYS B 507 -16.26 11.45 -27.81
CA LYS B 507 -16.94 12.06 -28.95
C LYS B 507 -17.64 13.32 -28.49
N ASN B 508 -17.76 13.48 -27.18
CA ASN B 508 -18.44 14.62 -26.59
C ASN B 508 -17.54 15.85 -26.73
N LYS B 509 -18.11 16.89 -27.30
CA LYS B 509 -17.41 18.13 -27.55
C LYS B 509 -16.90 18.74 -26.26
N SER B 510 -17.77 18.77 -25.26
CA SER B 510 -17.42 19.35 -23.99
C SER B 510 -16.36 18.60 -23.18
N ILE B 511 -16.55 17.29 -22.98
CA ILE B 511 -15.61 16.54 -22.16
C ILE B 511 -14.49 15.72 -22.81
N LYS B 512 -14.47 15.57 -24.12
CA LYS B 512 -13.41 14.78 -24.75
C LYS B 512 -11.98 15.10 -24.27
N ASP B 513 -11.55 16.36 -24.39
CA ASP B 513 -10.20 16.73 -23.97
C ASP B 513 -9.99 16.91 -22.47
N ARG B 514 -11.06 16.66 -21.70
CA ARG B 514 -11.03 16.75 -20.24
C ARG B 514 -10.82 15.37 -19.59
N LEU B 515 -10.96 14.31 -20.39
CA LEU B 515 -10.78 12.96 -19.90
C LEU B 515 -9.28 12.68 -19.77
N VAL B 516 -8.91 11.91 -18.75
CA VAL B 516 -7.52 11.54 -18.56
C VAL B 516 -7.38 10.02 -18.43
N PRO B 517 -7.24 9.31 -19.57
CA PRO B 517 -7.09 7.85 -19.48
C PRO B 517 -5.70 7.61 -18.86
N ILE B 518 -5.65 6.78 -17.83
CA ILE B 518 -4.41 6.48 -17.12
C ILE B 518 -4.24 4.96 -16.98
N ILE B 519 -3.12 4.43 -17.48
CA ILE B 519 -2.82 2.99 -17.39
C ILE B 519 -1.47 2.74 -16.72
N ALA B 520 -1.37 1.58 -16.06
CA ALA B 520 -0.14 1.18 -15.41
C ALA B 520 0.59 0.21 -16.35
N ASP B 521 0.83 0.66 -17.58
CA ASP B 521 1.52 -0.12 -18.61
C ASP B 521 0.70 -1.15 -19.42
N GLU B 522 -0.11 -1.97 -18.77
CA GLU B 522 -0.87 -2.98 -19.51
C GLU B 522 -2.01 -2.51 -20.40
N ALA B 523 -1.74 -1.56 -21.29
CA ALA B 523 -2.76 -1.06 -22.21
C ALA B 523 -3.08 -2.24 -23.13
N ARG B 524 -2.21 -3.24 -23.06
CA ARG B 524 -2.34 -4.44 -23.86
C ARG B 524 -3.42 -5.33 -23.27
N THR B 525 -3.32 -5.56 -21.96
CA THR B 525 -4.24 -6.40 -21.22
C THR B 525 -5.64 -5.79 -21.05
N PHE B 526 -5.79 -4.53 -21.44
CA PHE B 526 -7.09 -3.87 -21.27
C PHE B 526 -7.66 -3.29 -22.58
N GLY B 527 -7.11 -3.70 -23.70
CA GLY B 527 -7.57 -3.22 -25.00
C GLY B 527 -7.63 -1.71 -25.18
N MET B 528 -6.57 -1.03 -24.77
CA MET B 528 -6.48 0.43 -24.87
C MET B 528 -5.67 0.90 -26.07
N GLU B 529 -4.99 -0.04 -26.72
CA GLU B 529 -4.17 0.23 -27.91
C GLU B 529 -4.99 0.95 -28.98
N GLY B 530 -6.16 0.41 -29.28
CA GLY B 530 -7.02 1.03 -30.26
C GLY B 530 -7.28 2.49 -29.92
N LEU B 531 -6.90 2.93 -28.72
CA LEU B 531 -7.08 4.33 -28.34
C LEU B 531 -5.77 5.12 -28.44
N PHE B 532 -4.63 4.44 -28.51
CA PHE B 532 -3.34 5.13 -28.63
C PHE B 532 -3.32 5.96 -29.90
N ARG B 533 -3.69 5.35 -31.02
CA ARG B 533 -3.70 6.06 -32.28
C ARG B 533 -4.71 7.17 -32.40
N GLN B 534 -5.71 7.20 -31.53
CA GLN B 534 -6.73 8.23 -31.63
C GLN B 534 -6.44 9.47 -30.76
N ILE B 535 -6.10 9.27 -29.49
CA ILE B 535 -5.79 10.41 -28.63
C ILE B 535 -4.32 10.53 -28.19
N GLY B 536 -3.51 9.53 -28.50
CA GLY B 536 -2.09 9.61 -28.17
C GLY B 536 -1.60 9.36 -26.75
N ILE B 537 -0.29 9.20 -26.63
CA ILE B 537 0.31 8.94 -25.34
C ILE B 537 1.09 10.18 -24.93
N TYR B 538 0.75 10.71 -23.76
CA TYR B 538 1.42 11.89 -23.21
C TYR B 538 2.92 11.58 -23.07
N SER B 539 3.76 12.40 -23.70
CA SER B 539 5.20 12.19 -23.68
C SER B 539 5.87 13.53 -24.03
N PRO B 540 6.00 14.42 -23.04
CA PRO B 540 6.61 15.74 -23.27
C PRO B 540 8.01 15.68 -23.91
N GLU B 558 2.44 10.24 -29.38
CA GLU B 558 3.46 10.04 -28.36
C GLU B 558 4.26 11.31 -28.10
N ASP B 559 3.58 12.46 -28.14
CA ASP B 559 4.25 13.73 -27.88
C ASP B 559 3.60 14.44 -26.70
N GLU B 560 3.88 15.73 -26.55
CA GLU B 560 3.36 16.47 -25.43
C GLU B 560 1.87 16.80 -25.52
N LYS B 561 1.22 16.36 -26.59
CA LYS B 561 -0.21 16.61 -26.79
C LYS B 561 -0.98 15.32 -26.54
N GLY B 562 -0.24 14.26 -26.21
CA GLY B 562 -0.82 12.95 -25.94
C GLY B 562 -1.72 13.05 -24.72
N GLN B 563 -2.89 12.44 -24.85
CA GLN B 563 -3.89 12.51 -23.83
C GLN B 563 -3.82 11.46 -22.74
N ILE B 564 -3.31 10.29 -23.09
CA ILE B 564 -3.25 9.19 -22.15
C ILE B 564 -2.00 9.23 -21.29
N LEU B 565 -2.21 8.99 -19.99
CA LEU B 565 -1.12 8.96 -19.01
C LEU B 565 -0.76 7.52 -18.79
N GLN B 566 0.38 7.14 -19.35
CA GLN B 566 0.92 5.79 -19.25
C GLN B 566 2.06 5.87 -18.21
N GLU B 567 1.80 5.40 -17.00
CA GLU B 567 2.76 5.46 -15.89
C GLU B 567 3.62 4.21 -15.71
N GLY B 568 3.40 3.18 -16.52
CA GLY B 568 4.20 1.97 -16.35
C GLY B 568 3.85 1.12 -15.12
N ILE B 569 4.84 0.37 -14.67
CA ILE B 569 4.72 -0.53 -13.51
C ILE B 569 4.91 0.34 -12.29
N ASN B 570 3.84 1.00 -11.89
CA ASN B 570 3.96 1.94 -10.80
C ASN B 570 2.55 2.38 -10.53
N GLU B 571 1.84 1.59 -9.73
CA GLU B 571 0.46 1.92 -9.41
C GLU B 571 0.34 3.12 -8.51
N LEU B 572 1.34 3.37 -7.67
CA LEU B 572 1.26 4.51 -6.77
C LEU B 572 1.36 5.79 -7.58
N GLY B 573 2.35 5.85 -8.47
CA GLY B 573 2.46 7.03 -9.31
C GLY B 573 1.17 7.22 -10.13
N ALA B 574 0.64 6.12 -10.68
CA ALA B 574 -0.58 6.21 -11.49
C ALA B 574 -1.70 6.80 -10.69
N GLY B 575 -1.83 6.34 -9.44
CA GLY B 575 -2.86 6.83 -8.55
C GLY B 575 -2.72 8.30 -8.23
N CYS B 576 -1.50 8.76 -8.01
CA CYS B 576 -1.28 10.17 -7.71
C CYS B 576 -1.69 10.99 -8.93
N SER B 577 -1.36 10.54 -10.15
CA SER B 577 -1.77 11.25 -11.35
C SER B 577 -3.29 11.29 -11.36
N TRP B 578 -3.91 10.14 -11.17
CA TRP B 578 -5.37 10.04 -11.14
C TRP B 578 -5.94 11.03 -10.13
N LEU B 579 -5.29 11.12 -8.96
CA LEU B 579 -5.76 12.03 -7.93
C LEU B 579 -5.53 13.48 -8.30
N ALA B 580 -4.40 13.80 -8.96
CA ALA B 580 -4.15 15.17 -9.36
C ALA B 580 -5.28 15.56 -10.34
N ALA B 581 -5.57 14.67 -11.29
CA ALA B 581 -6.61 14.85 -12.28
C ALA B 581 -8.01 14.81 -11.64
N ALA B 582 -8.22 13.86 -10.74
CA ALA B 582 -9.53 13.72 -10.09
C ALA B 582 -9.89 14.91 -9.16
N THR B 583 -8.93 15.78 -8.90
CA THR B 583 -9.16 16.94 -8.05
C THR B 583 -8.79 18.25 -8.74
N SER B 584 -8.55 18.20 -10.04
CA SER B 584 -8.24 19.43 -10.77
C SER B 584 -9.42 20.41 -10.68
N TYR B 585 -10.64 19.86 -10.61
CA TYR B 585 -11.86 20.65 -10.55
C TYR B 585 -11.78 21.66 -9.39
N SER B 586 -11.11 21.28 -8.32
CA SER B 586 -10.98 22.16 -7.14
C SER B 586 -9.75 23.05 -7.16
N THR B 587 -8.59 22.41 -7.29
CA THR B 587 -7.29 23.06 -7.30
C THR B 587 -7.08 24.16 -8.35
N ASN B 588 -7.52 23.92 -9.58
CA ASN B 588 -7.37 24.91 -10.66
C ASN B 588 -8.68 25.26 -11.36
N ASN B 589 -9.80 24.96 -10.73
CA ASN B 589 -11.10 25.23 -11.33
C ASN B 589 -11.11 24.83 -12.81
N LEU B 590 -10.67 23.60 -13.05
CA LEU B 590 -10.61 22.98 -14.38
C LEU B 590 -10.98 21.51 -14.19
N PRO B 591 -12.28 21.19 -14.20
CA PRO B 591 -12.57 19.77 -14.03
C PRO B 591 -11.94 18.90 -15.13
N MET B 592 -11.36 17.78 -14.72
CA MET B 592 -10.74 16.83 -15.62
C MET B 592 -11.35 15.51 -15.16
N ILE B 593 -11.53 14.55 -16.07
CA ILE B 593 -12.14 13.30 -15.64
C ILE B 593 -11.28 12.10 -15.94
N PRO B 594 -10.55 11.63 -14.93
CA PRO B 594 -9.64 10.49 -15.04
C PRO B 594 -10.32 9.13 -14.93
N PHE B 595 -9.80 8.19 -15.71
CA PHE B 595 -10.25 6.82 -15.77
C PHE B 595 -8.94 6.07 -15.76
N TYR B 596 -8.60 5.50 -14.60
CA TYR B 596 -7.36 4.77 -14.40
C TYR B 596 -7.62 3.26 -14.32
N ILE B 597 -7.26 2.55 -15.38
CA ILE B 597 -7.49 1.11 -15.41
C ILE B 597 -6.18 0.39 -15.04
N TYR B 598 -6.30 -0.71 -14.29
CA TYR B 598 -5.13 -1.47 -13.84
C TYR B 598 -5.57 -2.85 -13.35
N TYR B 599 -4.61 -3.74 -13.04
CA TYR B 599 -4.98 -5.06 -12.54
C TYR B 599 -5.63 -4.85 -11.18
N SER B 600 -6.93 -5.05 -11.09
CA SER B 600 -7.70 -4.86 -9.87
C SER B 600 -6.98 -5.27 -8.59
N MET B 601 -6.26 -6.39 -8.63
CA MET B 601 -5.55 -6.84 -7.44
C MET B 601 -4.67 -5.75 -6.86
N PHE B 602 -4.00 -5.02 -7.74
CA PHE B 602 -3.09 -3.98 -7.26
C PHE B 602 -3.72 -2.64 -7.03
N GLY B 603 -4.99 -2.64 -6.62
CA GLY B 603 -5.68 -1.39 -6.35
C GLY B 603 -5.56 -1.00 -4.90
N PHE B 604 -6.68 -1.05 -4.19
CA PHE B 604 -6.69 -0.69 -2.77
C PHE B 604 -5.67 -1.46 -1.96
N GLN B 605 -5.50 -2.75 -2.25
CA GLN B 605 -4.53 -3.58 -1.55
C GLN B 605 -3.13 -2.97 -1.53
N ARG B 606 -2.73 -2.42 -2.67
CA ARG B 606 -1.41 -1.87 -2.87
C ARG B 606 -1.28 -0.36 -2.69
N ILE B 607 -2.29 0.39 -3.08
CA ILE B 607 -2.24 1.86 -2.98
C ILE B 607 -3.37 2.36 -2.11
N GLY B 608 -3.76 1.51 -1.17
CA GLY B 608 -4.86 1.78 -0.26
C GLY B 608 -4.86 3.04 0.57
N ASP B 609 -3.71 3.41 1.15
CA ASP B 609 -3.62 4.61 1.98
C ASP B 609 -3.78 5.87 1.13
N LEU B 610 -3.45 5.74 -0.15
CA LEU B 610 -3.61 6.86 -1.06
C LEU B 610 -5.11 6.98 -1.36
N CYS B 611 -5.76 5.84 -1.59
CA CYS B 611 -7.19 5.80 -1.88
C CYS B 611 -8.01 6.38 -0.77
N TRP B 612 -7.55 6.20 0.46
CA TRP B 612 -8.26 6.73 1.61
C TRP B 612 -8.04 8.23 1.63
N ALA B 613 -6.84 8.65 1.24
CA ALA B 613 -6.50 10.07 1.22
C ALA B 613 -7.23 10.80 0.08
N ALA B 614 -7.47 10.09 -1.02
CA ALA B 614 -8.18 10.67 -2.16
C ALA B 614 -9.61 10.95 -1.69
N GLY B 615 -10.11 10.08 -0.82
CA GLY B 615 -11.44 10.26 -0.29
C GLY B 615 -11.41 11.54 0.52
N ASP B 616 -10.32 11.72 1.28
CA ASP B 616 -10.09 12.90 2.12
C ASP B 616 -9.95 14.16 1.29
N GLN B 617 -9.41 14.05 0.08
CA GLN B 617 -9.19 15.19 -0.82
C GLN B 617 -10.36 15.42 -1.79
N GLN B 618 -11.46 14.73 -1.54
CA GLN B 618 -12.66 14.86 -2.36
C GLN B 618 -12.46 14.59 -3.86
N ALA B 619 -11.70 13.53 -4.14
CA ALA B 619 -11.38 13.07 -5.49
C ALA B 619 -12.64 12.65 -6.25
N ARG B 620 -12.75 13.10 -7.49
CA ARG B 620 -13.92 12.72 -8.30
C ARG B 620 -13.37 12.10 -9.57
N GLY B 621 -13.32 10.78 -9.60
CA GLY B 621 -12.81 10.12 -10.77
C GLY B 621 -13.32 8.70 -10.79
N PHE B 622 -12.74 7.91 -11.69
CA PHE B 622 -13.14 6.54 -11.85
C PHE B 622 -11.94 5.60 -11.70
N LEU B 623 -12.00 4.70 -10.72
CA LEU B 623 -10.92 3.74 -10.51
C LEU B 623 -11.48 2.50 -11.16
N ILE B 624 -10.80 2.04 -12.20
CA ILE B 624 -11.26 0.89 -12.95
C ILE B 624 -10.34 -0.30 -12.72
N GLY B 625 -10.86 -1.30 -12.01
CA GLY B 625 -10.07 -2.47 -11.73
C GLY B 625 -10.29 -3.62 -12.68
N GLY B 626 -9.50 -3.65 -13.76
CA GLY B 626 -9.63 -4.71 -14.73
C GLY B 626 -9.17 -6.05 -14.18
N THR B 627 -9.29 -7.09 -15.01
CA THR B 627 -8.91 -8.44 -14.69
C THR B 627 -9.25 -8.72 -13.25
N SER B 628 -10.53 -8.55 -12.94
CA SER B 628 -11.05 -8.74 -11.58
C SER B 628 -11.74 -10.06 -11.42
N GLY B 629 -12.03 -10.40 -10.18
CA GLY B 629 -12.70 -11.66 -9.93
C GLY B 629 -11.66 -12.71 -9.68
N ARG B 630 -11.90 -13.51 -8.65
CA ARG B 630 -10.94 -14.56 -8.31
C ARG B 630 -10.77 -15.60 -9.43
N THR B 631 -11.87 -16.13 -9.94
CA THR B 631 -11.85 -17.17 -10.97
C THR B 631 -11.70 -16.72 -12.43
N THR B 632 -11.93 -15.44 -12.69
CA THR B 632 -11.88 -14.95 -14.05
C THR B 632 -10.47 -14.73 -14.65
N LEU B 633 -9.51 -14.22 -13.86
CA LEU B 633 -8.14 -14.08 -14.36
C LEU B 633 -7.55 -15.42 -13.91
N ASN B 634 -8.07 -16.47 -14.55
CA ASN B 634 -7.77 -17.85 -14.24
C ASN B 634 -6.31 -18.33 -14.18
N GLY B 635 -5.49 -18.00 -15.18
CA GLY B 635 -4.13 -18.50 -15.17
C GLY B 635 -3.11 -17.88 -14.23
N GLU B 636 -3.24 -16.58 -14.03
CA GLU B 636 -2.32 -15.81 -13.20
C GLU B 636 -2.13 -16.25 -11.75
N GLY B 637 -3.21 -16.69 -11.10
CA GLY B 637 -3.09 -17.16 -9.73
C GLY B 637 -3.04 -16.28 -8.48
N LEU B 638 -2.48 -16.86 -7.44
CA LEU B 638 -2.39 -16.27 -6.10
C LEU B 638 -2.25 -14.78 -5.96
N GLN B 639 -1.21 -14.18 -6.55
CA GLN B 639 -1.03 -12.74 -6.43
C GLN B 639 -1.80 -11.86 -7.41
N HIS B 640 -2.59 -12.46 -8.27
CA HIS B 640 -3.35 -11.65 -9.19
C HIS B 640 -4.85 -11.86 -9.02
N GLU B 641 -5.26 -13.05 -8.62
CA GLU B 641 -6.69 -13.34 -8.49
C GLU B 641 -7.36 -12.56 -7.38
N ASP B 642 -8.16 -11.59 -7.82
CA ASP B 642 -8.88 -10.66 -6.98
C ASP B 642 -10.32 -11.01 -6.60
N GLY B 643 -10.52 -11.45 -5.36
CA GLY B 643 -11.86 -11.79 -4.93
C GLY B 643 -12.18 -11.07 -3.64
N HIS B 644 -11.51 -9.94 -3.43
CA HIS B 644 -11.68 -9.16 -2.19
C HIS B 644 -11.48 -7.66 -2.34
N SER B 645 -11.11 -7.19 -3.52
CA SER B 645 -10.90 -5.74 -3.68
C SER B 645 -12.14 -4.95 -3.22
N HIS B 646 -13.34 -5.44 -3.57
CA HIS B 646 -14.58 -4.78 -3.17
C HIS B 646 -14.78 -4.67 -1.67
N ILE B 647 -14.11 -5.53 -0.89
CA ILE B 647 -14.25 -5.46 0.57
C ILE B 647 -13.43 -4.32 1.09
N GLN B 648 -12.33 -4.03 0.41
CA GLN B 648 -11.44 -2.94 0.80
C GLN B 648 -12.07 -1.60 0.39
N SER B 649 -12.60 -1.53 -0.84
CA SER B 649 -13.23 -0.31 -1.31
C SER B 649 -14.46 0.07 -0.50
N LEU B 650 -15.18 -0.90 0.05
CA LEU B 650 -16.38 -0.53 0.81
C LEU B 650 -16.05 0.10 2.17
N THR B 651 -14.75 0.20 2.45
CA THR B 651 -14.30 0.83 3.69
C THR B 651 -14.19 2.35 3.46
N ILE B 652 -13.97 2.76 2.22
CA ILE B 652 -13.87 4.19 1.92
C ILE B 652 -15.28 4.78 1.75
N PRO B 653 -15.71 5.66 2.69
CA PRO B 653 -17.03 6.33 2.71
C PRO B 653 -17.54 6.99 1.43
N ASN B 654 -16.68 7.73 0.73
CA ASN B 654 -17.13 8.40 -0.46
C ASN B 654 -16.69 7.73 -1.76
N CYS B 655 -16.55 6.41 -1.71
CA CYS B 655 -16.21 5.61 -2.89
C CYS B 655 -17.44 4.75 -3.18
N ILE B 656 -17.95 4.82 -4.42
CA ILE B 656 -19.11 4.05 -4.86
C ILE B 656 -18.62 2.88 -5.74
N SER B 657 -18.89 1.66 -5.28
CA SER B 657 -18.42 0.45 -5.97
C SER B 657 -19.42 -0.36 -6.78
N TYR B 658 -18.99 -0.80 -7.95
CA TYR B 658 -19.84 -1.62 -8.81
C TYR B 658 -19.08 -2.79 -9.39
N ASP B 659 -19.76 -3.94 -9.43
CA ASP B 659 -19.20 -5.17 -9.97
C ASP B 659 -20.18 -5.67 -11.04
N PRO B 660 -20.28 -4.94 -12.17
CA PRO B 660 -21.20 -5.27 -13.27
C PRO B 660 -20.90 -6.48 -14.08
N ALA B 661 -21.97 -7.16 -14.48
CA ALA B 661 -21.94 -8.36 -15.30
C ALA B 661 -22.08 -8.06 -16.80
N TYR B 662 -22.79 -6.99 -17.16
CA TYR B 662 -23.02 -6.69 -18.58
C TYR B 662 -22.61 -5.29 -19.08
N ALA B 663 -22.23 -5.21 -20.36
CA ALA B 663 -21.81 -3.92 -20.90
C ALA B 663 -22.88 -2.82 -20.71
N TYR B 664 -24.15 -3.13 -20.97
CA TYR B 664 -25.15 -2.10 -20.76
C TYR B 664 -25.09 -1.61 -19.30
N GLU B 665 -24.70 -2.49 -18.38
CA GLU B 665 -24.57 -2.08 -16.98
C GLU B 665 -23.35 -1.16 -16.82
N VAL B 666 -22.23 -1.50 -17.45
CA VAL B 666 -21.02 -0.64 -17.40
C VAL B 666 -21.35 0.77 -17.91
N ALA B 667 -22.08 0.81 -19.04
CA ALA B 667 -22.49 2.06 -19.66
C ALA B 667 -23.36 2.92 -18.73
N VAL B 668 -24.44 2.34 -18.19
CA VAL B 668 -25.34 3.06 -17.29
C VAL B 668 -24.61 3.59 -16.05
N ILE B 669 -23.77 2.76 -15.44
CA ILE B 669 -23.00 3.16 -14.25
C ILE B 669 -22.04 4.31 -14.54
N MET B 670 -21.35 4.26 -15.68
CA MET B 670 -20.39 5.33 -16.04
C MET B 670 -21.13 6.65 -16.31
N HIS B 671 -22.29 6.56 -16.97
CA HIS B 671 -23.03 7.79 -17.26
C HIS B 671 -23.47 8.39 -15.94
N ASP B 672 -24.01 7.56 -15.05
CA ASP B 672 -24.50 8.07 -13.77
C ASP B 672 -23.37 8.70 -12.98
N GLY B 673 -22.22 8.03 -12.97
CA GLY B 673 -21.09 8.57 -12.23
C GLY B 673 -20.68 9.93 -12.77
N LEU B 674 -20.61 10.01 -14.09
CA LEU B 674 -20.22 11.23 -14.79
C LEU B 674 -21.19 12.35 -14.41
N GLU B 675 -22.47 12.02 -14.44
CA GLU B 675 -23.54 12.95 -14.13
C GLU B 675 -23.43 13.47 -12.70
N ARG B 676 -23.30 12.55 -11.75
CA ARG B 676 -23.20 12.90 -10.33
C ARG B 676 -21.97 13.70 -9.91
N MET B 677 -20.80 13.34 -10.47
CA MET B 677 -19.54 14.00 -10.12
C MET B 677 -19.25 15.33 -10.84
N TYR B 678 -19.38 15.33 -12.17
CA TYR B 678 -19.12 16.54 -12.97
C TYR B 678 -20.36 17.13 -13.64
N GLY B 679 -21.53 16.76 -13.15
CA GLY B 679 -22.77 17.31 -13.67
C GLY B 679 -23.19 18.37 -12.67
N GLU B 680 -24.40 18.89 -12.78
CA GLU B 680 -24.91 19.91 -11.86
C GLU B 680 -24.63 19.54 -10.39
N LYS B 681 -24.96 18.29 -10.05
CA LYS B 681 -24.80 17.74 -8.69
C LYS B 681 -23.48 17.96 -7.94
N GLN B 682 -22.37 17.83 -8.65
CA GLN B 682 -21.04 17.95 -8.08
C GLN B 682 -20.86 17.20 -6.76
N GLU B 683 -21.41 15.99 -6.72
CA GLU B 683 -21.34 15.12 -5.55
C GLU B 683 -19.89 14.74 -5.30
N ASN B 684 -19.44 14.86 -4.06
CA ASN B 684 -18.06 14.48 -3.74
C ASN B 684 -18.05 12.97 -3.42
N VAL B 685 -17.56 12.21 -4.38
CA VAL B 685 -17.53 10.77 -4.29
C VAL B 685 -16.71 10.35 -5.50
N TYR B 686 -16.08 9.18 -5.45
CA TYR B 686 -15.37 8.68 -6.60
C TYR B 686 -15.83 7.25 -6.90
N TYR B 687 -15.67 6.84 -8.15
CA TYR B 687 -16.13 5.53 -8.56
C TYR B 687 -15.07 4.46 -8.69
N TYR B 688 -15.46 3.24 -8.35
CA TYR B 688 -14.63 2.07 -8.45
C TYR B 688 -15.48 1.07 -9.21
N ILE B 689 -15.02 0.62 -10.37
CA ILE B 689 -15.78 -0.33 -11.17
C ILE B 689 -14.91 -1.52 -11.53
N THR B 690 -15.26 -2.71 -11.05
CA THR B 690 -14.49 -3.87 -11.39
C THR B 690 -14.93 -4.34 -12.74
N THR B 691 -13.97 -4.53 -13.66
CA THR B 691 -14.27 -5.01 -15.00
C THR B 691 -13.60 -6.37 -15.25
N LEU B 692 -13.99 -7.04 -16.34
CA LEU B 692 -13.49 -8.38 -16.60
C LEU B 692 -12.76 -8.61 -17.92
N ASN B 693 -11.86 -9.59 -17.92
CA ASN B 693 -11.10 -9.94 -19.11
C ASN B 693 -11.77 -11.12 -19.81
N GLU B 694 -12.96 -11.50 -19.35
CA GLU B 694 -13.68 -12.62 -19.96
C GLU B 694 -14.79 -12.21 -20.92
N ASN B 695 -14.79 -12.82 -22.11
CA ASN B 695 -15.80 -12.52 -23.12
C ASN B 695 -16.98 -13.46 -23.09
N TYR B 696 -18.17 -12.88 -23.27
CA TYR B 696 -19.41 -13.66 -23.33
C TYR B 696 -20.58 -12.85 -23.90
N HIS B 697 -21.74 -13.48 -24.00
CA HIS B 697 -22.91 -12.81 -24.53
C HIS B 697 -23.39 -11.64 -23.67
N MET B 698 -23.57 -10.49 -24.32
CA MET B 698 -24.06 -9.28 -23.68
C MET B 698 -25.44 -9.02 -24.27
N PRO B 699 -26.50 -9.27 -23.49
CA PRO B 699 -27.89 -9.07 -23.96
C PRO B 699 -28.22 -7.59 -23.94
N ALA B 700 -29.40 -7.25 -24.44
CA ALA B 700 -29.79 -5.85 -24.46
C ALA B 700 -30.32 -5.49 -23.08
N MET B 701 -30.13 -4.24 -22.69
CA MET B 701 -30.60 -3.74 -21.41
C MET B 701 -32.12 -3.81 -21.32
N PRO B 702 -32.65 -4.45 -20.28
CA PRO B 702 -34.10 -4.54 -20.13
C PRO B 702 -34.72 -3.16 -20.04
N GLU B 703 -35.80 -2.92 -20.79
CA GLU B 703 -36.48 -1.62 -20.73
C GLU B 703 -36.79 -1.24 -19.28
N GLY B 704 -36.40 -0.03 -18.87
CA GLY B 704 -36.66 0.45 -17.52
C GLY B 704 -35.68 0.03 -16.43
N ALA B 705 -34.60 -0.63 -16.82
CA ALA B 705 -33.63 -1.12 -15.86
C ALA B 705 -32.59 -0.07 -15.39
N GLU B 706 -32.42 1.01 -16.14
CA GLU B 706 -31.44 2.04 -15.83
C GLU B 706 -31.31 2.45 -14.34
N GLU B 707 -32.42 2.73 -13.67
CA GLU B 707 -32.37 3.13 -12.27
C GLU B 707 -31.94 2.00 -11.33
N GLY B 708 -32.43 0.79 -11.59
CA GLY B 708 -32.09 -0.34 -10.78
C GLY B 708 -30.60 -0.60 -10.82
N ILE B 709 -30.01 -0.39 -12.01
CA ILE B 709 -28.58 -0.57 -12.17
C ILE B 709 -27.80 0.37 -11.24
N ARG B 710 -28.21 1.63 -11.18
CA ARG B 710 -27.55 2.62 -10.31
C ARG B 710 -27.76 2.31 -8.82
N LYS B 711 -28.87 1.70 -8.50
CA LYS B 711 -29.17 1.40 -7.10
C LYS B 711 -28.46 0.13 -6.57
N GLY B 712 -28.10 -0.79 -7.46
CA GLY B 712 -27.44 -2.00 -7.00
C GLY B 712 -28.10 -3.31 -7.40
N ILE B 713 -29.35 -3.30 -7.82
CA ILE B 713 -30.01 -4.56 -8.22
C ILE B 713 -31.32 -4.38 -9.02
N TYR B 714 -31.69 -5.40 -9.78
CA TYR B 714 -32.94 -5.39 -10.55
C TYR B 714 -33.15 -6.81 -11.02
N LYS B 715 -34.39 -7.19 -11.26
CA LYS B 715 -34.69 -8.55 -11.67
C LYS B 715 -34.52 -8.67 -13.18
N LEU B 716 -33.79 -9.69 -13.61
CA LEU B 716 -33.56 -9.94 -15.02
C LEU B 716 -34.74 -10.68 -15.64
N GLU B 717 -35.19 -11.71 -14.97
CA GLU B 717 -36.31 -12.51 -15.44
C GLU B 717 -36.77 -13.45 -14.33
N THR B 718 -37.92 -14.08 -14.56
CA THR B 718 -38.38 -15.07 -13.63
C THR B 718 -38.71 -16.22 -14.55
N ILE B 719 -38.26 -17.41 -14.18
CA ILE B 719 -38.53 -18.59 -14.97
C ILE B 719 -39.62 -19.34 -14.23
N GLU B 720 -40.56 -19.90 -14.97
CA GLU B 720 -41.67 -20.61 -14.37
C GLU B 720 -41.24 -21.97 -13.81
N GLY B 721 -42.04 -22.52 -12.91
CA GLY B 721 -41.72 -23.80 -12.30
C GLY B 721 -42.73 -24.13 -11.20
N SER B 722 -43.65 -25.04 -11.51
CA SER B 722 -44.69 -25.42 -10.55
C SER B 722 -44.22 -26.23 -9.36
N LYS B 723 -43.00 -26.73 -9.39
CA LYS B 723 -42.53 -27.53 -8.27
C LYS B 723 -41.84 -26.72 -7.17
N GLY B 724 -41.56 -25.44 -7.44
CA GLY B 724 -40.90 -24.62 -6.44
C GLY B 724 -40.34 -23.30 -6.95
N LYS B 725 -39.97 -22.43 -6.02
CA LYS B 725 -39.44 -21.15 -6.41
C LYS B 725 -38.31 -20.68 -5.49
N VAL B 726 -37.26 -20.13 -6.09
CA VAL B 726 -36.14 -19.60 -5.32
C VAL B 726 -35.68 -18.32 -6.02
N GLN B 727 -34.86 -17.53 -5.34
CA GLN B 727 -34.31 -16.32 -5.93
C GLN B 727 -32.82 -16.55 -6.10
N LEU B 728 -32.30 -16.10 -7.23
CA LEU B 728 -30.90 -16.30 -7.51
C LEU B 728 -30.26 -14.95 -7.83
N LEU B 729 -29.15 -14.66 -7.16
CA LEU B 729 -28.44 -13.41 -7.36
C LEU B 729 -27.00 -13.65 -7.78
N GLY B 730 -26.56 -12.83 -8.74
CA GLY B 730 -25.21 -12.90 -9.25
C GLY B 730 -24.68 -11.54 -9.66
N SER B 731 -23.37 -11.45 -9.79
CA SER B 731 -22.73 -10.22 -10.20
C SER B 731 -21.45 -10.55 -10.94
N GLY B 732 -20.80 -9.53 -11.46
CA GLY B 732 -19.58 -9.73 -12.20
C GLY B 732 -19.70 -10.85 -13.21
N SER B 733 -18.65 -11.63 -13.32
CA SER B 733 -18.59 -12.72 -14.27
C SER B 733 -19.41 -13.94 -13.88
N ILE B 734 -19.79 -14.02 -12.61
CA ILE B 734 -20.52 -15.18 -12.11
C ILE B 734 -22.05 -15.16 -12.38
N LEU B 735 -22.61 -13.99 -12.66
CA LEU B 735 -24.06 -13.91 -12.92
C LEU B 735 -24.51 -14.90 -14.00
N ARG B 736 -23.75 -14.98 -15.09
CA ARG B 736 -24.11 -15.90 -16.19
C ARG B 736 -24.17 -17.36 -15.72
N HIS B 737 -23.39 -17.68 -14.70
CA HIS B 737 -23.40 -19.03 -14.21
C HIS B 737 -24.58 -19.15 -13.24
N VAL B 738 -25.00 -18.04 -12.67
CA VAL B 738 -26.18 -18.06 -11.80
C VAL B 738 -27.40 -18.25 -12.71
N ARG B 739 -27.36 -17.66 -13.90
CA ARG B 739 -28.48 -17.79 -14.82
C ARG B 739 -28.54 -19.21 -15.36
N GLU B 740 -27.35 -19.77 -15.55
CA GLU B 740 -27.13 -21.12 -16.05
C GLU B 740 -27.75 -22.11 -15.06
N ALA B 741 -27.81 -21.67 -13.79
CA ALA B 741 -28.38 -22.46 -12.72
C ALA B 741 -29.90 -22.38 -12.81
N ALA B 742 -30.41 -21.15 -12.88
CA ALA B 742 -31.86 -20.91 -12.96
C ALA B 742 -32.52 -21.84 -13.98
N GLU B 743 -31.88 -21.91 -15.13
CA GLU B 743 -32.33 -22.73 -16.23
C GLU B 743 -32.30 -24.20 -15.81
N ILE B 744 -31.21 -24.62 -15.18
CA ILE B 744 -31.06 -25.99 -14.73
C ILE B 744 -32.16 -26.39 -13.75
N LEU B 745 -32.49 -25.52 -12.80
CA LEU B 745 -33.52 -25.82 -11.82
C LEU B 745 -34.88 -25.92 -12.50
N ALA B 746 -35.06 -25.15 -13.56
CA ALA B 746 -36.33 -25.15 -14.26
C ALA B 746 -36.58 -26.49 -14.96
N LYS B 747 -35.62 -26.86 -15.79
CA LYS B 747 -35.64 -28.06 -16.62
C LYS B 747 -35.42 -29.42 -15.96
N ASP B 748 -34.53 -29.48 -14.97
CA ASP B 748 -34.21 -30.74 -14.30
C ASP B 748 -35.04 -30.97 -13.04
N TYR B 749 -35.49 -29.90 -12.40
CA TYR B 749 -36.27 -30.07 -11.19
C TYR B 749 -37.56 -29.26 -11.16
N GLY B 750 -37.93 -28.64 -12.27
CA GLY B 750 -39.15 -27.88 -12.30
C GLY B 750 -39.26 -26.87 -11.18
N VAL B 751 -38.15 -26.23 -10.84
CA VAL B 751 -38.10 -25.20 -9.80
C VAL B 751 -37.93 -23.86 -10.51
N GLY B 752 -38.90 -22.96 -10.35
CA GLY B 752 -38.80 -21.66 -11.01
C GLY B 752 -37.97 -20.69 -10.19
N SER B 753 -37.59 -19.56 -10.79
CA SER B 753 -36.79 -18.60 -10.03
C SER B 753 -36.96 -17.18 -10.49
N ASP B 754 -36.39 -16.28 -9.69
CA ASP B 754 -36.35 -14.89 -10.01
C ASP B 754 -34.85 -14.71 -10.10
N VAL B 755 -34.38 -14.24 -11.25
CA VAL B 755 -32.96 -14.03 -11.44
C VAL B 755 -32.68 -12.54 -11.28
N TYR B 756 -31.74 -12.20 -10.38
CA TYR B 756 -31.38 -10.81 -10.09
C TYR B 756 -29.94 -10.47 -10.47
N SER B 757 -29.73 -9.32 -11.09
CA SER B 757 -28.39 -8.90 -11.44
C SER B 757 -28.04 -7.96 -10.32
N VAL B 758 -26.94 -8.20 -9.61
CA VAL B 758 -26.57 -7.31 -8.54
C VAL B 758 -25.38 -6.50 -8.99
N THR B 759 -25.62 -5.27 -9.43
CA THR B 759 -24.51 -4.46 -9.88
C THR B 759 -23.71 -3.93 -8.70
N SER B 760 -24.34 -3.77 -7.55
CA SER B 760 -23.62 -3.26 -6.38
C SER B 760 -24.19 -3.68 -5.02
N PHE B 761 -23.64 -4.76 -4.49
CA PHE B 761 -24.02 -5.28 -3.18
C PHE B 761 -23.68 -4.23 -2.11
N THR B 762 -22.58 -3.49 -2.32
CA THR B 762 -22.13 -2.47 -1.36
C THR B 762 -23.11 -1.32 -1.19
N GLU B 763 -23.54 -0.75 -2.30
CA GLU B 763 -24.51 0.34 -2.22
C GLU B 763 -25.82 -0.13 -1.56
N LEU B 764 -26.28 -1.34 -1.90
CA LEU B 764 -27.50 -1.89 -1.33
C LEU B 764 -27.37 -2.01 0.19
N ALA B 765 -26.19 -2.39 0.64
CA ALA B 765 -25.90 -2.58 2.06
C ALA B 765 -25.93 -1.24 2.76
N ARG B 766 -25.24 -0.24 2.19
CA ARG B 766 -25.23 1.12 2.76
C ARG B 766 -26.65 1.68 2.78
N ASP B 767 -27.44 1.38 1.76
CA ASP B 767 -28.83 1.84 1.73
C ASP B 767 -29.57 1.12 2.85
N GLY B 768 -29.40 -0.20 2.89
CA GLY B 768 -30.01 -1.01 3.94
C GLY B 768 -29.68 -0.40 5.30
N GLN B 769 -28.40 -0.12 5.52
CA GLN B 769 -27.95 0.50 6.78
C GLN B 769 -28.59 1.89 7.03
N ASP B 770 -28.76 2.69 5.98
CA ASP B 770 -29.38 4.01 6.11
C ASP B 770 -30.86 3.92 6.48
N CYS B 771 -31.55 2.91 5.97
CA CYS B 771 -32.95 2.74 6.30
C CYS B 771 -33.10 2.34 7.78
N GLU B 772 -32.31 1.39 8.26
CA GLU B 772 -32.40 0.96 9.65
C GLU B 772 -31.91 1.98 10.67
N ARG B 773 -30.92 2.77 10.28
CA ARG B 773 -30.39 3.80 11.16
C ARG B 773 -31.53 4.80 11.39
N TRP B 774 -32.18 5.19 10.30
CA TRP B 774 -33.29 6.14 10.33
C TRP B 774 -34.50 5.58 11.08
N ASN B 775 -34.88 4.35 10.72
CA ASN B 775 -36.02 3.71 11.31
C ASN B 775 -35.88 3.56 12.82
N MET B 776 -34.67 3.21 13.26
CA MET B 776 -34.37 3.05 14.68
C MET B 776 -34.48 4.38 15.46
N LEU B 777 -34.16 5.49 14.79
CA LEU B 777 -34.20 6.80 15.41
C LEU B 777 -35.56 7.48 15.23
N HIS B 778 -36.42 6.85 14.44
CA HIS B 778 -37.75 7.40 14.17
C HIS B 778 -38.80 6.33 14.38
N PRO B 779 -38.80 5.71 15.56
CA PRO B 779 -39.73 4.64 15.94
C PRO B 779 -41.22 4.81 15.60
N LEU B 780 -41.75 6.01 15.72
CA LEU B 780 -43.17 6.21 15.44
C LEU B 780 -43.50 6.55 14.01
N GLU B 781 -42.48 6.98 13.28
CA GLU B 781 -42.66 7.38 11.90
C GLU B 781 -42.69 6.22 10.92
N THR B 782 -43.16 6.52 9.71
CA THR B 782 -43.27 5.49 8.68
C THR B 782 -41.92 5.02 8.16
N PRO B 783 -41.57 3.76 8.44
CA PRO B 783 -40.34 3.06 8.05
C PRO B 783 -39.82 3.21 6.62
N ARG B 784 -38.52 2.98 6.44
CA ARG B 784 -37.88 3.07 5.12
C ARG B 784 -37.44 1.67 4.70
N VAL B 785 -38.04 1.13 3.66
CA VAL B 785 -37.63 -0.21 3.25
C VAL B 785 -36.42 -0.17 2.31
N PRO B 786 -35.36 -0.89 2.68
CA PRO B 786 -34.11 -1.01 1.91
C PRO B 786 -34.43 -1.36 0.48
N TYR B 787 -33.86 -0.59 -0.46
CA TYR B 787 -34.09 -0.83 -1.87
C TYR B 787 -34.10 -2.34 -2.19
N ILE B 788 -33.11 -3.08 -1.70
CA ILE B 788 -33.09 -4.51 -1.97
C ILE B 788 -34.34 -5.28 -1.52
N ALA B 789 -35.04 -4.78 -0.50
CA ALA B 789 -36.24 -5.46 -0.04
C ALA B 789 -37.44 -5.08 -0.87
N GLN B 790 -37.31 -4.04 -1.69
CA GLN B 790 -38.38 -3.57 -2.58
C GLN B 790 -38.22 -4.26 -3.92
N VAL B 791 -37.19 -5.10 -4.04
CA VAL B 791 -36.92 -5.81 -5.28
C VAL B 791 -36.99 -7.30 -5.06
N MET B 792 -36.64 -7.75 -3.85
CA MET B 792 -36.70 -9.18 -3.55
C MET B 792 -37.99 -9.57 -2.82
N ASN B 793 -38.41 -10.82 -2.99
CA ASN B 793 -39.60 -11.33 -2.32
C ASN B 793 -39.05 -12.24 -1.23
N ASP B 794 -39.88 -13.07 -0.62
CA ASP B 794 -39.39 -13.91 0.46
C ASP B 794 -39.04 -15.34 0.13
N ALA B 795 -39.14 -15.74 -1.14
CA ALA B 795 -38.77 -17.10 -1.45
C ALA B 795 -37.29 -17.25 -1.09
N PRO B 796 -36.83 -18.47 -0.80
CA PRO B 796 -35.43 -18.70 -0.43
C PRO B 796 -34.44 -18.32 -1.51
N ALA B 797 -33.37 -17.65 -1.10
CA ALA B 797 -32.37 -17.15 -2.01
C ALA B 797 -30.95 -17.71 -1.89
N VAL B 798 -30.22 -17.58 -2.99
CA VAL B 798 -28.85 -18.04 -3.09
C VAL B 798 -28.21 -16.95 -3.90
N ALA B 799 -26.98 -16.62 -3.58
CA ALA B 799 -26.29 -15.59 -4.35
C ALA B 799 -24.87 -16.06 -4.50
N SER B 800 -24.26 -15.76 -5.64
CA SER B 800 -22.86 -16.13 -5.87
C SER B 800 -22.12 -15.05 -6.63
N THR B 801 -20.91 -14.72 -6.18
CA THR B 801 -20.10 -13.74 -6.89
C THR B 801 -18.63 -14.27 -6.99
N ASP B 802 -17.79 -13.57 -7.75
CA ASP B 802 -16.41 -14.03 -7.93
C ASP B 802 -15.55 -13.42 -6.82
N TYR B 803 -16.23 -12.91 -5.79
CA TYR B 803 -15.59 -12.29 -4.62
C TYR B 803 -16.00 -13.06 -3.39
N MET B 804 -15.26 -12.87 -2.29
CA MET B 804 -15.58 -13.57 -1.05
C MET B 804 -17.04 -13.39 -0.61
N LYS B 805 -17.57 -14.39 0.09
CA LYS B 805 -18.97 -14.37 0.56
C LYS B 805 -19.43 -13.08 1.24
N LEU B 806 -18.55 -12.43 1.97
CA LEU B 806 -18.95 -11.23 2.66
C LEU B 806 -19.44 -10.21 1.66
N PHE B 807 -18.91 -10.26 0.43
CA PHE B 807 -19.34 -9.30 -0.57
C PHE B 807 -20.85 -9.42 -0.79
N ALA B 808 -21.36 -10.65 -0.86
CA ALA B 808 -22.81 -10.83 -1.05
C ALA B 808 -23.54 -10.90 0.29
N GLU B 809 -22.87 -11.37 1.35
CA GLU B 809 -23.50 -11.47 2.66
C GLU B 809 -23.82 -10.13 3.31
N GLN B 810 -23.05 -9.10 2.98
CA GLN B 810 -23.26 -7.81 3.57
C GLN B 810 -24.70 -7.31 3.50
N VAL B 811 -25.54 -7.88 2.62
CA VAL B 811 -26.95 -7.43 2.51
C VAL B 811 -27.97 -8.35 3.22
N ARG B 812 -27.49 -9.36 3.95
CA ARG B 812 -28.35 -10.33 4.66
C ARG B 812 -29.52 -9.70 5.45
N THR B 813 -29.19 -8.78 6.33
CA THR B 813 -30.16 -8.10 7.17
C THR B 813 -31.36 -7.54 6.42
N TYR B 814 -31.08 -6.99 5.23
CA TYR B 814 -32.11 -6.39 4.42
C TYR B 814 -32.84 -7.32 3.46
N VAL B 815 -32.36 -8.54 3.29
CA VAL B 815 -33.05 -9.47 2.38
C VAL B 815 -34.29 -10.01 3.09
N PRO B 816 -35.47 -9.82 2.48
CA PRO B 816 -36.77 -10.26 3.00
C PRO B 816 -37.12 -11.73 2.92
N ALA B 817 -36.14 -12.61 2.86
CA ALA B 817 -36.43 -14.03 2.76
C ALA B 817 -35.78 -14.79 3.89
N ASP B 818 -36.49 -15.82 4.36
CA ASP B 818 -36.05 -16.66 5.46
C ASP B 818 -34.66 -17.24 5.28
N ASP B 819 -34.38 -17.69 4.07
CA ASP B 819 -33.12 -18.31 3.79
C ASP B 819 -32.35 -17.54 2.74
N TYR B 820 -31.09 -17.28 3.06
CA TYR B 820 -30.23 -16.56 2.15
C TYR B 820 -28.85 -17.22 2.15
N ARG B 821 -28.56 -18.01 1.13
CA ARG B 821 -27.26 -18.68 1.03
C ARG B 821 -26.34 -17.91 0.09
N VAL B 822 -25.07 -17.87 0.47
CA VAL B 822 -24.09 -17.15 -0.30
C VAL B 822 -22.87 -17.98 -0.65
N LEU B 823 -22.56 -18.00 -1.92
CA LEU B 823 -21.41 -18.73 -2.40
C LEU B 823 -20.36 -17.65 -2.65
N GLY B 824 -19.09 -17.99 -2.46
CA GLY B 824 -18.01 -17.04 -2.67
C GLY B 824 -16.63 -17.62 -2.94
N THR B 825 -15.69 -16.75 -3.22
CA THR B 825 -14.34 -17.21 -3.51
C THR B 825 -13.30 -17.03 -2.40
N ASP B 826 -13.73 -17.18 -1.15
CA ASP B 826 -12.78 -17.09 -0.03
C ASP B 826 -11.64 -18.02 -0.33
N GLY B 827 -10.45 -17.68 0.14
CA GLY B 827 -9.33 -18.56 -0.08
C GLY B 827 -8.36 -17.99 -1.09
N PHE B 828 -7.09 -18.34 -0.92
CA PHE B 828 -6.06 -17.88 -1.83
C PHE B 828 -6.36 -18.40 -3.21
N GLY B 829 -6.02 -17.60 -4.21
CA GLY B 829 -6.25 -17.99 -5.59
C GLY B 829 -5.15 -18.89 -6.13
N ARG B 830 -5.47 -19.57 -7.22
CA ARG B 830 -4.52 -20.47 -7.85
C ARG B 830 -4.79 -20.52 -9.34
N SER B 831 -3.80 -21.02 -10.07
CA SER B 831 -3.85 -21.13 -11.53
C SER B 831 -4.61 -22.37 -12.01
N ASP B 832 -5.45 -22.13 -13.01
CA ASP B 832 -6.24 -23.17 -13.66
C ASP B 832 -7.16 -22.54 -14.67
N SER B 833 -7.97 -23.39 -15.29
CA SER B 833 -8.95 -22.96 -16.26
C SER B 833 -10.01 -22.26 -15.43
N ARG B 834 -10.81 -21.41 -16.07
CA ARG B 834 -11.88 -20.72 -15.36
C ARG B 834 -12.80 -21.79 -14.81
N GLU B 835 -13.11 -22.78 -15.64
CA GLU B 835 -14.01 -23.85 -15.22
C GLU B 835 -13.56 -24.52 -13.94
N ASN B 836 -12.29 -24.91 -13.92
CA ASN B 836 -11.71 -25.57 -12.76
C ASN B 836 -11.70 -24.72 -11.50
N LEU B 837 -11.46 -23.41 -11.64
CA LEU B 837 -11.45 -22.52 -10.46
C LEU B 837 -12.87 -22.28 -9.93
N ARG B 838 -13.83 -22.12 -10.83
CA ARG B 838 -15.17 -21.87 -10.38
C ARG B 838 -15.79 -23.07 -9.66
N HIS B 839 -15.22 -24.26 -9.88
CA HIS B 839 -15.72 -25.45 -9.20
C HIS B 839 -14.95 -25.56 -7.89
N HIS B 840 -13.64 -25.29 -7.95
CA HIS B 840 -12.80 -25.30 -6.76
C HIS B 840 -13.35 -24.31 -5.73
N PHE B 841 -13.74 -23.12 -6.18
CA PHE B 841 -14.28 -22.06 -5.30
C PHE B 841 -15.80 -22.17 -5.04
N GLU B 842 -16.34 -23.35 -5.37
CA GLU B 842 -17.74 -23.67 -5.14
C GLU B 842 -18.68 -22.54 -5.46
N VAL B 843 -18.55 -22.05 -6.69
CA VAL B 843 -19.31 -20.90 -7.15
C VAL B 843 -20.10 -21.03 -8.47
N ASP B 844 -19.87 -22.09 -9.24
CA ASP B 844 -20.53 -22.29 -10.53
C ASP B 844 -21.99 -22.77 -10.46
N ALA B 845 -22.62 -22.96 -11.61
CA ALA B 845 -24.02 -23.40 -11.68
C ALA B 845 -24.25 -24.57 -10.76
N SER B 846 -23.35 -25.54 -10.88
CA SER B 846 -23.34 -26.77 -10.11
C SER B 846 -23.67 -26.51 -8.63
N TYR B 847 -22.96 -25.56 -8.02
CA TYR B 847 -23.16 -25.23 -6.61
C TYR B 847 -24.38 -24.38 -6.28
N VAL B 848 -24.77 -23.57 -7.24
CA VAL B 848 -25.93 -22.72 -7.06
C VAL B 848 -27.21 -23.59 -6.97
N VAL B 849 -27.27 -24.66 -7.78
CA VAL B 849 -28.41 -25.57 -7.82
C VAL B 849 -28.52 -26.38 -6.54
N VAL B 850 -27.37 -26.89 -6.08
CA VAL B 850 -27.30 -27.66 -4.85
C VAL B 850 -27.82 -26.75 -3.75
N ALA B 851 -27.25 -25.55 -3.67
CA ALA B 851 -27.67 -24.60 -2.67
C ALA B 851 -29.19 -24.34 -2.76
N ALA B 852 -29.67 -24.08 -3.98
CA ALA B 852 -31.07 -23.80 -4.16
C ALA B 852 -31.89 -25.01 -3.70
N LEU B 853 -31.51 -26.19 -4.18
CA LEU B 853 -32.22 -27.40 -3.80
C LEU B 853 -32.15 -27.62 -2.31
N GLY B 854 -30.96 -27.43 -1.75
CA GLY B 854 -30.78 -27.61 -0.32
C GLY B 854 -31.77 -26.78 0.49
N GLU B 855 -32.06 -25.57 0.03
CA GLU B 855 -33.02 -24.70 0.73
C GLU B 855 -34.44 -25.25 0.55
N LEU B 856 -34.74 -25.81 -0.62
CA LEU B 856 -36.08 -26.34 -0.80
C LEU B 856 -36.23 -27.48 0.19
N ALA B 857 -35.26 -28.38 0.19
CA ALA B 857 -35.22 -29.54 1.07
C ALA B 857 -35.41 -29.23 2.54
N LYS B 858 -34.66 -28.26 3.06
CA LYS B 858 -34.76 -27.91 4.48
C LYS B 858 -36.16 -27.42 4.87
N ARG B 859 -37.05 -27.34 3.90
CA ARG B 859 -38.42 -26.89 4.14
C ARG B 859 -39.46 -27.82 3.51
N GLY B 860 -39.17 -29.11 3.56
CA GLY B 860 -40.07 -30.13 3.04
C GLY B 860 -40.62 -29.98 1.64
N GLU B 861 -40.15 -29.00 0.89
CA GLU B 861 -40.65 -28.81 -0.47
C GLU B 861 -40.08 -29.87 -1.43
N ILE B 862 -39.02 -30.55 -1.02
CA ILE B 862 -38.41 -31.58 -1.86
C ILE B 862 -37.60 -32.52 -0.97
N ASP B 863 -37.38 -33.76 -1.42
CA ASP B 863 -36.61 -34.68 -0.62
C ASP B 863 -35.12 -34.46 -0.67
N LYS B 864 -34.53 -34.32 0.52
CA LYS B 864 -33.12 -34.09 0.71
C LYS B 864 -32.27 -34.95 -0.24
N LYS B 865 -32.74 -36.16 -0.53
CA LYS B 865 -32.00 -37.05 -1.43
C LYS B 865 -31.79 -36.41 -2.80
N VAL B 866 -32.72 -35.53 -3.16
CA VAL B 866 -32.67 -34.82 -4.44
C VAL B 866 -31.45 -33.93 -4.41
N VAL B 867 -31.19 -33.35 -3.24
CA VAL B 867 -30.04 -32.50 -3.10
C VAL B 867 -28.81 -33.39 -3.17
N ALA B 868 -28.88 -34.53 -2.51
CA ALA B 868 -27.77 -35.50 -2.52
C ALA B 868 -27.54 -36.01 -3.93
N ASP B 869 -28.61 -36.42 -4.62
CA ASP B 869 -28.46 -36.96 -5.98
C ASP B 869 -27.87 -35.85 -6.85
N ALA B 870 -28.21 -34.61 -6.52
CA ALA B 870 -27.72 -33.45 -7.23
C ALA B 870 -26.23 -33.32 -7.02
N ILE B 871 -25.79 -33.26 -5.78
CA ILE B 871 -24.35 -33.15 -5.53
C ILE B 871 -23.60 -34.25 -6.30
N ALA B 872 -24.25 -35.42 -6.39
CA ALA B 872 -23.68 -36.55 -7.08
C ALA B 872 -23.61 -36.33 -8.59
N LYS B 873 -24.71 -35.88 -9.18
CA LYS B 873 -24.72 -35.67 -10.62
C LYS B 873 -23.69 -34.65 -11.13
N PHE B 874 -23.47 -33.56 -10.39
CA PHE B 874 -22.53 -32.51 -10.83
C PHE B 874 -21.07 -32.70 -10.51
N ASN B 875 -20.67 -33.89 -10.10
CA ASN B 875 -19.25 -34.11 -9.79
C ASN B 875 -18.76 -33.18 -8.66
N ILE B 876 -19.61 -32.95 -7.68
CA ILE B 876 -19.27 -32.09 -6.54
C ILE B 876 -18.72 -32.90 -5.36
N ASP B 877 -17.44 -32.72 -5.08
CA ASP B 877 -16.78 -33.42 -3.96
C ASP B 877 -17.14 -32.69 -2.64
N ALA B 878 -18.15 -33.20 -1.95
CA ALA B 878 -18.63 -32.60 -0.71
C ALA B 878 -17.66 -32.61 0.45
N ASP B 879 -16.54 -33.32 0.30
CA ASP B 879 -15.61 -33.34 1.41
C ASP B 879 -14.23 -32.78 1.12
N LYS B 880 -14.07 -32.07 0.01
CA LYS B 880 -12.77 -31.46 -0.25
C LYS B 880 -12.59 -30.38 0.80
N VAL B 881 -11.37 -29.90 0.98
CA VAL B 881 -11.15 -28.87 1.98
C VAL B 881 -11.75 -27.54 1.59
N ASN B 882 -12.25 -26.83 2.59
CA ASN B 882 -12.82 -25.51 2.42
C ASN B 882 -11.84 -24.66 1.60
N PRO B 883 -12.32 -24.00 0.55
CA PRO B 883 -11.41 -23.18 -0.26
C PRO B 883 -10.60 -22.17 0.57
N ARG B 884 -11.14 -21.70 1.69
CA ARG B 884 -10.41 -20.72 2.51
C ARG B 884 -9.10 -21.27 3.07
N LEU B 885 -9.09 -22.57 3.34
CA LEU B 885 -7.94 -23.25 3.92
C LEU B 885 -6.96 -23.83 2.91
N ALA B 886 -7.40 -23.95 1.66
CA ALA B 886 -6.56 -24.55 0.61
C ALA B 886 -5.26 -23.81 0.31
#